data_5SDC
#
_entry.id   5SDC
#
_cell.length_a   101.852
_cell.length_b   116.964
_cell.length_c   148.464
_cell.angle_alpha   90.000
_cell.angle_beta   90.000
_cell.angle_gamma   90.000
#
_symmetry.space_group_name_H-M   'P 21 21 21'
#
loop_
_entity.id
_entity.type
_entity.pdbx_description
1 polymer 'Asp/Glu-specific dipeptidyl-peptidase'
2 non-polymer 3-[(4-methylpiperidin-1-yl)methyl]-1H-indole
3 non-polymer 'CHLORIDE ION'
4 water water
#
_entity_poly.entity_id   1
_entity_poly.type   'polypeptide(L)'
_entity_poly.pdbx_seq_one_letter_code
;MDEGMWLMQQLGRKYAQMKERGLKMKEYDLYNPNGTSLKDAVVLFDGGCTGEVVSDRGLVLTNHHCGYDMIQAHSTLEHN
YLENGFWAMREADELPNKDISVVFIDKIEDVTDYVKKELKAIKDPNSMDYLSPKYLQKLADKKAGKNFSAKNPGLSVEIK
AFYGGNLYLMFTKKTYTDVRLVGAPPSSIGKFGADTDNWIWPRHTGDFSIFRIYADKNGNPAPYSEDNVPLKPKRFFNIS
LGGVQENDYAMIMGFPGTTHRYFTASEVDEWKSIDNDIRIRMRDIRQGVMLREMLADPQIKIMYSAKYAASQNAYKRAIG
ANWAIKTRGLRQNKQAMQDRLIAWGAKQGTPRYEEAVHEIDATVAKRADLRRRYWMIEEGIIRGIEFARSPIPTEDETKA
LQGNDASARKEAIDKIRTRYSKFANKDYSAEVDKKVAVAMLTEYLKEIPYENLPLHLRLVKDRFAGDVQAYVDDIFARSV
FGSEAQFDAFAAVPSVEKLAEDPMVLFASSVFDEYRKLYNELRPYDDPILRAQRTYIAGLLEMDGDQDQFPDANLTLRFT
YGQVKGYSPRDNVYYGHQTTLDGVMEKEDPDNWEFVVDPKLKAVYERKDFGRYADRSGRMPVAFCATTHTTGGNSGSPVM
NANGELIGLNFDRNWEGVGGDIQYLADYQRSIIVDIRYVLLVIDKVGGCQRLLDEMNIVPAHHHHHH
;
_entity_poly.pdbx_strand_id   A,B
#
loop_
_chem_comp.id
_chem_comp.type
_chem_comp.name
_chem_comp.formula
CL non-polymer 'CHLORIDE ION' 'Cl -1'
LDV non-polymer 3-[(4-methylpiperidin-1-yl)methyl]-1H-indole 'C15 H20 N2'
#
# COMPACT_ATOMS: atom_id res chain seq x y z
N ASP A 2 14.54 -23.23 -12.65
CA ASP A 2 14.20 -24.51 -12.06
C ASP A 2 13.04 -25.17 -12.82
N GLU A 3 11.76 -24.80 -12.53
CA GLU A 3 10.60 -25.34 -13.27
C GLU A 3 10.57 -24.45 -14.48
N GLY A 4 10.98 -24.97 -15.62
CA GLY A 4 11.33 -24.15 -16.75
C GLY A 4 10.55 -23.80 -17.99
N MET A 5 11.35 -23.36 -18.95
CA MET A 5 10.94 -22.89 -20.26
C MET A 5 11.58 -23.88 -21.21
N TRP A 6 10.88 -24.97 -21.39
CA TRP A 6 11.36 -26.12 -22.13
C TRP A 6 11.27 -26.00 -23.62
N LEU A 7 12.27 -26.54 -24.29
CA LEU A 7 12.27 -26.64 -25.76
C LEU A 7 11.16 -27.61 -26.18
N MET A 8 10.61 -27.44 -27.38
CA MET A 8 9.58 -28.35 -27.89
C MET A 8 10.08 -29.80 -27.94
N GLN A 9 11.36 -29.98 -28.28
CA GLN A 9 12.09 -31.25 -28.34
C GLN A 9 12.12 -31.97 -26.99
N GLN A 10 12.11 -31.21 -25.90
CA GLN A 10 12.13 -31.76 -24.55
C GLN A 10 10.77 -32.28 -24.06
N LEU A 11 9.70 -32.12 -24.86
CA LEU A 11 8.38 -32.61 -24.47
C LEU A 11 8.37 -34.13 -24.21
N GLY A 12 9.04 -34.92 -25.05
CA GLY A 12 9.12 -36.37 -24.88
C GLY A 12 9.66 -36.81 -23.53
N ARG A 13 10.78 -36.22 -23.07
CA ARG A 13 11.36 -36.58 -21.77
C ARG A 13 10.63 -35.94 -20.57
N LYS A 14 9.75 -34.94 -20.81
CA LYS A 14 8.99 -34.30 -19.74
C LYS A 14 7.53 -34.84 -19.64
N TYR A 15 7.03 -35.48 -20.71
CA TYR A 15 5.66 -35.96 -20.86
C TYR A 15 5.13 -36.74 -19.67
N ALA A 16 5.89 -37.75 -19.18
CA ALA A 16 5.49 -38.56 -18.02
C ALA A 16 5.32 -37.72 -16.77
N GLN A 17 6.20 -36.72 -16.55
CA GLN A 17 6.06 -35.83 -15.40
C GLN A 17 4.80 -34.96 -15.55
N MET A 18 4.53 -34.48 -16.77
CA MET A 18 3.35 -33.66 -17.03
C MET A 18 2.07 -34.46 -16.84
N LYS A 19 2.04 -35.73 -17.31
CA LYS A 19 0.88 -36.62 -17.11
C LYS A 19 0.67 -36.89 -15.62
N GLU A 20 1.75 -37.14 -14.87
CA GLU A 20 1.68 -37.33 -13.42
C GLU A 20 1.12 -36.07 -12.73
N ARG A 21 1.39 -34.88 -13.31
CA ARG A 21 0.91 -33.61 -12.78
C ARG A 21 -0.51 -33.20 -13.26
N GLY A 22 -1.13 -34.02 -14.11
CA GLY A 22 -2.49 -33.76 -14.56
C GLY A 22 -2.74 -33.71 -16.04
N LEU A 23 -1.70 -33.66 -16.88
CA LEU A 23 -1.89 -33.61 -18.34
C LEU A 23 -2.64 -34.86 -18.84
N LYS A 24 -3.66 -34.66 -19.68
CA LYS A 24 -4.50 -35.73 -20.22
C LYS A 24 -4.35 -35.92 -21.73
N MET A 25 -3.91 -34.88 -22.45
CA MET A 25 -3.81 -34.98 -23.90
C MET A 25 -2.61 -35.83 -24.34
N LYS A 26 -2.69 -36.40 -25.56
CA LYS A 26 -1.61 -37.21 -26.11
C LYS A 26 -0.44 -36.28 -26.48
N GLU A 27 0.80 -36.76 -26.29
CA GLU A 27 2.03 -35.98 -26.52
C GLU A 27 2.05 -35.29 -27.88
N TYR A 28 1.83 -36.06 -28.96
CA TYR A 28 1.88 -35.57 -30.32
C TYR A 28 0.70 -34.67 -30.70
N ASP A 29 -0.36 -34.64 -29.89
CA ASP A 29 -1.45 -33.68 -30.12
C ASP A 29 -1.01 -32.29 -29.61
N LEU A 30 -0.08 -32.23 -28.64
CA LEU A 30 0.47 -30.97 -28.12
C LEU A 30 1.63 -30.50 -29.02
N TYR A 31 2.56 -31.42 -29.34
CA TYR A 31 3.68 -31.13 -30.22
C TYR A 31 4.14 -32.38 -30.98
N ASN A 32 4.16 -32.27 -32.30
CA ASN A 32 4.61 -33.35 -33.16
C ASN A 32 5.55 -32.72 -34.17
N PRO A 33 6.81 -33.18 -34.27
CA PRO A 33 7.71 -32.60 -35.28
C PRO A 33 7.32 -32.95 -36.74
N ASN A 34 6.50 -33.98 -36.95
CA ASN A 34 6.11 -34.45 -38.29
C ASN A 34 4.58 -34.42 -38.55
N GLY A 35 3.91 -33.40 -38.04
CA GLY A 35 2.46 -33.31 -38.23
C GLY A 35 1.79 -32.25 -37.41
N THR A 36 0.54 -31.96 -37.76
CA THR A 36 -0.27 -30.95 -37.08
C THR A 36 -0.41 -31.25 -35.58
N SER A 37 -0.15 -30.25 -34.75
CA SER A 37 -0.26 -30.32 -33.30
C SER A 37 -0.71 -28.94 -32.77
N LEU A 38 -0.97 -28.84 -31.47
CA LEU A 38 -1.41 -27.59 -30.84
C LEU A 38 -0.36 -26.48 -30.98
N LYS A 39 0.93 -26.83 -31.12
CA LYS A 39 2.03 -25.90 -31.36
C LYS A 39 1.74 -25.04 -32.61
N ASP A 40 1.05 -25.62 -33.61
CA ASP A 40 0.72 -24.90 -34.84
C ASP A 40 -0.31 -23.78 -34.65
N ALA A 41 -1.01 -23.75 -33.53
CA ALA A 41 -1.96 -22.68 -33.25
C ALA A 41 -1.31 -21.50 -32.48
N VAL A 42 0.01 -21.56 -32.22
CA VAL A 42 0.73 -20.53 -31.47
C VAL A 42 1.48 -19.62 -32.44
N VAL A 43 1.43 -18.29 -32.23
CA VAL A 43 2.14 -17.34 -33.08
C VAL A 43 2.98 -16.35 -32.27
N LEU A 44 4.02 -15.82 -32.89
CA LEU A 44 4.79 -14.71 -32.37
C LEU A 44 4.06 -13.51 -33.00
N PHE A 45 3.39 -12.73 -32.17
CA PHE A 45 2.60 -11.59 -32.55
C PHE A 45 3.44 -10.32 -32.50
N ASP A 46 3.55 -9.65 -33.65
CA ASP A 46 4.24 -8.37 -33.77
C ASP A 46 5.67 -8.36 -33.20
N GLY A 47 6.41 -9.43 -33.47
CA GLY A 47 7.80 -9.58 -33.08
C GLY A 47 8.22 -9.61 -31.62
N GLY A 48 7.27 -9.71 -30.70
CA GLY A 48 7.60 -9.76 -29.28
C GLY A 48 6.59 -10.51 -28.45
N CYS A 49 5.33 -10.22 -28.69
CA CYS A 49 4.23 -10.85 -27.96
C CYS A 49 3.98 -12.25 -28.50
N THR A 50 3.16 -13.01 -27.79
CA THR A 50 2.66 -14.29 -28.24
C THR A 50 1.16 -14.07 -28.54
N GLY A 51 0.65 -14.91 -29.41
CA GLY A 51 -0.77 -14.94 -29.74
C GLY A 51 -1.22 -16.36 -30.00
N GLU A 52 -2.52 -16.54 -30.23
CA GLU A 52 -3.05 -17.88 -30.53
C GLU A 52 -4.22 -17.83 -31.44
N VAL A 53 -4.27 -18.78 -32.37
CA VAL A 53 -5.35 -18.93 -33.34
C VAL A 53 -6.47 -19.68 -32.63
N VAL A 54 -7.66 -19.08 -32.60
CA VAL A 54 -8.82 -19.61 -31.89
C VAL A 54 -10.04 -19.88 -32.79
N SER A 55 -9.85 -19.95 -34.10
CA SER A 55 -10.94 -20.30 -35.02
C SER A 55 -10.43 -20.85 -36.35
N ASP A 56 -11.31 -21.54 -37.12
CA ASP A 56 -10.99 -22.03 -38.45
C ASP A 56 -10.94 -20.90 -39.50
N ARG A 57 -11.20 -19.65 -39.09
CA ARG A 57 -11.11 -18.48 -39.94
C ARG A 57 -9.98 -17.54 -39.48
N GLY A 58 -8.95 -18.08 -38.83
CA GLY A 58 -7.76 -17.31 -38.45
C GLY A 58 -7.89 -16.22 -37.41
N LEU A 59 -8.89 -16.33 -36.53
CA LEU A 59 -9.06 -15.36 -35.46
C LEU A 59 -7.90 -15.55 -34.46
N VAL A 60 -7.30 -14.46 -33.99
CA VAL A 60 -6.16 -14.52 -33.07
C VAL A 60 -6.43 -13.72 -31.80
N LEU A 61 -6.12 -14.31 -30.64
CA LEU A 61 -6.20 -13.59 -29.38
C LEU A 61 -4.78 -13.28 -28.91
N THR A 62 -4.60 -12.11 -28.34
CA THR A 62 -3.35 -11.67 -27.72
C THR A 62 -3.72 -10.68 -26.58
N ASN A 63 -2.75 -10.04 -25.92
CA ASN A 63 -3.06 -9.06 -24.88
C ASN A 63 -3.50 -7.73 -25.49
N HIS A 64 -4.12 -6.89 -24.64
CA HIS A 64 -4.53 -5.55 -24.99
C HIS A 64 -3.26 -4.74 -25.13
N HIS A 65 -2.27 -4.90 -24.22
CA HIS A 65 -1.01 -4.16 -24.35
C HIS A 65 -0.20 -4.56 -25.58
N CYS A 66 -0.46 -5.75 -26.16
CA CYS A 66 0.17 -6.24 -27.39
C CYS A 66 -0.47 -5.59 -28.63
N GLY A 67 -1.78 -5.39 -28.59
CA GLY A 67 -2.49 -4.77 -29.69
C GLY A 67 -2.75 -3.28 -29.51
N TYR A 68 -2.23 -2.67 -28.42
CA TYR A 68 -2.38 -1.27 -28.04
C TYR A 68 -2.01 -0.29 -29.18
N ASP A 69 -0.81 -0.44 -29.79
CA ASP A 69 -0.39 0.45 -30.87
C ASP A 69 -1.36 0.41 -32.05
N MET A 70 -1.85 -0.78 -32.42
CA MET A 70 -2.79 -0.88 -33.54
C MET A 70 -4.14 -0.23 -33.20
N ILE A 71 -4.60 -0.38 -31.94
CA ILE A 71 -5.87 0.23 -31.50
C ILE A 71 -5.76 1.75 -31.52
N GLN A 72 -4.62 2.28 -31.04
CA GLN A 72 -4.32 3.72 -31.00
C GLN A 72 -4.17 4.32 -32.42
N ALA A 73 -3.55 3.59 -33.36
CA ALA A 73 -3.36 4.04 -34.73
C ALA A 73 -4.69 4.16 -35.50
N HIS A 74 -5.67 3.33 -35.13
CA HIS A 74 -6.98 3.38 -35.75
C HIS A 74 -7.97 4.29 -34.99
N SER A 75 -7.56 4.87 -33.86
CA SER A 75 -8.40 5.75 -33.06
C SER A 75 -8.28 7.20 -33.51
N THR A 76 -9.41 7.89 -33.51
CA THR A 76 -9.53 9.32 -33.84
C THR A 76 -10.37 10.00 -32.72
N LEU A 77 -10.50 11.35 -32.74
CA LEU A 77 -11.34 12.03 -31.76
C LEU A 77 -12.83 11.67 -31.98
N GLU A 78 -13.23 11.32 -33.22
CA GLU A 78 -14.59 10.91 -33.55
C GLU A 78 -14.86 9.47 -33.11
N HIS A 79 -13.96 8.54 -33.45
CA HIS A 79 -14.10 7.15 -33.04
C HIS A 79 -12.89 6.71 -32.20
N ASN A 80 -12.90 7.04 -30.90
CA ASN A 80 -11.79 6.69 -30.01
C ASN A 80 -11.88 5.23 -29.56
N TYR A 81 -11.30 4.33 -30.38
CA TYR A 81 -11.30 2.91 -30.11
C TYR A 81 -10.46 2.54 -28.89
N LEU A 82 -9.42 3.32 -28.58
CA LEU A 82 -8.58 3.05 -27.42
C LEU A 82 -9.36 3.20 -26.14
N GLU A 83 -10.20 4.24 -26.06
CA GLU A 83 -11.02 4.56 -24.92
C GLU A 83 -12.31 3.74 -24.84
N ASN A 84 -13.03 3.59 -25.96
CA ASN A 84 -14.32 2.92 -25.94
C ASN A 84 -14.33 1.45 -26.35
N GLY A 85 -13.23 0.98 -26.90
CA GLY A 85 -13.14 -0.36 -27.47
C GLY A 85 -13.46 -0.34 -28.96
N PHE A 86 -13.37 -1.48 -29.62
CA PHE A 86 -13.66 -1.58 -31.06
C PHE A 86 -14.24 -2.97 -31.31
N TRP A 87 -15.32 -3.05 -32.09
CA TRP A 87 -15.95 -4.34 -32.38
C TRP A 87 -16.44 -4.41 -33.82
N ALA A 88 -15.63 -4.96 -34.74
CA ALA A 88 -15.99 -5.11 -36.16
C ALA A 88 -17.17 -6.05 -36.28
N MET A 89 -18.34 -5.54 -36.75
CA MET A 89 -19.54 -6.39 -36.82
C MET A 89 -19.59 -7.30 -38.06
N ARG A 90 -18.64 -7.17 -38.97
CA ARG A 90 -18.49 -8.03 -40.12
C ARG A 90 -17.00 -8.13 -40.44
N GLU A 91 -16.58 -9.21 -41.10
CA GLU A 91 -15.19 -9.38 -41.49
C GLU A 91 -14.64 -8.22 -42.32
N ALA A 92 -15.48 -7.65 -43.21
CA ALA A 92 -15.10 -6.51 -44.05
C ALA A 92 -14.79 -5.24 -43.25
N ASP A 93 -15.27 -5.17 -41.99
CA ASP A 93 -15.02 -4.04 -41.08
C ASP A 93 -13.73 -4.18 -40.26
N GLU A 94 -13.03 -5.33 -40.36
CA GLU A 94 -11.78 -5.53 -39.61
C GLU A 94 -10.69 -4.65 -40.22
N LEU A 95 -10.01 -3.87 -39.38
CA LEU A 95 -9.04 -2.87 -39.80
C LEU A 95 -7.62 -3.38 -40.06
N PRO A 96 -7.12 -3.16 -41.29
CA PRO A 96 -5.74 -3.60 -41.60
C PRO A 96 -4.70 -2.82 -40.81
N ASN A 97 -3.53 -3.43 -40.58
CA ASN A 97 -2.48 -2.76 -39.80
C ASN A 97 -1.18 -2.74 -40.57
N LYS A 98 -0.63 -1.55 -40.81
CA LYS A 98 0.64 -1.42 -41.51
C LYS A 98 1.77 -1.86 -40.57
N ASP A 99 2.76 -2.60 -41.10
CA ASP A 99 3.95 -3.09 -40.39
C ASP A 99 3.65 -4.11 -39.26
N ILE A 100 2.61 -4.92 -39.44
CA ILE A 100 2.28 -5.96 -38.46
C ILE A 100 2.71 -7.33 -39.01
N SER A 101 2.93 -8.29 -38.10
CA SER A 101 3.24 -9.65 -38.51
C SER A 101 2.82 -10.67 -37.47
N VAL A 102 2.58 -11.90 -37.94
CA VAL A 102 2.32 -13.06 -37.10
C VAL A 102 3.25 -14.14 -37.63
N VAL A 103 3.98 -14.80 -36.74
CA VAL A 103 4.92 -15.85 -37.15
C VAL A 103 4.53 -17.22 -36.59
N PHE A 104 4.32 -18.18 -37.48
CA PHE A 104 4.05 -19.55 -37.10
C PHE A 104 5.38 -20.29 -37.08
N ILE A 105 5.58 -21.20 -36.12
CA ILE A 105 6.78 -22.00 -36.06
C ILE A 105 6.49 -23.32 -36.76
N ASP A 106 6.62 -23.33 -38.08
CA ASP A 106 6.30 -24.48 -38.93
C ASP A 106 7.07 -25.75 -38.58
N LYS A 107 8.39 -25.64 -38.46
CA LYS A 107 9.23 -26.79 -38.13
C LYS A 107 10.33 -26.34 -37.19
N ILE A 108 10.81 -27.26 -36.36
CA ILE A 108 11.93 -27.00 -35.46
C ILE A 108 12.83 -28.20 -35.60
N GLU A 109 14.10 -27.98 -35.82
CA GLU A 109 15.02 -29.09 -36.03
C GLU A 109 16.32 -28.92 -35.27
N ASP A 110 16.78 -29.96 -34.60
CA ASP A 110 18.06 -29.95 -33.93
C ASP A 110 19.17 -30.04 -34.99
N VAL A 111 19.94 -28.96 -35.14
CA VAL A 111 21.05 -28.92 -36.11
C VAL A 111 22.41 -28.81 -35.41
N THR A 112 22.50 -29.25 -34.14
CA THR A 112 23.72 -29.15 -33.33
C THR A 112 24.93 -29.79 -34.02
N ASP A 113 24.81 -31.05 -34.47
CA ASP A 113 25.95 -31.74 -35.10
C ASP A 113 26.40 -31.03 -36.37
N TYR A 114 25.44 -30.51 -37.16
CA TYR A 114 25.72 -29.75 -38.38
C TYR A 114 26.50 -28.48 -38.04
N VAL A 115 25.97 -27.64 -37.10
CA VAL A 115 26.66 -26.40 -36.72
C VAL A 115 28.05 -26.68 -36.14
N LYS A 116 28.15 -27.65 -35.20
CA LYS A 116 29.45 -28.00 -34.61
C LYS A 116 30.47 -28.47 -35.66
N LYS A 117 30.03 -29.21 -36.70
CA LYS A 117 30.92 -29.64 -37.78
C LYS A 117 31.39 -28.42 -38.59
N GLU A 118 30.48 -27.50 -38.91
CA GLU A 118 30.79 -26.28 -39.65
C GLU A 118 31.76 -25.39 -38.85
N LEU A 119 31.58 -25.34 -37.52
CA LEU A 119 32.41 -24.56 -36.60
C LEU A 119 33.83 -25.07 -36.53
N LYS A 120 34.04 -26.39 -36.77
CA LYS A 120 35.37 -27.00 -36.80
C LYS A 120 36.29 -26.35 -37.83
N ALA A 121 35.73 -25.63 -38.83
CA ALA A 121 36.52 -24.92 -39.84
C ALA A 121 37.16 -23.63 -39.29
N ILE A 122 37.39 -23.60 -37.94
CA ILE A 122 38.01 -22.64 -37.03
C ILE A 122 39.30 -22.03 -37.57
N LYS A 123 39.32 -20.73 -37.70
CA LYS A 123 40.55 -20.01 -38.03
C LYS A 123 41.19 -19.50 -36.68
N ASP A 124 40.34 -19.28 -35.64
CA ASP A 124 40.68 -18.77 -34.33
C ASP A 124 39.80 -19.50 -33.30
N PRO A 125 40.38 -20.17 -32.28
CA PRO A 125 39.56 -20.85 -31.27
C PRO A 125 38.73 -19.91 -30.35
N ASN A 126 39.08 -18.61 -30.35
CA ASN A 126 38.39 -17.57 -29.58
C ASN A 126 37.29 -16.82 -30.37
N SER A 127 37.06 -17.21 -31.64
CA SER A 127 36.06 -16.61 -32.52
C SER A 127 34.65 -16.65 -31.90
N MET A 128 33.89 -15.57 -32.07
CA MET A 128 32.53 -15.50 -31.55
C MET A 128 31.48 -15.80 -32.64
N ASP A 129 31.89 -16.41 -33.77
CA ASP A 129 30.97 -16.76 -34.85
C ASP A 129 29.93 -17.78 -34.39
N TYR A 130 30.25 -18.61 -33.40
CA TYR A 130 29.33 -19.61 -32.86
C TYR A 130 28.04 -18.99 -32.23
N LEU A 131 28.07 -17.69 -31.94
CA LEU A 131 26.92 -16.93 -31.42
C LEU A 131 26.46 -15.83 -32.39
N SER A 132 27.16 -15.63 -33.51
CA SER A 132 26.90 -14.60 -34.47
C SER A 132 25.65 -14.88 -35.31
N PRO A 133 24.66 -13.96 -35.28
CA PRO A 133 23.46 -14.13 -36.10
C PRO A 133 23.74 -14.15 -37.60
N LYS A 134 24.77 -13.41 -38.05
CA LYS A 134 25.20 -13.38 -39.44
C LYS A 134 25.79 -14.75 -39.83
N TYR A 135 26.68 -15.29 -38.99
CA TYR A 135 27.28 -16.59 -39.26
C TYR A 135 26.24 -17.69 -39.26
N LEU A 136 25.38 -17.71 -38.23
CA LEU A 136 24.34 -18.72 -38.10
C LEU A 136 23.32 -18.67 -39.25
N GLN A 137 23.02 -17.46 -39.77
CA GLN A 137 22.14 -17.30 -40.93
C GLN A 137 22.78 -17.87 -42.19
N LYS A 138 24.12 -17.73 -42.33
CA LYS A 138 24.86 -18.30 -43.45
C LYS A 138 24.72 -19.84 -43.39
N LEU A 139 24.78 -20.44 -42.19
CA LEU A 139 24.62 -21.90 -42.05
C LEU A 139 23.19 -22.34 -42.34
N ALA A 140 22.21 -21.51 -41.94
CA ALA A 140 20.81 -21.82 -42.14
C ALA A 140 20.49 -21.83 -43.66
N ASP A 141 20.87 -20.78 -44.41
CA ASP A 141 20.70 -20.68 -45.87
C ASP A 141 21.37 -21.86 -46.58
N LYS A 142 22.56 -22.26 -46.12
CA LYS A 142 23.30 -23.37 -46.71
C LYS A 142 22.51 -24.67 -46.55
N LYS A 143 21.91 -24.89 -45.38
CA LYS A 143 21.15 -26.11 -45.12
C LYS A 143 19.79 -26.09 -45.82
N ALA A 144 19.13 -24.92 -45.86
CA ALA A 144 17.82 -24.77 -46.49
C ALA A 144 17.89 -24.92 -48.02
N GLY A 145 18.99 -24.48 -48.61
CA GLY A 145 19.18 -24.59 -50.04
C GLY A 145 19.24 -23.29 -50.82
N LYS A 146 19.35 -23.43 -52.15
CA LYS A 146 19.43 -22.32 -53.11
C LYS A 146 18.07 -21.65 -53.28
N ASN A 147 17.98 -20.36 -52.87
CA ASN A 147 16.79 -19.51 -52.94
C ASN A 147 15.56 -20.13 -52.25
N PHE A 148 15.72 -20.62 -51.00
CA PHE A 148 14.65 -21.24 -50.23
C PHE A 148 13.39 -20.40 -50.14
N SER A 149 13.53 -19.10 -49.81
CA SER A 149 12.40 -18.19 -49.66
C SER A 149 11.64 -17.94 -50.97
N ALA A 150 12.31 -18.12 -52.11
CA ALA A 150 11.66 -17.95 -53.42
C ALA A 150 10.97 -19.26 -53.81
N LYS A 151 11.63 -20.41 -53.55
CA LYS A 151 11.04 -21.72 -53.86
C LYS A 151 9.90 -22.11 -52.89
N ASN A 152 9.85 -21.48 -51.70
CA ASN A 152 8.82 -21.70 -50.69
C ASN A 152 8.34 -20.33 -50.14
N PRO A 153 7.50 -19.60 -50.91
CA PRO A 153 7.06 -18.26 -50.45
C PRO A 153 6.37 -18.28 -49.08
N GLY A 154 6.65 -17.28 -48.27
CA GLY A 154 6.10 -17.21 -46.91
C GLY A 154 6.97 -17.90 -45.86
N LEU A 155 7.86 -18.79 -46.28
CA LEU A 155 8.75 -19.50 -45.38
C LEU A 155 10.12 -18.83 -45.29
N SER A 156 10.74 -18.97 -44.13
CA SER A 156 12.09 -18.49 -43.87
C SER A 156 12.71 -19.41 -42.80
N VAL A 157 14.03 -19.45 -42.75
CA VAL A 157 14.75 -20.34 -41.87
C VAL A 157 15.72 -19.56 -40.94
N GLU A 158 15.85 -20.00 -39.67
CA GLU A 158 16.72 -19.30 -38.74
C GLU A 158 17.40 -20.29 -37.78
N ILE A 159 18.71 -20.16 -37.54
CA ILE A 159 19.40 -20.99 -36.59
C ILE A 159 19.70 -20.15 -35.34
N LYS A 160 19.45 -20.71 -34.15
CA LYS A 160 19.72 -20.05 -32.91
C LYS A 160 20.58 -20.95 -32.01
N ALA A 161 21.44 -20.34 -31.21
CA ALA A 161 22.27 -21.03 -30.22
C ALA A 161 21.46 -21.14 -28.92
N PHE A 162 21.68 -22.24 -28.20
CA PHE A 162 21.03 -22.49 -26.91
C PHE A 162 22.10 -23.07 -26.00
N TYR A 163 21.87 -22.97 -24.67
CA TYR A 163 22.80 -23.53 -23.69
C TYR A 163 24.22 -22.98 -23.87
N GLY A 164 24.34 -21.70 -24.16
CA GLY A 164 25.64 -21.05 -24.36
C GLY A 164 26.45 -21.51 -25.56
N GLY A 165 25.77 -22.05 -26.57
CA GLY A 165 26.44 -22.53 -27.77
C GLY A 165 26.65 -24.04 -27.78
N ASN A 166 25.93 -24.77 -26.91
CA ASN A 166 26.06 -26.23 -26.87
C ASN A 166 24.92 -26.99 -27.58
N LEU A 167 23.91 -26.26 -28.06
CA LEU A 167 22.79 -26.82 -28.77
C LEU A 167 22.32 -25.79 -29.80
N TYR A 168 21.98 -26.22 -31.02
CA TYR A 168 21.49 -25.32 -32.05
C TYR A 168 20.21 -25.87 -32.64
N LEU A 169 19.21 -25.02 -32.82
CA LEU A 169 17.97 -25.42 -33.46
C LEU A 169 17.75 -24.54 -34.67
N MET A 170 17.20 -25.12 -35.71
CA MET A 170 16.82 -24.38 -36.90
C MET A 170 15.30 -24.30 -36.89
N PHE A 171 14.77 -23.12 -37.05
CA PHE A 171 13.33 -22.89 -37.07
C PHE A 171 12.92 -22.55 -38.47
N THR A 172 11.83 -23.18 -38.93
CA THR A 172 11.26 -22.84 -40.23
C THR A 172 10.01 -22.04 -39.85
N LYS A 173 9.99 -20.77 -40.22
CA LYS A 173 8.92 -19.85 -39.88
C LYS A 173 8.04 -19.50 -41.08
N LYS A 174 6.74 -19.35 -40.84
CA LYS A 174 5.80 -18.95 -41.86
C LYS A 174 5.24 -17.61 -41.34
N THR A 175 5.50 -16.52 -42.07
CA THR A 175 5.10 -15.19 -41.61
C THR A 175 3.95 -14.59 -42.41
N TYR A 176 2.92 -14.09 -41.72
CA TYR A 176 1.78 -13.43 -42.36
C TYR A 176 1.83 -11.95 -42.02
N THR A 177 1.69 -11.08 -43.01
CA THR A 177 1.80 -9.64 -42.77
C THR A 177 0.49 -8.88 -42.93
N ASP A 178 -0.62 -9.57 -43.23
CA ASP A 178 -1.94 -8.97 -43.28
C ASP A 178 -2.67 -9.51 -42.04
N VAL A 179 -2.65 -8.75 -40.95
CA VAL A 179 -3.26 -9.15 -39.69
C VAL A 179 -4.12 -7.97 -39.26
N ARG A 180 -5.43 -8.14 -39.29
CA ARG A 180 -6.36 -7.05 -39.05
C ARG A 180 -6.97 -7.01 -37.65
N LEU A 181 -7.23 -5.79 -37.14
CA LEU A 181 -7.86 -5.56 -35.85
C LEU A 181 -9.33 -5.98 -35.94
N VAL A 182 -9.74 -6.88 -35.05
CA VAL A 182 -11.08 -7.46 -35.00
C VAL A 182 -11.90 -6.94 -33.83
N GLY A 183 -11.28 -6.85 -32.68
CA GLY A 183 -11.95 -6.40 -31.47
C GLY A 183 -11.01 -6.07 -30.35
N ALA A 184 -11.46 -5.21 -29.46
CA ALA A 184 -10.67 -4.81 -28.29
C ALA A 184 -11.64 -4.26 -27.25
N PRO A 185 -11.42 -4.60 -25.97
CA PRO A 185 -12.25 -3.98 -24.93
C PRO A 185 -11.82 -2.52 -24.77
N PRO A 186 -12.62 -1.69 -24.05
CA PRO A 186 -12.16 -0.32 -23.77
C PRO A 186 -10.91 -0.38 -22.87
N SER A 187 -10.08 0.67 -22.88
CA SER A 187 -8.89 0.68 -22.02
C SER A 187 -9.20 0.50 -20.54
N SER A 188 -10.40 0.88 -20.11
CA SER A 188 -10.81 0.73 -18.71
C SER A 188 -10.83 -0.76 -18.30
N ILE A 189 -10.99 -1.69 -19.27
CA ILE A 189 -10.94 -3.13 -19.04
C ILE A 189 -9.54 -3.69 -19.42
N GLY A 190 -9.07 -3.35 -20.63
CA GLY A 190 -7.79 -3.83 -21.17
C GLY A 190 -6.57 -3.44 -20.37
N LYS A 191 -6.62 -2.29 -19.69
CA LYS A 191 -5.56 -1.84 -18.81
C LYS A 191 -6.12 -1.24 -17.52
N PHE A 192 -7.09 -1.95 -16.90
CA PHE A 192 -7.77 -1.53 -15.65
C PHE A 192 -6.84 -0.99 -14.57
N GLY A 193 -5.86 -1.76 -14.12
CA GLY A 193 -4.97 -1.27 -13.05
C GLY A 193 -4.01 -0.19 -13.49
N ALA A 194 -3.96 0.11 -14.81
CA ALA A 194 -3.09 1.07 -15.49
C ALA A 194 -1.61 0.78 -15.04
N ASP A 195 -0.77 1.72 -14.54
CA ASP A 195 0.57 1.34 -14.07
C ASP A 195 0.57 1.00 -12.56
N THR A 196 -0.50 1.33 -11.80
CA THR A 196 -0.63 1.04 -10.36
C THR A 196 -0.55 -0.46 -10.05
N ASP A 197 -1.25 -1.26 -10.87
CA ASP A 197 -1.29 -2.70 -10.68
C ASP A 197 -0.28 -3.48 -11.55
N ASN A 198 0.71 -2.81 -12.19
CA ASN A 198 1.77 -3.49 -12.96
C ASN A 198 2.61 -4.32 -12.00
N TRP A 199 2.87 -5.60 -12.35
CA TRP A 199 3.58 -6.57 -11.52
C TRP A 199 2.76 -6.97 -10.27
N ILE A 200 1.44 -6.67 -10.23
CA ILE A 200 0.66 -6.93 -9.02
C ILE A 200 -0.32 -8.08 -9.15
N TRP A 201 -0.31 -8.94 -8.14
CA TRP A 201 -1.31 -9.98 -7.95
C TRP A 201 -1.81 -9.72 -6.51
N PRO A 202 -3.13 -9.67 -6.23
CA PRO A 202 -4.30 -9.88 -7.13
C PRO A 202 -4.39 -8.89 -8.27
N ARG A 203 -4.95 -9.35 -9.39
CA ARG A 203 -5.06 -8.57 -10.59
C ARG A 203 -6.46 -8.68 -11.16
N HIS A 204 -7.00 -7.57 -11.69
CA HIS A 204 -8.38 -7.52 -12.17
C HIS A 204 -8.51 -6.95 -13.58
N THR A 205 -7.46 -7.09 -14.39
CA THR A 205 -7.39 -6.54 -15.73
C THR A 205 -7.81 -7.56 -16.79
N GLY A 206 -8.72 -7.15 -17.68
CA GLY A 206 -9.13 -7.95 -18.84
C GLY A 206 -8.20 -7.67 -20.01
N ASP A 207 -6.92 -8.03 -19.86
CA ASP A 207 -5.86 -7.76 -20.84
C ASP A 207 -5.94 -8.63 -22.09
N PHE A 208 -6.82 -8.26 -23.03
CA PHE A 208 -6.94 -8.99 -24.29
C PHE A 208 -7.29 -8.04 -25.45
N SER A 209 -6.99 -8.47 -26.67
CA SER A 209 -7.35 -7.82 -27.93
C SER A 209 -7.44 -8.94 -28.99
N ILE A 210 -8.20 -8.70 -30.07
CA ILE A 210 -8.53 -9.69 -31.09
C ILE A 210 -8.12 -9.23 -32.49
N PHE A 211 -7.44 -10.10 -33.22
CA PHE A 211 -6.98 -9.83 -34.56
C PHE A 211 -7.39 -10.99 -35.49
N ARG A 212 -7.13 -10.86 -36.80
CA ARG A 212 -7.41 -11.94 -37.73
C ARG A 212 -6.33 -12.00 -38.77
N ILE A 213 -5.79 -13.19 -38.99
CA ILE A 213 -4.78 -13.39 -40.02
C ILE A 213 -5.47 -13.53 -41.37
N TYR A 214 -5.01 -12.74 -42.33
CA TYR A 214 -5.48 -12.78 -43.71
C TYR A 214 -4.35 -13.31 -44.60
N ALA A 215 -4.71 -13.92 -45.73
CA ALA A 215 -3.75 -14.53 -46.65
C ALA A 215 -4.34 -14.54 -48.10
N ASP A 216 -3.57 -14.98 -49.13
CA ASP A 216 -4.11 -15.09 -50.48
C ASP A 216 -5.14 -16.24 -50.53
N LYS A 217 -5.79 -16.46 -51.69
CA LYS A 217 -6.80 -17.50 -51.84
C LYS A 217 -6.37 -18.91 -51.42
N ASN A 218 -5.05 -19.21 -51.45
CA ASN A 218 -4.57 -20.54 -51.08
C ASN A 218 -4.02 -20.66 -49.66
N GLY A 219 -4.28 -19.66 -48.82
CA GLY A 219 -3.77 -19.66 -47.46
C GLY A 219 -2.29 -19.33 -47.35
N ASN A 220 -1.68 -18.84 -48.42
CA ASN A 220 -0.28 -18.46 -48.44
C ASN A 220 -0.13 -17.01 -48.02
N PRO A 221 0.97 -16.68 -47.29
CA PRO A 221 1.20 -15.29 -46.87
C PRO A 221 1.18 -14.29 -48.02
N ALA A 222 0.59 -13.13 -47.74
CA ALA A 222 0.49 -12.07 -48.71
C ALA A 222 0.41 -10.74 -47.98
N PRO A 223 1.08 -9.69 -48.49
CA PRO A 223 0.93 -8.36 -47.86
C PRO A 223 -0.53 -7.89 -47.98
N TYR A 224 -0.89 -6.80 -47.29
CA TYR A 224 -2.27 -6.29 -47.37
C TYR A 224 -2.78 -6.12 -48.82
N SER A 225 -3.98 -6.64 -49.06
CA SER A 225 -4.69 -6.55 -50.33
C SER A 225 -6.18 -6.67 -50.07
N GLU A 226 -6.99 -5.88 -50.80
CA GLU A 226 -8.45 -5.94 -50.69
C GLU A 226 -8.98 -7.35 -51.04
N ASP A 227 -8.24 -8.10 -51.88
CA ASP A 227 -8.57 -9.46 -52.30
C ASP A 227 -8.22 -10.53 -51.25
N ASN A 228 -7.54 -10.15 -50.14
CA ASN A 228 -7.15 -11.14 -49.15
C ASN A 228 -8.34 -11.70 -48.40
N VAL A 229 -8.25 -12.99 -48.10
CA VAL A 229 -9.29 -13.79 -47.46
C VAL A 229 -8.76 -14.33 -46.11
N PRO A 230 -9.61 -14.50 -45.08
CA PRO A 230 -9.13 -15.04 -43.80
C PRO A 230 -8.39 -16.38 -43.95
N LEU A 231 -7.37 -16.59 -43.14
CA LEU A 231 -6.58 -17.82 -43.20
C LEU A 231 -7.33 -18.98 -42.55
N LYS A 232 -7.38 -20.12 -43.23
CA LYS A 232 -7.91 -21.33 -42.63
C LYS A 232 -6.64 -22.01 -42.12
N PRO A 233 -6.49 -22.12 -40.79
CA PRO A 233 -5.24 -22.67 -40.24
C PRO A 233 -5.18 -24.19 -40.13
N LYS A 234 -3.97 -24.73 -39.94
CA LYS A 234 -3.72 -26.16 -39.71
C LYS A 234 -4.43 -26.57 -38.42
N ARG A 235 -4.38 -25.71 -37.38
CA ARG A 235 -4.88 -25.99 -36.05
C ARG A 235 -5.28 -24.70 -35.32
N PHE A 236 -6.29 -24.80 -34.46
CA PHE A 236 -6.74 -23.70 -33.62
C PHE A 236 -7.15 -24.24 -32.26
N PHE A 237 -7.15 -23.38 -31.24
CA PHE A 237 -7.52 -23.80 -29.89
C PHE A 237 -9.04 -23.84 -29.70
N ASN A 238 -9.52 -24.86 -28.98
CA ASN A 238 -10.90 -24.90 -28.54
C ASN A 238 -10.95 -24.06 -27.26
N ILE A 239 -12.02 -23.30 -27.05
CA ILE A 239 -12.16 -22.48 -25.84
C ILE A 239 -12.87 -23.28 -24.76
N SER A 240 -12.29 -23.39 -23.57
CA SER A 240 -12.96 -24.11 -22.48
C SER A 240 -13.83 -23.18 -21.65
N LEU A 241 -15.03 -23.64 -21.32
CA LEU A 241 -15.87 -22.91 -20.37
C LEU A 241 -15.92 -23.62 -19.00
N GLY A 242 -15.13 -24.69 -18.81
CA GLY A 242 -15.04 -25.44 -17.56
C GLY A 242 -14.32 -24.71 -16.45
N GLY A 243 -13.63 -23.62 -16.78
CA GLY A 243 -12.92 -22.80 -15.81
C GLY A 243 -11.74 -23.48 -15.14
N VAL A 244 -11.35 -22.94 -13.99
CA VAL A 244 -10.23 -23.46 -13.23
C VAL A 244 -10.59 -23.62 -11.75
N GLN A 245 -9.92 -24.54 -11.11
CA GLN A 245 -10.01 -24.82 -9.67
C GLN A 245 -8.60 -24.80 -9.12
N GLU A 246 -8.45 -24.54 -7.82
CA GLU A 246 -7.15 -24.57 -7.16
C GLU A 246 -6.48 -25.96 -7.37
N ASN A 247 -5.20 -25.95 -7.74
CA ASN A 247 -4.38 -27.14 -8.00
C ASN A 247 -4.56 -27.72 -9.40
N ASP A 248 -5.43 -27.16 -10.23
CA ASP A 248 -5.59 -27.67 -11.62
C ASP A 248 -4.31 -27.54 -12.40
N TYR A 249 -4.08 -28.49 -13.28
CA TYR A 249 -2.94 -28.44 -14.18
C TYR A 249 -3.18 -27.31 -15.18
N ALA A 250 -2.13 -26.55 -15.46
CA ALA A 250 -2.13 -25.48 -16.46
C ALA A 250 -0.81 -25.54 -17.22
N MET A 251 -0.83 -25.21 -18.50
CA MET A 251 0.38 -25.14 -19.30
C MET A 251 0.34 -23.98 -20.28
N ILE A 252 1.50 -23.49 -20.67
CA ILE A 252 1.61 -22.34 -21.57
C ILE A 252 2.65 -22.62 -22.66
N MET A 253 2.43 -22.08 -23.85
CA MET A 253 3.39 -22.06 -24.94
C MET A 253 3.56 -20.59 -25.30
N GLY A 254 4.80 -20.18 -25.53
CA GLY A 254 5.08 -18.79 -25.86
C GLY A 254 6.52 -18.54 -26.24
N PHE A 255 6.89 -17.26 -26.31
CA PHE A 255 8.23 -16.87 -26.73
C PHE A 255 8.95 -16.08 -25.64
N PRO A 256 9.32 -16.70 -24.49
CA PRO A 256 10.02 -15.93 -23.44
C PRO A 256 11.32 -15.34 -23.99
N GLY A 257 11.58 -14.09 -23.65
CA GLY A 257 12.70 -13.33 -24.16
C GLY A 257 14.06 -13.69 -23.60
N THR A 258 14.32 -13.39 -22.32
CA THR A 258 15.65 -13.64 -21.76
C THR A 258 15.58 -14.09 -20.31
N THR A 259 16.53 -14.94 -19.91
CA THR A 259 16.69 -15.36 -18.52
C THR A 259 18.21 -15.44 -18.28
N HIS A 260 18.63 -15.62 -17.05
CA HIS A 260 20.03 -15.74 -16.70
C HIS A 260 20.17 -16.81 -15.65
N ARG A 261 19.65 -18.00 -15.97
CA ARG A 261 19.63 -19.17 -15.12
C ARG A 261 21.05 -19.73 -14.82
N TYR A 262 22.03 -19.42 -15.67
CA TYR A 262 23.39 -19.94 -15.49
C TYR A 262 24.38 -18.88 -15.03
N PHE A 263 23.90 -17.83 -14.35
CA PHE A 263 24.76 -16.81 -13.79
C PHE A 263 25.63 -17.44 -12.72
N THR A 264 26.87 -16.96 -12.60
CA THR A 264 27.70 -17.36 -11.47
C THR A 264 27.23 -16.53 -10.27
N ALA A 265 27.67 -16.90 -9.06
CA ALA A 265 27.36 -16.13 -7.85
C ALA A 265 27.94 -14.69 -7.99
N SER A 266 29.10 -14.54 -8.65
CA SER A 266 29.72 -13.21 -8.88
C SER A 266 28.88 -12.33 -9.84
N GLU A 267 28.23 -12.93 -10.85
CA GLU A 267 27.33 -12.22 -11.75
C GLU A 267 26.04 -11.80 -11.01
N VAL A 268 25.55 -12.62 -10.07
CA VAL A 268 24.39 -12.26 -9.24
C VAL A 268 24.78 -11.03 -8.35
N ASP A 269 26.00 -11.05 -7.78
CA ASP A 269 26.46 -9.93 -6.92
C ASP A 269 26.60 -8.65 -7.73
N GLU A 270 27.12 -8.75 -8.95
CA GLU A 270 27.29 -7.63 -9.84
C GLU A 270 25.91 -7.07 -10.23
N TRP A 271 24.95 -7.95 -10.55
CA TRP A 271 23.59 -7.54 -10.93
C TRP A 271 22.93 -6.74 -9.79
N LYS A 272 23.10 -7.20 -8.56
CA LYS A 272 22.57 -6.53 -7.38
C LYS A 272 23.30 -5.21 -7.11
N SER A 273 24.63 -5.25 -6.90
CA SER A 273 25.42 -4.13 -6.40
C SER A 273 25.75 -3.06 -7.40
N ILE A 274 25.65 -3.35 -8.70
CA ILE A 274 25.93 -2.34 -9.70
C ILE A 274 24.62 -2.00 -10.43
N ASP A 275 24.14 -2.91 -11.30
CA ASP A 275 22.98 -2.72 -12.14
C ASP A 275 21.77 -2.27 -11.36
N ASN A 276 21.30 -3.11 -10.40
CA ASN A 276 20.11 -2.84 -9.63
C ASN A 276 20.26 -1.70 -8.64
N ASP A 277 21.31 -1.67 -7.82
CA ASP A 277 21.47 -0.58 -6.82
C ASP A 277 21.58 0.81 -7.47
N ILE A 278 22.30 0.92 -8.59
CA ILE A 278 22.43 2.21 -9.28
C ILE A 278 21.10 2.61 -9.92
N ARG A 279 20.44 1.69 -10.64
CA ARG A 279 19.12 1.98 -11.23
C ARG A 279 18.12 2.40 -10.13
N ILE A 280 18.09 1.68 -9.00
CA ILE A 280 17.19 2.03 -7.88
C ILE A 280 17.49 3.42 -7.33
N ARG A 281 18.75 3.67 -6.99
CA ARG A 281 19.16 4.93 -6.41
C ARG A 281 18.92 6.13 -7.33
N MET A 282 19.37 6.04 -8.59
CA MET A 282 19.23 7.13 -9.54
C MET A 282 17.78 7.39 -9.92
N ARG A 283 16.98 6.32 -10.13
CA ARG A 283 15.57 6.51 -10.47
C ARG A 283 14.77 7.03 -9.29
N ASP A 284 15.15 6.68 -8.06
CA ASP A 284 14.46 7.23 -6.90
C ASP A 284 14.67 8.76 -6.82
N ILE A 285 15.89 9.22 -7.14
CA ILE A 285 16.16 10.66 -7.13
C ILE A 285 15.35 11.37 -8.23
N ARG A 286 15.42 10.84 -9.45
CA ARG A 286 14.73 11.39 -10.62
C ARG A 286 13.21 11.47 -10.38
N GLN A 287 12.62 10.35 -9.97
CA GLN A 287 11.19 10.21 -9.70
C GLN A 287 10.73 11.10 -8.56
N GLY A 288 11.55 11.23 -7.51
CA GLY A 288 11.22 12.10 -6.38
C GLY A 288 11.07 13.55 -6.80
N VAL A 289 11.99 14.05 -7.63
CA VAL A 289 11.91 15.45 -8.11
C VAL A 289 10.71 15.60 -9.05
N MET A 290 10.55 14.66 -10.00
CA MET A 290 9.41 14.68 -10.93
C MET A 290 8.06 14.68 -10.22
N LEU A 291 7.89 13.83 -9.21
CA LEU A 291 6.66 13.74 -8.45
C LEU A 291 6.35 15.03 -7.72
N ARG A 292 7.35 15.63 -7.05
CA ARG A 292 7.15 16.91 -6.36
C ARG A 292 6.67 18.00 -7.32
N GLU A 293 7.19 18.01 -8.55
CA GLU A 293 6.81 19.01 -9.55
C GLU A 293 5.46 18.74 -10.15
N MET A 294 5.14 17.46 -10.38
CA MET A 294 3.84 17.06 -10.92
C MET A 294 2.72 17.35 -9.91
N LEU A 295 2.97 17.10 -8.61
CA LEU A 295 1.96 17.35 -7.56
C LEU A 295 1.70 18.83 -7.32
N ALA A 296 2.65 19.70 -7.66
CA ALA A 296 2.52 21.13 -7.42
C ALA A 296 1.91 21.90 -8.60
N ASP A 297 2.02 21.36 -9.81
CA ASP A 297 1.50 22.03 -10.99
C ASP A 297 0.75 21.02 -11.88
N PRO A 298 -0.58 21.16 -12.01
CA PRO A 298 -1.34 20.22 -12.84
C PRO A 298 -0.90 20.14 -14.30
N GLN A 299 -0.31 21.22 -14.83
CA GLN A 299 0.19 21.23 -16.19
C GLN A 299 1.49 20.39 -16.26
N ILE A 300 2.33 20.40 -15.21
CA ILE A 300 3.55 19.57 -15.15
C ILE A 300 3.17 18.09 -15.03
N LYS A 301 2.09 17.79 -14.30
CA LYS A 301 1.58 16.43 -14.17
C LYS A 301 1.19 15.87 -15.57
N ILE A 302 0.55 16.68 -16.40
CA ILE A 302 0.17 16.29 -17.75
C ILE A 302 1.40 16.04 -18.62
N MET A 303 2.36 16.98 -18.61
CA MET A 303 3.57 16.84 -19.40
C MET A 303 4.49 15.69 -18.98
N TYR A 304 4.60 15.42 -17.67
CA TYR A 304 5.56 14.44 -17.16
C TYR A 304 4.99 13.10 -16.71
N SER A 305 3.68 12.88 -16.80
CA SER A 305 3.07 11.60 -16.38
C SER A 305 3.60 10.39 -17.10
N ALA A 306 3.77 10.48 -18.42
CA ALA A 306 4.27 9.35 -19.21
C ALA A 306 5.76 9.08 -18.89
N LYS A 307 6.59 10.14 -18.83
CA LYS A 307 8.02 10.01 -18.51
C LYS A 307 8.23 9.40 -17.13
N TYR A 308 7.40 9.78 -16.18
CA TYR A 308 7.48 9.30 -14.82
C TYR A 308 7.11 7.82 -14.77
N ALA A 309 6.05 7.43 -15.50
CA ALA A 309 5.57 6.05 -15.56
C ALA A 309 6.60 5.14 -16.24
N ALA A 310 7.22 5.61 -17.30
CA ALA A 310 8.27 4.88 -18.02
C ALA A 310 9.50 4.64 -17.15
N SER A 311 9.84 5.57 -16.25
CA SER A 311 11.00 5.41 -15.39
C SER A 311 10.70 4.37 -14.30
N GLN A 312 9.48 4.44 -13.73
CA GLN A 312 8.98 3.56 -12.68
C GLN A 312 8.93 2.07 -13.04
N ASN A 313 8.69 1.70 -14.31
CA ASN A 313 8.57 0.28 -14.65
C ASN A 313 9.84 -0.54 -14.37
N ALA A 314 11.01 -0.12 -14.86
CA ALA A 314 12.24 -0.88 -14.59
C ALA A 314 12.74 -0.64 -13.16
N TYR A 315 12.34 0.48 -12.51
CA TYR A 315 12.62 0.78 -11.13
C TYR A 315 11.93 -0.29 -10.27
N LYS A 316 10.64 -0.57 -10.54
CA LYS A 316 9.90 -1.57 -9.78
C LYS A 316 10.46 -2.97 -9.99
N ARG A 317 10.90 -3.25 -11.23
CA ARG A 317 11.48 -4.53 -11.59
C ARG A 317 12.77 -4.74 -10.79
N ALA A 318 13.64 -3.72 -10.73
CA ALA A 318 14.90 -3.77 -9.98
C ALA A 318 14.66 -3.95 -8.45
N ILE A 319 13.60 -3.33 -7.90
CA ILE A 319 13.23 -3.50 -6.49
C ILE A 319 12.83 -4.95 -6.27
N GLY A 320 11.96 -5.48 -7.14
CA GLY A 320 11.52 -6.87 -7.07
C GLY A 320 12.67 -7.85 -7.19
N ALA A 321 13.63 -7.58 -8.09
CA ALA A 321 14.81 -8.44 -8.30
C ALA A 321 15.71 -8.42 -7.06
N ASN A 322 15.97 -7.23 -6.49
CA ASN A 322 16.82 -7.12 -5.30
C ASN A 322 16.16 -7.77 -4.06
N TRP A 323 14.82 -7.77 -3.99
CA TRP A 323 14.12 -8.46 -2.90
C TRP A 323 14.41 -9.99 -2.99
N ALA A 324 14.41 -10.57 -4.23
CA ALA A 324 14.70 -12.01 -4.36
C ALA A 324 16.15 -12.31 -3.99
N ILE A 325 17.09 -11.45 -4.41
CA ILE A 325 18.50 -11.65 -4.10
C ILE A 325 18.72 -11.61 -2.58
N LYS A 326 18.03 -10.71 -1.88
CA LYS A 326 18.16 -10.58 -0.43
C LYS A 326 17.44 -11.69 0.35
N THR A 327 16.27 -12.14 -0.13
CA THR A 327 15.45 -13.04 0.65
C THR A 327 15.37 -14.48 0.17
N ARG A 328 15.62 -14.76 -1.11
CA ARG A 328 15.45 -16.12 -1.64
C ARG A 328 16.74 -16.89 -1.89
N GLY A 329 17.87 -16.38 -1.41
CA GLY A 329 19.17 -17.01 -1.51
C GLY A 329 19.64 -17.27 -2.93
N LEU A 330 19.40 -16.31 -3.86
CA LEU A 330 19.77 -16.53 -5.25
C LEU A 330 21.27 -16.66 -5.44
N ARG A 331 22.07 -15.81 -4.76
CA ARG A 331 23.51 -15.88 -4.89
C ARG A 331 24.05 -17.20 -4.38
N GLN A 332 23.54 -17.66 -3.23
CA GLN A 332 23.92 -18.88 -2.57
C GLN A 332 23.60 -20.10 -3.42
N ASN A 333 22.46 -20.08 -4.12
CA ASN A 333 22.08 -21.20 -4.97
C ASN A 333 22.93 -21.26 -6.24
N LYS A 334 23.43 -20.13 -6.74
CA LYS A 334 24.36 -20.15 -7.89
C LYS A 334 25.73 -20.62 -7.44
N GLN A 335 26.13 -20.22 -6.23
CA GLN A 335 27.39 -20.63 -5.61
C GLN A 335 27.39 -22.14 -5.42
N ALA A 336 26.28 -22.72 -4.91
CA ALA A 336 26.17 -24.18 -4.70
C ALA A 336 26.21 -24.95 -6.04
N MET A 337 25.58 -24.40 -7.08
CA MET A 337 25.54 -25.02 -8.40
C MET A 337 26.95 -25.07 -9.01
N GLN A 338 27.69 -23.95 -8.94
CA GLN A 338 29.04 -23.91 -9.51
C GLN A 338 30.02 -24.76 -8.70
N ASP A 339 29.86 -24.80 -7.37
CA ASP A 339 30.73 -25.62 -6.52
C ASP A 339 30.52 -27.11 -6.74
N ARG A 340 29.28 -27.51 -7.00
CA ARG A 340 28.91 -28.89 -7.29
C ARG A 340 29.54 -29.32 -8.63
N LEU A 341 29.52 -28.42 -9.64
CA LEU A 341 30.18 -28.73 -10.91
C LEU A 341 31.71 -28.82 -10.76
N ILE A 342 32.31 -27.91 -9.98
CA ILE A 342 33.75 -27.88 -9.73
C ILE A 342 34.22 -29.17 -9.03
N ALA A 343 33.46 -29.66 -8.03
CA ALA A 343 33.75 -30.90 -7.30
C ALA A 343 33.66 -32.10 -8.24
N TRP A 344 32.66 -32.10 -9.13
CA TRP A 344 32.44 -33.17 -10.11
C TRP A 344 33.56 -33.21 -11.14
N GLY A 345 34.02 -32.03 -11.56
CA GLY A 345 35.11 -31.92 -12.52
C GLY A 345 36.41 -32.43 -11.93
N ALA A 346 36.64 -32.15 -10.63
CA ALA A 346 37.85 -32.57 -9.92
C ALA A 346 37.92 -34.10 -9.85
N LYS A 347 36.76 -34.72 -9.56
CA LYS A 347 36.61 -36.18 -9.46
C LYS A 347 36.78 -36.85 -10.84
N GLN A 348 36.40 -36.16 -11.93
CA GLN A 348 36.53 -36.69 -13.28
C GLN A 348 37.89 -36.42 -13.95
N GLY A 349 38.77 -35.68 -13.29
CA GLY A 349 40.07 -35.32 -13.85
C GLY A 349 40.03 -34.24 -14.92
N THR A 350 38.91 -33.49 -15.02
CA THR A 350 38.74 -32.42 -16.01
C THR A 350 38.65 -31.06 -15.33
N PRO A 351 39.75 -30.28 -15.32
CA PRO A 351 39.71 -28.97 -14.63
C PRO A 351 39.13 -27.81 -15.43
N ARG A 352 38.71 -28.04 -16.68
CA ARG A 352 38.20 -26.94 -17.53
C ARG A 352 36.93 -26.24 -17.01
N TYR A 353 36.11 -26.89 -16.18
CA TYR A 353 34.88 -26.30 -15.65
C TYR A 353 35.21 -25.28 -14.56
N GLU A 354 36.12 -25.66 -13.67
CA GLU A 354 36.58 -24.77 -12.61
C GLU A 354 37.35 -23.58 -13.23
N GLU A 355 38.10 -23.82 -14.30
CA GLU A 355 38.84 -22.77 -15.02
C GLU A 355 37.86 -21.77 -15.67
N ALA A 356 36.74 -22.30 -16.24
CA ALA A 356 35.70 -21.47 -16.83
C ALA A 356 35.01 -20.59 -15.79
N VAL A 357 34.67 -21.14 -14.60
CA VAL A 357 34.04 -20.36 -13.53
C VAL A 357 35.02 -19.27 -13.04
N HIS A 358 36.33 -19.62 -12.88
CA HIS A 358 37.36 -18.67 -12.46
C HIS A 358 37.45 -17.49 -13.43
N GLU A 359 37.44 -17.78 -14.74
CA GLU A 359 37.50 -16.76 -15.80
C GLU A 359 36.34 -15.77 -15.71
N ILE A 360 35.11 -16.29 -15.51
CA ILE A 360 33.92 -15.46 -15.34
C ILE A 360 34.10 -14.54 -14.10
N ASP A 361 34.46 -15.12 -12.95
CA ASP A 361 34.68 -14.33 -11.72
C ASP A 361 35.74 -13.25 -11.91
N ALA A 362 36.87 -13.59 -12.57
CA ALA A 362 37.95 -12.63 -12.78
C ALA A 362 37.53 -11.53 -13.73
N THR A 363 36.74 -11.86 -14.78
CA THR A 363 36.27 -10.84 -15.72
C THR A 363 35.28 -9.91 -15.01
N VAL A 364 34.38 -10.47 -14.21
CA VAL A 364 33.42 -9.67 -13.45
C VAL A 364 34.16 -8.71 -12.49
N ALA A 365 35.14 -9.23 -11.73
CA ALA A 365 35.93 -8.42 -10.80
C ALA A 365 36.74 -7.35 -11.54
N LYS A 366 37.31 -7.71 -12.70
CA LYS A 366 38.09 -6.75 -13.48
C LYS A 366 37.27 -5.57 -14.02
N ARG A 367 36.07 -5.82 -14.54
CA ARG A 367 35.23 -4.76 -15.12
C ARG A 367 34.37 -3.98 -14.12
N ALA A 368 34.45 -4.26 -12.79
CA ALA A 368 33.58 -3.62 -11.79
C ALA A 368 33.53 -2.08 -11.83
N ASP A 369 34.69 -1.41 -11.82
CA ASP A 369 34.76 0.05 -11.83
C ASP A 369 34.19 0.64 -13.11
N LEU A 370 34.54 0.06 -14.27
CA LEU A 370 34.01 0.53 -15.55
C LEU A 370 32.48 0.35 -15.62
N ARG A 371 31.98 -0.80 -15.18
CA ARG A 371 30.54 -1.09 -15.21
C ARG A 371 29.76 -0.16 -14.28
N ARG A 372 30.34 0.16 -13.13
CA ARG A 372 29.77 1.09 -12.18
C ARG A 372 29.70 2.50 -12.82
N ARG A 373 30.79 2.92 -13.49
CA ARG A 373 30.83 4.21 -14.18
C ARG A 373 29.80 4.26 -15.33
N TYR A 374 29.63 3.15 -16.06
CA TYR A 374 28.67 3.06 -17.16
C TYR A 374 27.22 3.18 -16.66
N TRP A 375 26.86 2.42 -15.63
CA TRP A 375 25.51 2.49 -15.06
C TRP A 375 25.23 3.86 -14.42
N MET A 376 26.23 4.44 -13.78
CA MET A 376 26.10 5.76 -13.20
C MET A 376 25.77 6.83 -14.25
N ILE A 377 26.46 6.81 -15.39
CA ILE A 377 26.20 7.80 -16.42
C ILE A 377 24.91 7.50 -17.16
N GLU A 378 24.62 6.23 -17.41
CA GLU A 378 23.41 5.87 -18.13
C GLU A 378 22.17 6.21 -17.32
N GLU A 379 22.10 5.77 -16.07
CA GLU A 379 20.96 6.06 -15.21
C GLU A 379 20.92 7.50 -14.75
N GLY A 380 22.09 8.03 -14.42
CA GLY A 380 22.18 9.38 -13.87
C GLY A 380 22.02 10.50 -14.86
N ILE A 381 22.55 10.34 -16.07
CA ILE A 381 22.56 11.43 -17.05
C ILE A 381 21.87 11.08 -18.37
N ILE A 382 22.32 9.99 -19.08
CA ILE A 382 21.74 9.62 -20.38
C ILE A 382 20.22 9.46 -20.31
N ARG A 383 19.74 8.77 -19.27
CA ARG A 383 18.31 8.62 -19.04
C ARG A 383 17.80 9.67 -18.05
N GLY A 384 18.61 10.05 -17.09
CA GLY A 384 18.19 10.91 -16.00
C GLY A 384 17.96 12.38 -16.29
N ILE A 385 18.70 12.96 -17.25
CA ILE A 385 18.63 14.39 -17.52
C ILE A 385 18.20 14.63 -18.97
N GLU A 386 17.07 15.32 -19.17
CA GLU A 386 16.56 15.53 -20.53
C GLU A 386 17.49 16.34 -21.43
N PHE A 387 18.14 17.39 -20.91
CA PHE A 387 19.04 18.19 -21.74
C PHE A 387 20.33 17.44 -22.14
N ALA A 388 20.53 16.20 -21.66
CA ALA A 388 21.62 15.35 -22.17
C ALA A 388 21.30 14.97 -23.63
N ARG A 389 20.00 14.86 -23.99
CA ARG A 389 19.59 14.55 -25.35
C ARG A 389 19.17 15.81 -26.12
N SER A 390 19.79 16.94 -25.80
CA SER A 390 19.54 18.18 -26.51
C SER A 390 20.36 18.14 -27.82
N PRO A 391 20.09 19.04 -28.80
CA PRO A 391 20.78 18.92 -30.10
C PRO A 391 22.30 19.12 -30.12
N ILE A 392 22.98 18.26 -30.87
CA ILE A 392 24.41 18.38 -31.08
C ILE A 392 24.60 18.58 -32.58
N PRO A 393 25.19 19.72 -32.97
CA PRO A 393 25.41 19.99 -34.40
C PRO A 393 26.36 18.97 -35.02
N THR A 394 25.95 18.37 -36.14
CA THR A 394 26.73 17.33 -36.85
C THR A 394 28.04 17.89 -37.50
N GLU A 395 28.90 16.98 -38.04
CA GLU A 395 30.14 17.31 -38.76
C GLU A 395 29.81 18.14 -40.01
N ASP A 396 28.78 17.71 -40.75
CA ASP A 396 28.30 18.36 -41.96
C ASP A 396 27.58 19.66 -41.64
N GLU A 397 26.71 19.67 -40.59
CA GLU A 397 25.96 20.87 -40.19
C GLU A 397 26.90 22.00 -39.81
N THR A 398 27.97 21.70 -39.07
CA THR A 398 28.97 22.69 -38.67
C THR A 398 29.62 23.30 -39.93
N LYS A 399 30.00 22.45 -40.90
CA LYS A 399 30.61 22.86 -42.16
C LYS A 399 29.65 23.74 -42.96
N ALA A 400 28.37 23.34 -43.02
CA ALA A 400 27.32 24.09 -43.72
C ALA A 400 26.89 25.36 -42.98
N LEU A 401 27.78 25.93 -42.15
CA LEU A 401 27.56 27.17 -41.39
C LEU A 401 28.85 28.02 -41.41
N GLN A 402 30.03 27.38 -41.53
CA GLN A 402 31.31 28.09 -41.57
C GLN A 402 31.66 28.60 -42.98
N ASP A 405 29.12 29.01 -47.09
CA ASP A 405 28.70 30.14 -47.90
C ASP A 405 27.86 29.67 -49.11
N ALA A 406 26.62 29.24 -48.84
CA ALA A 406 25.65 28.73 -49.84
C ALA A 406 24.22 28.72 -49.20
N SER A 407 23.14 28.26 -49.90
CA SER A 407 21.81 28.13 -49.22
C SER A 407 21.79 26.95 -48.20
N ALA A 408 22.93 26.23 -48.04
CA ALA A 408 23.13 25.11 -47.14
C ALA A 408 23.01 25.50 -45.65
N ARG A 409 23.15 26.81 -45.33
CA ARG A 409 23.04 27.40 -44.00
C ARG A 409 21.60 27.31 -43.52
N LYS A 410 20.66 27.72 -44.37
CA LYS A 410 19.24 27.64 -44.05
C LYS A 410 18.76 26.18 -43.89
N GLU A 411 19.42 25.24 -44.61
CA GLU A 411 19.14 23.81 -44.55
C GLU A 411 19.63 23.28 -43.18
N ALA A 412 20.88 23.62 -42.79
CA ALA A 412 21.48 23.24 -41.50
C ALA A 412 20.66 23.80 -40.32
N ILE A 413 20.28 25.08 -40.39
CA ILE A 413 19.46 25.73 -39.35
C ILE A 413 18.08 25.06 -39.24
N ASP A 414 17.52 24.59 -40.37
CA ASP A 414 16.21 23.94 -40.34
C ASP A 414 16.27 22.56 -39.67
N LYS A 415 17.38 21.84 -39.87
CA LYS A 415 17.61 20.54 -39.29
C LYS A 415 17.79 20.68 -37.78
N ILE A 416 18.61 21.66 -37.36
CA ILE A 416 18.87 21.96 -35.96
C ILE A 416 17.60 22.43 -35.26
N ARG A 417 16.77 23.21 -35.95
CA ARG A 417 15.51 23.70 -35.40
C ARG A 417 14.53 22.54 -35.16
N THR A 418 14.46 21.59 -36.11
CA THR A 418 13.59 20.42 -36.03
C THR A 418 13.96 19.57 -34.82
N ARG A 419 15.29 19.41 -34.56
CA ARG A 419 15.78 18.65 -33.41
C ARG A 419 15.56 19.41 -32.11
N TYR A 420 15.68 20.75 -32.14
CA TYR A 420 15.44 21.56 -30.96
C TYR A 420 13.95 21.50 -30.59
N SER A 421 13.06 21.55 -31.59
CA SER A 421 11.63 21.49 -31.38
C SER A 421 11.16 20.12 -30.86
N LYS A 422 11.92 19.06 -31.17
CA LYS A 422 11.60 17.72 -30.66
C LYS A 422 12.06 17.61 -29.20
N PHE A 423 13.25 18.16 -28.89
CA PHE A 423 13.81 18.17 -27.53
C PHE A 423 12.92 19.03 -26.61
N ALA A 424 12.75 20.31 -26.96
CA ALA A 424 11.94 21.21 -26.18
C ALA A 424 10.52 21.17 -26.74
N ASN A 425 9.85 20.03 -26.57
CA ASN A 425 8.49 19.86 -27.09
C ASN A 425 7.39 20.32 -26.10
N LYS A 426 6.10 20.02 -26.39
CA LYS A 426 4.96 20.39 -25.55
C LYS A 426 5.01 19.76 -24.14
N ASP A 427 5.76 18.66 -23.96
CA ASP A 427 5.91 17.98 -22.68
C ASP A 427 7.22 18.29 -21.94
N TYR A 428 8.06 19.18 -22.50
CA TYR A 428 9.33 19.52 -21.90
C TYR A 428 9.24 20.79 -21.07
N SER A 429 9.66 20.71 -19.80
CA SER A 429 9.75 21.87 -18.94
C SER A 429 11.23 22.06 -18.59
N ALA A 430 11.82 23.17 -19.01
CA ALA A 430 13.23 23.50 -18.72
C ALA A 430 13.46 23.65 -17.21
N GLU A 431 12.45 24.16 -16.49
CA GLU A 431 12.50 24.35 -15.04
C GLU A 431 12.49 23.02 -14.34
N VAL A 432 11.62 22.10 -14.78
CA VAL A 432 11.56 20.77 -14.20
C VAL A 432 12.88 20.02 -14.51
N ASP A 433 13.40 20.18 -15.74
CA ASP A 433 14.67 19.57 -16.12
C ASP A 433 15.86 20.10 -15.34
N LYS A 434 15.91 21.40 -15.06
CA LYS A 434 16.99 21.97 -14.27
C LYS A 434 16.98 21.40 -12.84
N LYS A 435 15.79 21.27 -12.23
CA LYS A 435 15.68 20.72 -10.88
C LYS A 435 16.06 19.24 -10.86
N VAL A 436 15.64 18.48 -11.89
CA VAL A 436 16.01 17.06 -11.98
C VAL A 436 17.54 16.95 -12.13
N ALA A 437 18.12 17.74 -13.05
CA ALA A 437 19.56 17.77 -13.29
C ALA A 437 20.35 18.13 -12.08
N VAL A 438 19.90 19.13 -11.28
CA VAL A 438 20.64 19.51 -10.07
C VAL A 438 20.74 18.32 -9.08
N ALA A 439 19.63 17.63 -8.83
CA ALA A 439 19.64 16.49 -7.92
C ALA A 439 20.43 15.29 -8.52
N MET A 440 20.25 14.99 -9.81
CA MET A 440 20.95 13.88 -10.45
C MET A 440 22.46 14.13 -10.51
N LEU A 441 22.88 15.34 -10.92
CA LEU A 441 24.30 15.68 -11.00
C LEU A 441 24.97 15.71 -9.64
N THR A 442 24.28 16.14 -8.59
CA THR A 442 24.82 16.15 -7.22
C THR A 442 25.20 14.72 -6.80
N GLU A 443 24.29 13.76 -7.08
CA GLU A 443 24.57 12.38 -6.76
C GLU A 443 25.68 11.80 -7.65
N TYR A 444 25.64 12.10 -8.95
CA TYR A 444 26.65 11.61 -9.89
C TYR A 444 28.06 12.13 -9.53
N LEU A 445 28.16 13.41 -9.15
CA LEU A 445 29.42 14.06 -8.78
C LEU A 445 30.00 13.54 -7.46
N LYS A 446 29.14 13.06 -6.56
CA LYS A 446 29.51 12.41 -5.30
C LYS A 446 30.07 10.97 -5.61
N GLU A 447 29.57 10.30 -6.65
CA GLU A 447 29.98 8.93 -6.96
C GLU A 447 31.12 8.79 -7.93
N ILE A 448 31.26 9.75 -8.85
CA ILE A 448 32.28 9.67 -9.90
C ILE A 448 33.39 10.66 -9.63
N PRO A 449 34.62 10.18 -9.37
CA PRO A 449 35.72 11.11 -9.08
C PRO A 449 36.04 12.02 -10.28
N TYR A 450 36.59 13.21 -9.99
CA TYR A 450 36.98 14.21 -10.97
C TYR A 450 37.67 13.65 -12.23
N GLU A 451 38.66 12.73 -12.06
CA GLU A 451 39.41 12.12 -13.16
C GLU A 451 38.55 11.21 -14.07
N ASN A 452 37.42 10.73 -13.56
CA ASN A 452 36.52 9.88 -14.35
C ASN A 452 35.27 10.62 -14.87
N LEU A 453 35.18 11.95 -14.65
CA LEU A 453 34.04 12.74 -15.09
C LEU A 453 34.09 13.01 -16.57
N PRO A 454 32.91 13.16 -17.22
CA PRO A 454 32.89 13.72 -18.57
C PRO A 454 33.47 15.15 -18.46
N LEU A 455 34.40 15.51 -19.38
CA LEU A 455 35.14 16.77 -19.39
C LEU A 455 34.34 18.02 -18.96
N HIS A 456 33.14 18.24 -19.49
CA HIS A 456 32.35 19.41 -19.15
C HIS A 456 31.95 19.48 -17.67
N LEU A 457 31.68 18.32 -17.05
CA LEU A 457 31.32 18.25 -15.63
C LEU A 457 32.47 18.64 -14.69
N ARG A 458 33.72 18.71 -15.20
CA ARG A 458 34.87 19.20 -14.44
C ARG A 458 34.71 20.68 -14.08
N LEU A 459 33.91 21.44 -14.87
CA LEU A 459 33.61 22.85 -14.61
C LEU A 459 32.84 23.08 -13.33
N VAL A 460 32.15 22.05 -12.78
CA VAL A 460 31.43 22.24 -11.50
C VAL A 460 32.44 22.61 -10.41
N LYS A 461 33.55 21.87 -10.34
CA LYS A 461 34.61 22.15 -9.38
C LYS A 461 35.48 23.36 -9.81
N ASP A 462 35.96 23.36 -11.04
CA ASP A 462 36.90 24.35 -11.57
C ASP A 462 36.36 25.76 -11.83
N ARG A 463 35.15 25.89 -12.36
CA ARG A 463 34.57 27.18 -12.72
C ARG A 463 33.48 27.64 -11.76
N PHE A 464 32.70 26.69 -11.20
CA PHE A 464 31.56 27.07 -10.36
C PHE A 464 31.73 26.81 -8.87
N ALA A 465 32.97 26.57 -8.41
CA ALA A 465 33.26 26.32 -6.99
C ALA A 465 32.37 25.26 -6.31
N GLY A 466 32.00 24.23 -7.07
CA GLY A 466 31.17 23.14 -6.58
C GLY A 466 29.68 23.39 -6.58
N ASP A 467 29.24 24.56 -7.04
CA ASP A 467 27.82 24.91 -7.07
C ASP A 467 27.17 24.31 -8.32
N VAL A 468 26.45 23.17 -8.13
CA VAL A 468 25.77 22.45 -9.20
C VAL A 468 24.63 23.30 -9.77
N GLN A 469 23.88 23.99 -8.90
CA GLN A 469 22.78 24.86 -9.30
C GLN A 469 23.26 25.95 -10.25
N ALA A 470 24.37 26.62 -9.93
CA ALA A 470 24.91 27.67 -10.79
C ALA A 470 25.42 27.13 -12.11
N TYR A 471 26.00 25.93 -12.12
CA TYR A 471 26.48 25.30 -13.35
C TYR A 471 25.29 24.98 -14.29
N VAL A 472 24.19 24.45 -13.72
CA VAL A 472 23.00 24.12 -14.51
C VAL A 472 22.30 25.40 -14.99
N ASP A 473 22.19 26.41 -14.11
CA ASP A 473 21.58 27.71 -14.47
C ASP A 473 22.32 28.35 -15.62
N ASP A 474 23.65 28.27 -15.60
CA ASP A 474 24.51 28.85 -16.63
C ASP A 474 24.33 28.14 -17.99
N ILE A 475 24.12 26.80 -17.97
CA ILE A 475 23.88 26.02 -19.18
C ILE A 475 22.65 26.58 -19.92
N PHE A 476 21.55 26.80 -19.20
CA PHE A 476 20.33 27.33 -19.80
C PHE A 476 20.40 28.84 -20.12
N ALA A 477 21.02 29.64 -19.26
CA ALA A 477 21.10 31.09 -19.46
C ALA A 477 21.92 31.47 -20.68
N ARG A 478 22.95 30.68 -21.00
CA ARG A 478 23.85 30.98 -22.12
C ARG A 478 23.70 30.11 -23.34
N SER A 479 22.94 29.00 -23.26
CA SER A 479 22.81 28.11 -24.41
C SER A 479 21.79 28.58 -25.43
N VAL A 480 22.11 28.31 -26.68
CA VAL A 480 21.26 28.49 -27.85
C VAL A 480 19.96 27.60 -27.71
N PHE A 481 20.02 26.51 -26.95
CA PHE A 481 18.85 25.65 -26.71
C PHE A 481 18.24 25.85 -25.31
N GLY A 482 18.59 26.95 -24.64
CA GLY A 482 18.08 27.29 -23.31
C GLY A 482 16.65 27.78 -23.30
N SER A 483 16.19 28.31 -24.44
CA SER A 483 14.82 28.82 -24.60
C SER A 483 14.54 29.08 -26.09
N GLU A 484 13.27 29.30 -26.45
CA GLU A 484 12.92 29.57 -27.83
C GLU A 484 13.53 30.87 -28.34
N ALA A 485 13.49 31.93 -27.53
CA ALA A 485 14.06 33.23 -27.91
C ALA A 485 15.58 33.14 -28.11
N GLN A 486 16.26 32.28 -27.33
CA GLN A 486 17.70 32.11 -27.46
C GLN A 486 18.05 31.37 -28.75
N PHE A 487 17.22 30.38 -29.13
CA PHE A 487 17.43 29.65 -30.37
C PHE A 487 17.22 30.57 -31.56
N ASP A 488 16.14 31.36 -31.55
CA ASP A 488 15.82 32.27 -32.65
C ASP A 488 16.89 33.33 -32.88
N ALA A 489 17.48 33.85 -31.80
CA ALA A 489 18.56 34.82 -31.91
C ALA A 489 19.78 34.18 -32.58
N PHE A 490 20.05 32.93 -32.24
CA PHE A 490 21.13 32.15 -32.85
C PHE A 490 20.80 31.90 -34.33
N ALA A 491 19.59 31.45 -34.64
CA ALA A 491 19.14 31.13 -35.99
C ALA A 491 19.22 32.32 -36.94
N ALA A 492 19.03 33.55 -36.42
CA ALA A 492 19.14 34.77 -37.22
C ALA A 492 20.61 35.06 -37.58
N VAL A 493 21.54 34.90 -36.62
CA VAL A 493 22.97 35.12 -36.84
C VAL A 493 23.76 33.89 -36.35
N PRO A 494 23.74 32.78 -37.12
CA PRO A 494 24.42 31.57 -36.66
C PRO A 494 25.92 31.54 -36.90
N SER A 495 26.70 31.37 -35.82
CA SER A 495 28.15 31.25 -35.97
C SER A 495 28.65 29.96 -35.33
N VAL A 496 29.58 29.28 -36.02
CA VAL A 496 30.19 28.03 -35.57
C VAL A 496 30.89 28.23 -34.22
N GLU A 497 31.54 29.39 -34.03
CA GLU A 497 32.24 29.78 -32.81
C GLU A 497 31.30 29.73 -31.60
N LYS A 498 30.02 30.13 -31.80
CA LYS A 498 29.02 30.14 -30.74
C LYS A 498 28.60 28.72 -30.39
N LEU A 499 28.39 27.86 -31.40
CA LEU A 499 27.99 26.47 -31.18
C LEU A 499 29.08 25.64 -30.52
N ALA A 500 30.32 25.77 -31.00
CA ALA A 500 31.46 25.05 -30.46
C ALA A 500 31.74 25.36 -28.97
N GLU A 501 31.25 26.50 -28.47
CA GLU A 501 31.42 26.88 -27.07
C GLU A 501 30.09 26.90 -26.26
N ASP A 502 28.99 26.41 -26.86
CA ASP A 502 27.70 26.38 -26.20
C ASP A 502 27.73 25.42 -24.99
N PRO A 503 27.38 25.92 -23.80
CA PRO A 503 27.43 25.07 -22.60
C PRO A 503 26.55 23.82 -22.66
N MET A 504 25.36 23.90 -23.30
CA MET A 504 24.51 22.73 -23.41
C MET A 504 25.07 21.72 -24.42
N VAL A 505 25.62 22.21 -25.53
CA VAL A 505 26.20 21.34 -26.55
C VAL A 505 27.42 20.64 -25.98
N LEU A 506 28.26 21.37 -25.26
CA LEU A 506 29.46 20.81 -24.65
C LEU A 506 29.08 19.78 -23.58
N PHE A 507 28.02 20.03 -22.77
CA PHE A 507 27.55 19.06 -21.77
C PHE A 507 27.09 17.78 -22.50
N ALA A 508 26.16 17.90 -23.47
CA ALA A 508 25.59 16.78 -24.19
C ALA A 508 26.67 15.95 -24.90
N SER A 509 27.60 16.62 -25.60
CA SER A 509 28.69 15.97 -26.32
C SER A 509 29.59 15.26 -25.35
N SER A 510 29.96 15.93 -24.26
CA SER A 510 30.83 15.40 -23.25
C SER A 510 30.26 14.13 -22.59
N VAL A 511 28.97 14.15 -22.22
CA VAL A 511 28.38 13.02 -21.53
C VAL A 511 28.21 11.85 -22.51
N PHE A 512 27.88 12.12 -23.78
CA PHE A 512 27.75 11.05 -24.77
C PHE A 512 29.14 10.48 -25.13
N ASP A 513 30.19 11.32 -25.13
CA ASP A 513 31.56 10.87 -25.37
C ASP A 513 31.96 9.84 -24.31
N GLU A 514 31.75 10.17 -23.00
CA GLU A 514 32.09 9.30 -21.88
C GLU A 514 31.29 8.01 -21.92
N TYR A 515 30.02 8.12 -22.27
CA TYR A 515 29.08 7.01 -22.37
C TYR A 515 29.55 6.01 -23.43
N ARG A 516 29.99 6.52 -24.61
CA ARG A 516 30.49 5.69 -25.70
C ARG A 516 31.86 5.09 -25.36
N LYS A 517 32.73 5.87 -24.74
CA LYS A 517 34.05 5.41 -24.33
C LYS A 517 33.94 4.24 -23.34
N LEU A 518 33.01 4.34 -22.36
CA LEU A 518 32.80 3.29 -21.37
C LEU A 518 32.23 2.05 -22.01
N TYR A 519 31.29 2.22 -22.94
CA TYR A 519 30.69 1.12 -23.68
C TYR A 519 31.79 0.36 -24.46
N ASN A 520 32.68 1.11 -25.14
CA ASN A 520 33.77 0.51 -25.93
C ASN A 520 34.78 -0.20 -25.06
N GLU A 521 35.06 0.35 -23.89
CA GLU A 521 36.00 -0.29 -22.98
C GLU A 521 35.39 -1.52 -22.29
N LEU A 522 34.07 -1.58 -22.13
CA LEU A 522 33.39 -2.70 -21.48
C LEU A 522 33.07 -3.87 -22.40
N ARG A 523 32.75 -3.59 -23.67
CA ARG A 523 32.38 -4.58 -24.67
C ARG A 523 33.36 -5.79 -24.75
N PRO A 524 34.70 -5.59 -24.78
CA PRO A 524 35.61 -6.74 -24.82
C PRO A 524 35.47 -7.75 -23.66
N TYR A 525 34.94 -7.33 -22.49
CA TYR A 525 34.78 -8.22 -21.37
C TYR A 525 33.65 -9.24 -21.55
N ASP A 526 32.68 -8.97 -22.45
CA ASP A 526 31.57 -9.91 -22.68
C ASP A 526 32.03 -11.25 -23.28
N ASP A 527 33.03 -11.21 -24.18
CA ASP A 527 33.52 -12.40 -24.88
C ASP A 527 34.16 -13.46 -24.00
N PRO A 528 35.13 -13.18 -23.10
CA PRO A 528 35.66 -14.28 -22.24
C PRO A 528 34.57 -14.89 -21.37
N ILE A 529 33.56 -14.09 -20.95
CA ILE A 529 32.46 -14.62 -20.15
C ILE A 529 31.62 -15.56 -21.02
N LEU A 530 31.28 -15.13 -22.25
CA LEU A 530 30.49 -15.98 -23.15
C LEU A 530 31.22 -17.30 -23.46
N ARG A 531 32.52 -17.24 -23.79
CA ARG A 531 33.28 -18.46 -24.08
C ARG A 531 33.37 -19.37 -22.86
N ALA A 532 33.56 -18.78 -21.65
CA ALA A 532 33.61 -19.57 -20.44
C ALA A 532 32.23 -20.18 -20.12
N GLN A 533 31.13 -19.47 -20.44
CA GLN A 533 29.78 -20.00 -20.25
C GLN A 533 29.48 -21.19 -21.11
N ARG A 534 30.09 -21.27 -22.30
CA ARG A 534 29.90 -22.43 -23.19
C ARG A 534 30.46 -23.67 -22.49
N THR A 535 31.64 -23.56 -21.86
CA THR A 535 32.25 -24.64 -21.11
C THR A 535 31.48 -24.93 -19.83
N TYR A 536 31.10 -23.88 -19.09
CA TYR A 536 30.35 -24.01 -17.84
C TYR A 536 29.00 -24.74 -18.04
N ILE A 537 28.20 -24.31 -19.01
CA ILE A 537 26.90 -24.93 -19.28
C ILE A 537 27.07 -26.35 -19.83
N ALA A 538 28.12 -26.60 -20.64
CA ALA A 538 28.39 -27.97 -21.12
C ALA A 538 28.65 -28.92 -19.95
N GLY A 539 29.38 -28.43 -18.93
CA GLY A 539 29.64 -29.21 -17.75
C GLY A 539 28.39 -29.52 -16.97
N LEU A 540 27.54 -28.50 -16.75
CA LEU A 540 26.28 -28.66 -16.04
C LEU A 540 25.38 -29.67 -16.73
N LEU A 541 25.32 -29.62 -18.06
CA LEU A 541 24.52 -30.56 -18.85
C LEU A 541 25.10 -31.98 -18.80
N GLU A 542 26.43 -32.13 -18.90
CA GLU A 542 27.07 -33.43 -18.83
C GLU A 542 26.91 -34.05 -17.43
N MET A 543 26.94 -33.21 -16.38
CA MET A 543 26.81 -33.66 -15.00
C MET A 543 25.38 -34.04 -14.60
N ASP A 544 24.40 -33.17 -14.80
CA ASP A 544 23.03 -33.43 -14.34
C ASP A 544 22.01 -33.65 -15.47
N GLY A 545 22.45 -33.60 -16.71
CA GLY A 545 21.59 -33.83 -17.87
C GLY A 545 20.64 -32.70 -18.24
N ASP A 546 20.10 -32.79 -19.48
CA ASP A 546 19.14 -31.82 -20.04
C ASP A 546 17.71 -32.31 -19.72
N GLN A 547 17.46 -32.56 -18.43
CA GLN A 547 16.17 -33.06 -17.99
C GLN A 547 15.58 -32.08 -17.01
N ASP A 548 16.32 -31.64 -15.98
CA ASP A 548 15.76 -30.67 -15.03
C ASP A 548 16.43 -29.28 -15.10
N GLN A 549 17.13 -28.99 -16.22
CA GLN A 549 17.75 -27.68 -16.48
C GLN A 549 17.55 -27.26 -17.94
N PHE A 550 16.65 -26.30 -18.13
CA PHE A 550 16.22 -25.78 -19.41
C PHE A 550 17.22 -24.74 -19.94
N PRO A 551 17.29 -24.51 -21.26
CA PRO A 551 18.20 -23.48 -21.77
C PRO A 551 17.60 -22.10 -21.48
N ASP A 552 18.45 -21.09 -21.31
CA ASP A 552 17.97 -19.72 -21.09
C ASP A 552 17.00 -19.29 -22.20
N ALA A 553 15.99 -18.47 -21.87
CA ALA A 553 15.08 -17.95 -22.88
C ALA A 553 15.89 -17.10 -23.90
N ASN A 554 15.52 -17.14 -25.17
CA ASN A 554 16.24 -16.44 -26.23
C ASN A 554 15.27 -16.09 -27.39
N LEU A 555 14.02 -15.72 -27.03
CA LEU A 555 12.92 -15.36 -27.91
C LEU A 555 12.46 -16.49 -28.82
N THR A 556 12.63 -17.74 -28.39
CA THR A 556 12.15 -18.88 -29.14
C THR A 556 11.02 -19.58 -28.40
N LEU A 557 10.25 -20.41 -29.16
CA LEU A 557 9.10 -21.16 -28.68
C LEU A 557 9.44 -22.13 -27.57
N ARG A 558 8.76 -21.98 -26.42
CA ARG A 558 8.96 -22.81 -25.24
C ARG A 558 7.62 -23.18 -24.63
N PHE A 559 7.61 -24.28 -23.88
CA PHE A 559 6.44 -24.65 -23.10
C PHE A 559 6.82 -24.62 -21.64
N THR A 560 5.82 -24.40 -20.81
CA THR A 560 5.97 -24.44 -19.37
C THR A 560 4.67 -25.00 -18.81
N TYR A 561 4.74 -25.65 -17.65
CA TYR A 561 3.56 -26.25 -17.04
C TYR A 561 3.63 -26.05 -15.53
N GLY A 562 2.46 -26.05 -14.91
CA GLY A 562 2.35 -25.89 -13.48
C GLY A 562 0.92 -26.08 -13.03
N GLN A 563 0.54 -25.40 -11.96
CA GLN A 563 -0.78 -25.49 -11.41
C GLN A 563 -1.36 -24.11 -11.11
N VAL A 564 -2.69 -24.02 -11.10
CA VAL A 564 -3.42 -22.81 -10.75
C VAL A 564 -3.34 -22.77 -9.23
N LYS A 565 -2.58 -21.81 -8.68
CA LYS A 565 -2.30 -21.79 -7.25
C LYS A 565 -1.90 -20.39 -6.81
N GLY A 566 -2.45 -19.94 -5.69
CA GLY A 566 -2.07 -18.69 -5.08
C GLY A 566 -0.80 -18.85 -4.25
N TYR A 567 -0.53 -17.92 -3.34
CA TYR A 567 0.68 -17.93 -2.50
C TYR A 567 0.57 -16.95 -1.33
N SER A 568 1.46 -17.08 -0.34
CA SER A 568 1.53 -16.15 0.78
C SER A 568 2.66 -15.16 0.54
N PRO A 569 2.36 -13.89 0.27
CA PRO A 569 3.44 -12.90 0.00
C PRO A 569 4.26 -12.51 1.24
N ARG A 570 3.62 -12.56 2.43
CA ARG A 570 4.19 -12.15 3.69
C ARG A 570 3.39 -12.78 4.83
N ASP A 571 3.92 -12.70 6.06
CA ASP A 571 3.33 -13.24 7.28
C ASP A 571 1.84 -12.93 7.41
N ASN A 572 1.01 -13.99 7.53
CA ASN A 572 -0.43 -13.89 7.77
C ASN A 572 -1.26 -13.33 6.60
N VAL A 573 -0.72 -13.35 5.39
CA VAL A 573 -1.43 -12.84 4.23
C VAL A 573 -1.41 -13.92 3.15
N TYR A 574 -2.59 -14.27 2.61
CA TYR A 574 -2.65 -15.24 1.51
C TYR A 574 -3.37 -14.62 0.33
N TYR A 575 -2.80 -14.78 -0.87
CA TYR A 575 -3.45 -14.34 -2.08
C TYR A 575 -3.92 -15.64 -2.74
N GLY A 576 -5.21 -15.75 -3.00
CA GLY A 576 -5.75 -16.93 -3.66
C GLY A 576 -5.38 -17.03 -5.14
N HIS A 577 -5.90 -18.05 -5.80
CA HIS A 577 -5.59 -18.34 -7.18
C HIS A 577 -6.48 -17.63 -8.20
N GLN A 578 -7.62 -17.06 -7.78
CA GLN A 578 -8.57 -16.48 -8.74
C GLN A 578 -9.15 -15.13 -8.29
N THR A 579 -9.23 -14.16 -9.21
CA THR A 579 -9.90 -12.90 -8.90
C THR A 579 -11.27 -12.91 -9.58
N THR A 580 -12.20 -12.12 -9.05
CA THR A 580 -13.56 -12.03 -9.58
C THR A 580 -13.94 -10.59 -9.96
N LEU A 581 -15.08 -10.43 -10.67
CA LEU A 581 -15.63 -9.14 -11.07
C LEU A 581 -15.98 -8.23 -9.87
N ASP A 582 -16.20 -8.83 -8.70
CA ASP A 582 -16.45 -8.06 -7.46
C ASP A 582 -15.20 -7.25 -7.10
N GLY A 583 -14.00 -7.80 -7.38
CA GLY A 583 -12.74 -7.12 -7.11
C GLY A 583 -12.51 -5.91 -7.99
N VAL A 584 -13.06 -5.92 -9.20
CA VAL A 584 -13.03 -4.77 -10.13
C VAL A 584 -13.88 -3.67 -9.47
N MET A 585 -15.09 -4.03 -9.02
CA MET A 585 -16.01 -3.07 -8.41
C MET A 585 -15.48 -2.47 -7.12
N GLU A 586 -14.73 -3.26 -6.32
CA GLU A 586 -14.10 -2.76 -5.09
C GLU A 586 -13.05 -1.69 -5.39
N LYS A 587 -12.34 -1.83 -6.53
CA LYS A 587 -11.28 -0.91 -6.96
C LYS A 587 -11.77 0.31 -7.72
N GLU A 588 -13.05 0.35 -8.11
CA GLU A 588 -13.61 1.48 -8.87
C GLU A 588 -13.41 2.84 -8.17
N ASP A 589 -12.86 3.80 -8.92
CA ASP A 589 -12.66 5.16 -8.46
C ASP A 589 -13.02 6.06 -9.64
N PRO A 590 -14.23 6.64 -9.62
CA PRO A 590 -14.67 7.48 -10.74
C PRO A 590 -13.75 8.66 -11.09
N ASP A 591 -13.14 9.29 -10.08
CA ASP A 591 -12.25 10.43 -10.33
C ASP A 591 -10.78 10.05 -10.46
N ASN A 592 -10.50 8.80 -10.86
CA ASN A 592 -9.15 8.30 -11.10
C ASN A 592 -9.23 7.52 -12.40
N TRP A 593 -8.69 8.09 -13.49
CA TRP A 593 -8.70 7.52 -14.84
C TRP A 593 -8.20 6.08 -14.90
N GLU A 594 -7.27 5.73 -13.99
CA GLU A 594 -6.67 4.40 -13.91
C GLU A 594 -7.69 3.36 -13.44
N PHE A 595 -8.62 3.75 -12.55
CA PHE A 595 -9.57 2.79 -12.01
C PHE A 595 -11.05 3.07 -12.35
N VAL A 596 -11.33 3.63 -13.54
CA VAL A 596 -12.71 3.83 -13.97
C VAL A 596 -13.26 2.48 -14.44
N VAL A 597 -14.55 2.26 -14.20
CA VAL A 597 -15.22 1.03 -14.59
C VAL A 597 -16.24 1.33 -15.70
N ASP A 598 -16.11 0.64 -16.83
CA ASP A 598 -16.99 0.76 -17.98
C ASP A 598 -18.46 0.55 -17.55
N PRO A 599 -19.34 1.49 -17.88
CA PRO A 599 -20.73 1.39 -17.43
C PRO A 599 -21.43 0.10 -17.88
N LYS A 600 -21.13 -0.40 -19.08
CA LYS A 600 -21.72 -1.64 -19.58
C LYS A 600 -21.28 -2.84 -18.70
N LEU A 601 -19.99 -2.85 -18.25
CA LEU A 601 -19.47 -3.90 -17.36
C LEU A 601 -20.07 -3.77 -15.93
N LYS A 602 -20.22 -2.54 -15.43
CA LYS A 602 -20.83 -2.30 -14.13
C LYS A 602 -22.30 -2.83 -14.08
N ALA A 603 -23.07 -2.60 -15.14
CA ALA A 603 -24.44 -3.06 -15.21
C ALA A 603 -24.53 -4.57 -15.35
N VAL A 604 -23.57 -5.20 -16.05
CA VAL A 604 -23.52 -6.66 -16.18
C VAL A 604 -23.34 -7.29 -14.78
N TYR A 605 -22.46 -6.70 -13.97
CA TYR A 605 -22.18 -7.14 -12.61
C TYR A 605 -23.42 -6.96 -11.71
N GLU A 606 -24.06 -5.78 -11.76
CA GLU A 606 -25.23 -5.49 -10.92
C GLU A 606 -26.39 -6.44 -11.21
N ARG A 607 -26.60 -6.72 -12.49
CA ARG A 607 -27.65 -7.60 -13.01
C ARG A 607 -27.29 -9.10 -12.90
N LYS A 608 -26.00 -9.42 -12.65
CA LYS A 608 -25.46 -10.77 -12.64
C LYS A 608 -25.70 -11.45 -14.00
N ASP A 609 -25.59 -10.66 -15.10
CA ASP A 609 -25.80 -11.16 -16.47
C ASP A 609 -24.51 -11.82 -16.94
N PHE A 610 -24.14 -12.92 -16.29
CA PHE A 610 -22.90 -13.63 -16.58
C PHE A 610 -23.06 -14.82 -17.53
N GLY A 611 -24.30 -15.23 -17.81
CA GLY A 611 -24.59 -16.35 -18.69
C GLY A 611 -23.87 -17.63 -18.31
N ARG A 612 -23.25 -18.27 -19.31
CA ARG A 612 -22.50 -19.50 -19.12
C ARG A 612 -21.02 -19.24 -18.74
N TYR A 613 -20.64 -18.00 -18.41
CA TYR A 613 -19.26 -17.62 -18.12
C TYR A 613 -18.94 -17.59 -16.62
N ALA A 614 -19.96 -17.56 -15.75
CA ALA A 614 -19.72 -17.54 -14.31
C ALA A 614 -19.27 -18.92 -13.79
N ASP A 615 -18.65 -18.96 -12.61
CA ASP A 615 -18.27 -20.24 -12.02
C ASP A 615 -19.47 -20.88 -11.25
N ARG A 616 -19.32 -22.12 -10.75
CA ARG A 616 -20.35 -22.87 -10.04
C ARG A 616 -21.08 -22.07 -8.95
N SER A 617 -20.35 -21.20 -8.23
CA SER A 617 -20.97 -20.40 -7.16
C SER A 617 -21.73 -19.15 -7.65
N GLY A 618 -21.77 -18.95 -8.95
CA GLY A 618 -22.43 -17.80 -9.57
C GLY A 618 -21.58 -16.55 -9.64
N ARG A 619 -20.32 -16.64 -9.22
CA ARG A 619 -19.37 -15.55 -9.21
C ARG A 619 -18.70 -15.42 -10.58
N MET A 620 -18.40 -14.19 -10.99
CA MET A 620 -17.80 -13.98 -12.30
C MET A 620 -16.29 -13.91 -12.23
N PRO A 621 -15.57 -14.93 -12.76
CA PRO A 621 -14.10 -14.90 -12.71
C PRO A 621 -13.49 -13.82 -13.61
N VAL A 622 -12.33 -13.29 -13.23
CA VAL A 622 -11.64 -12.28 -14.04
C VAL A 622 -10.26 -12.78 -14.45
N ALA A 623 -9.44 -13.16 -13.48
CA ALA A 623 -8.07 -13.57 -13.74
C ALA A 623 -7.69 -14.69 -12.80
N PHE A 624 -6.67 -15.46 -13.16
CA PHE A 624 -6.13 -16.47 -12.26
C PHE A 624 -4.61 -16.44 -12.30
N CYS A 625 -3.95 -17.11 -11.37
CA CYS A 625 -2.50 -17.18 -11.37
C CYS A 625 -2.02 -18.61 -11.33
N ALA A 626 -0.81 -18.84 -11.85
CA ALA A 626 -0.29 -20.20 -11.95
C ALA A 626 1.20 -20.28 -11.70
N THR A 627 1.69 -21.46 -11.31
CA THR A 627 3.10 -21.73 -11.03
C THR A 627 3.92 -22.01 -12.30
N THR A 628 3.40 -21.66 -13.48
CA THR A 628 4.11 -21.74 -14.75
C THR A 628 5.28 -20.73 -14.70
N HIS A 629 6.32 -21.03 -15.47
CA HIS A 629 7.49 -20.19 -15.51
C HIS A 629 7.48 -19.32 -16.76
N THR A 630 7.12 -18.05 -16.58
CA THR A 630 7.04 -17.10 -17.69
C THR A 630 7.90 -15.84 -17.42
N THR A 631 8.13 -15.06 -18.49
CA THR A 631 8.87 -13.81 -18.44
C THR A 631 8.41 -12.92 -19.63
N GLY A 632 8.94 -11.70 -19.77
CA GLY A 632 8.69 -10.86 -20.95
C GLY A 632 8.92 -11.61 -22.26
N GLY A 633 7.99 -11.49 -23.18
CA GLY A 633 7.95 -12.33 -24.37
C GLY A 633 6.75 -13.27 -24.30
N ASN A 634 6.27 -13.59 -23.05
CA ASN A 634 5.10 -14.44 -22.82
C ASN A 634 3.77 -13.68 -22.77
N SER A 635 3.77 -12.34 -22.96
CA SER A 635 2.50 -11.60 -23.08
C SER A 635 1.63 -12.21 -24.20
N GLY A 636 0.38 -12.53 -23.90
CA GLY A 636 -0.61 -13.08 -24.83
C GLY A 636 -0.53 -14.59 -25.00
N SER A 637 0.35 -15.27 -24.26
CA SER A 637 0.53 -16.72 -24.41
C SER A 637 -0.75 -17.47 -24.07
N PRO A 638 -1.06 -18.50 -24.85
CA PRO A 638 -2.23 -19.32 -24.51
C PRO A 638 -1.98 -20.13 -23.24
N VAL A 639 -2.97 -20.18 -22.35
CA VAL A 639 -2.92 -21.00 -21.15
C VAL A 639 -3.89 -22.14 -21.39
N MET A 640 -3.39 -23.37 -21.28
CA MET A 640 -4.16 -24.57 -21.55
C MET A 640 -4.45 -25.38 -20.30
N ASN A 641 -5.58 -26.06 -20.38
CA ASN A 641 -6.16 -27.11 -19.54
C ASN A 641 -5.28 -28.37 -19.63
N ALA A 642 -5.61 -29.39 -18.80
CA ALA A 642 -5.07 -30.74 -18.91
C ALA A 642 -5.41 -31.36 -20.30
N ASN A 643 -6.50 -30.90 -20.93
CA ASN A 643 -6.94 -31.35 -22.26
C ASN A 643 -6.48 -30.46 -23.42
N GLY A 644 -5.66 -29.44 -23.15
CA GLY A 644 -5.17 -28.53 -24.18
C GLY A 644 -6.14 -27.48 -24.63
N GLU A 645 -7.26 -27.32 -23.91
CA GLU A 645 -8.25 -26.30 -24.25
C GLU A 645 -7.82 -24.97 -23.66
N LEU A 646 -8.13 -23.89 -24.34
CA LEU A 646 -7.78 -22.55 -23.86
C LEU A 646 -8.58 -22.17 -22.61
N ILE A 647 -7.89 -21.86 -21.52
CA ILE A 647 -8.50 -21.39 -20.26
C ILE A 647 -8.14 -19.94 -19.92
N GLY A 648 -7.17 -19.35 -20.61
CA GLY A 648 -6.77 -17.99 -20.36
C GLY A 648 -5.65 -17.51 -21.23
N LEU A 649 -5.25 -16.26 -21.03
CA LEU A 649 -4.13 -15.66 -21.74
C LEU A 649 -3.21 -15.10 -20.70
N ASN A 650 -1.94 -15.45 -20.74
CA ASN A 650 -0.96 -14.87 -19.82
C ASN A 650 -0.75 -13.38 -20.18
N PHE A 651 -0.62 -12.50 -19.16
CA PHE A 651 -0.38 -11.08 -19.45
C PHE A 651 0.63 -10.43 -18.53
N ASP A 652 0.97 -11.06 -17.41
CA ASP A 652 1.94 -10.48 -16.48
C ASP A 652 2.55 -11.56 -15.57
N ARG A 653 3.39 -11.13 -14.63
CA ARG A 653 4.05 -11.93 -13.63
C ARG A 653 4.14 -11.01 -12.38
N ASN A 654 4.02 -11.54 -11.16
CA ASN A 654 4.07 -10.71 -9.96
C ASN A 654 5.52 -10.20 -9.68
N TRP A 655 5.66 -9.05 -8.98
CA TRP A 655 7.00 -8.49 -8.69
C TRP A 655 7.83 -9.46 -7.86
N GLU A 656 7.19 -10.26 -7.00
CA GLU A 656 7.89 -11.27 -6.20
C GLU A 656 8.56 -12.32 -7.08
N GLY A 657 8.10 -12.50 -8.32
CA GLY A 657 8.69 -13.45 -9.24
C GLY A 657 9.63 -12.85 -10.27
N VAL A 658 10.01 -11.52 -10.19
CA VAL A 658 10.97 -11.01 -11.21
C VAL A 658 12.33 -11.74 -11.07
N GLY A 659 12.71 -12.14 -9.85
CA GLY A 659 13.93 -12.92 -9.61
C GLY A 659 13.94 -14.27 -10.33
N GLY A 660 12.77 -14.71 -10.77
CA GLY A 660 12.56 -15.93 -11.54
C GLY A 660 13.35 -16.00 -12.81
N ASP A 661 13.79 -14.85 -13.37
CA ASP A 661 14.66 -14.88 -14.54
C ASP A 661 16.06 -15.46 -14.21
N ILE A 662 16.44 -15.48 -12.93
CA ILE A 662 17.71 -16.05 -12.49
C ILE A 662 17.44 -17.39 -11.78
N GLN A 663 16.41 -17.44 -10.94
CA GLN A 663 16.07 -18.66 -10.21
C GLN A 663 14.56 -18.71 -10.00
N TYR A 664 13.88 -19.71 -10.57
CA TYR A 664 12.44 -19.89 -10.44
C TYR A 664 12.05 -19.96 -8.95
N LEU A 665 11.00 -19.23 -8.54
CA LEU A 665 10.63 -19.17 -7.13
C LEU A 665 9.31 -19.85 -6.91
N ALA A 666 9.32 -21.15 -6.59
CA ALA A 666 8.11 -21.95 -6.44
C ALA A 666 7.07 -21.38 -5.49
N ASP A 667 7.50 -20.80 -4.36
CA ASP A 667 6.57 -20.29 -3.38
C ASP A 667 6.10 -18.86 -3.59
N TYR A 668 6.62 -18.16 -4.62
CA TYR A 668 6.24 -16.76 -4.83
C TYR A 668 5.92 -16.41 -6.26
N GLN A 669 6.66 -16.93 -7.21
CA GLN A 669 6.50 -16.58 -8.62
C GLN A 669 5.23 -17.10 -9.25
N ARG A 670 4.44 -16.22 -9.87
CA ARG A 670 3.21 -16.62 -10.51
C ARG A 670 2.99 -15.88 -11.84
N SER A 671 2.50 -16.63 -12.85
CA SER A 671 2.04 -16.08 -14.10
C SER A 671 0.65 -15.48 -13.81
N ILE A 672 0.39 -14.27 -14.27
CA ILE A 672 -0.88 -13.58 -14.07
C ILE A 672 -1.63 -13.70 -15.38
N ILE A 673 -2.79 -14.38 -15.35
CA ILE A 673 -3.54 -14.78 -16.53
C ILE A 673 -4.97 -14.28 -16.57
N VAL A 674 -5.44 -13.74 -17.71
CA VAL A 674 -6.84 -13.30 -17.81
C VAL A 674 -7.68 -14.54 -18.09
N ASP A 675 -8.74 -14.78 -17.30
CA ASP A 675 -9.60 -15.95 -17.48
C ASP A 675 -10.30 -15.84 -18.85
N ILE A 676 -10.34 -16.94 -19.61
CA ILE A 676 -10.99 -16.94 -20.93
C ILE A 676 -12.50 -16.72 -20.81
N ARG A 677 -13.11 -17.08 -19.66
CA ARG A 677 -14.53 -16.85 -19.41
C ARG A 677 -14.82 -15.35 -19.34
N TYR A 678 -13.88 -14.58 -18.75
CA TYR A 678 -13.98 -13.12 -18.65
C TYR A 678 -13.76 -12.49 -20.03
N VAL A 679 -12.86 -13.06 -20.86
CA VAL A 679 -12.63 -12.62 -22.24
C VAL A 679 -13.94 -12.78 -23.02
N LEU A 680 -14.57 -13.97 -22.90
CA LEU A 680 -15.80 -14.30 -23.61
C LEU A 680 -16.99 -13.49 -23.11
N LEU A 681 -17.01 -13.12 -21.80
CA LEU A 681 -18.02 -12.25 -21.20
C LEU A 681 -17.90 -10.84 -21.82
N VAL A 682 -16.70 -10.28 -21.93
CA VAL A 682 -16.50 -8.94 -22.47
C VAL A 682 -16.87 -8.87 -23.96
N ILE A 683 -16.46 -9.86 -24.76
CA ILE A 683 -16.83 -9.90 -26.19
C ILE A 683 -18.36 -9.90 -26.34
N ASP A 684 -19.05 -10.75 -25.56
CA ASP A 684 -20.49 -10.94 -25.56
C ASP A 684 -21.29 -9.76 -24.95
N LYS A 685 -21.14 -9.50 -23.65
CA LYS A 685 -21.93 -8.48 -22.96
C LYS A 685 -21.41 -7.04 -23.08
N VAL A 686 -20.16 -6.81 -23.49
CA VAL A 686 -19.64 -5.44 -23.60
C VAL A 686 -19.43 -5.01 -25.06
N GLY A 687 -18.98 -5.95 -25.90
CA GLY A 687 -18.80 -5.69 -27.31
C GLY A 687 -20.00 -6.04 -28.17
N GLY A 688 -20.81 -6.99 -27.68
CA GLY A 688 -21.97 -7.49 -28.40
C GLY A 688 -21.59 -8.12 -29.73
N CYS A 689 -20.35 -8.65 -29.82
CA CYS A 689 -19.81 -9.21 -31.06
C CYS A 689 -19.97 -10.71 -31.12
N GLN A 690 -21.23 -11.16 -31.18
CA GLN A 690 -21.66 -12.56 -31.21
C GLN A 690 -21.01 -13.39 -32.31
N ARG A 691 -20.74 -12.79 -33.47
CA ARG A 691 -20.11 -13.52 -34.58
C ARG A 691 -18.73 -14.10 -34.20
N LEU A 692 -18.02 -13.44 -33.28
CA LEU A 692 -16.72 -13.93 -32.81
C LEU A 692 -16.87 -15.16 -31.94
N LEU A 693 -17.90 -15.17 -31.09
CA LEU A 693 -18.24 -16.30 -30.24
C LEU A 693 -18.64 -17.49 -31.12
N ASP A 694 -19.50 -17.24 -32.14
CA ASP A 694 -20.00 -18.26 -33.08
C ASP A 694 -18.91 -18.95 -33.89
N GLU A 695 -17.84 -18.21 -34.25
CA GLU A 695 -16.77 -18.84 -35.04
C GLU A 695 -15.77 -19.65 -34.20
N MET A 696 -15.78 -19.48 -32.87
CA MET A 696 -14.94 -20.25 -31.98
C MET A 696 -15.58 -21.62 -31.69
N ASN A 697 -14.77 -22.61 -31.35
CA ASN A 697 -15.26 -23.92 -30.95
C ASN A 697 -15.23 -23.93 -29.42
N ILE A 698 -16.38 -23.66 -28.80
CA ILE A 698 -16.51 -23.55 -27.35
C ILE A 698 -16.98 -24.87 -26.72
N VAL A 699 -16.20 -25.41 -25.77
CA VAL A 699 -16.52 -26.66 -25.11
C VAL A 699 -17.13 -26.37 -23.72
N PRO A 700 -18.29 -26.98 -23.43
CA PRO A 700 -18.96 -26.75 -22.14
C PRO A 700 -18.17 -27.19 -20.90
N GLU B 3 -20.89 -9.61 18.71
CA GLU B 3 -21.64 -8.45 18.22
C GLU B 3 -21.85 -7.35 19.27
N GLY B 4 -21.88 -7.67 20.55
CA GLY B 4 -22.20 -6.64 21.56
C GLY B 4 -21.20 -6.28 22.61
N MET B 5 -21.50 -5.18 23.31
CA MET B 5 -20.75 -4.70 24.47
C MET B 5 -21.79 -4.79 25.58
N TRP B 6 -21.89 -5.97 26.13
CA TRP B 6 -22.91 -6.34 27.09
C TRP B 6 -22.65 -5.90 28.50
N LEU B 7 -23.71 -5.50 29.18
CA LEU B 7 -23.66 -5.17 30.60
C LEU B 7 -23.33 -6.45 31.38
N MET B 8 -22.71 -6.31 32.55
CA MET B 8 -22.40 -7.47 33.39
C MET B 8 -23.67 -8.23 33.79
N GLN B 9 -24.77 -7.50 34.02
CA GLN B 9 -26.13 -7.99 34.34
C GLN B 9 -26.70 -8.88 33.21
N GLN B 10 -26.31 -8.61 31.97
CA GLN B 10 -26.78 -9.37 30.82
C GLN B 10 -26.03 -10.71 30.64
N LEU B 11 -25.03 -11.03 31.48
CA LEU B 11 -24.31 -12.30 31.38
C LEU B 11 -25.26 -13.51 31.54
N GLY B 12 -26.21 -13.45 32.48
CA GLY B 12 -27.18 -14.52 32.71
C GLY B 12 -27.98 -14.87 31.47
N ARG B 13 -28.46 -13.84 30.75
CA ARG B 13 -29.24 -13.96 29.52
C ARG B 13 -28.41 -14.36 28.29
N LYS B 14 -27.10 -14.15 28.34
CA LYS B 14 -26.20 -14.46 27.22
C LYS B 14 -25.40 -15.76 27.42
N TYR B 15 -25.31 -16.25 28.67
CA TYR B 15 -24.53 -17.41 29.10
C TYR B 15 -24.70 -18.63 28.22
N ALA B 16 -25.96 -19.03 27.92
CA ALA B 16 -26.26 -20.19 27.05
C ALA B 16 -25.68 -20.02 25.65
N GLN B 17 -25.76 -18.80 25.08
CA GLN B 17 -25.17 -18.53 23.77
C GLN B 17 -23.65 -18.61 23.83
N MET B 18 -23.06 -18.13 24.92
CA MET B 18 -21.60 -18.16 25.09
C MET B 18 -21.11 -19.61 25.26
N LYS B 19 -21.89 -20.44 25.98
CA LYS B 19 -21.60 -21.87 26.18
C LYS B 19 -21.67 -22.61 24.85
N GLU B 20 -22.68 -22.30 24.05
CA GLU B 20 -22.82 -22.84 22.69
C GLU B 20 -21.63 -22.42 21.81
N ARG B 21 -21.05 -21.22 22.04
CA ARG B 21 -19.90 -20.73 21.29
C ARG B 21 -18.54 -21.25 21.81
N GLY B 22 -18.51 -21.97 22.92
CA GLY B 22 -17.26 -22.51 23.45
C GLY B 22 -16.91 -22.18 24.90
N LEU B 23 -17.66 -21.28 25.58
CA LEU B 23 -17.33 -20.94 26.98
C LEU B 23 -17.42 -22.16 27.90
N LYS B 24 -16.38 -22.44 28.67
CA LYS B 24 -16.34 -23.59 29.58
C LYS B 24 -16.50 -23.20 31.04
N MET B 25 -16.14 -21.96 31.40
CA MET B 25 -16.19 -21.59 32.80
C MET B 25 -17.65 -21.36 33.29
N LYS B 26 -17.84 -21.54 34.60
CA LYS B 26 -19.14 -21.34 35.22
C LYS B 26 -19.46 -19.83 35.21
N GLU B 27 -20.74 -19.47 35.02
CA GLU B 27 -21.22 -18.10 34.93
C GLU B 27 -20.70 -17.20 36.04
N TYR B 28 -20.90 -17.64 37.30
CA TYR B 28 -20.51 -16.86 38.48
C TYR B 28 -19.01 -16.81 38.73
N ASP B 29 -18.23 -17.65 38.04
CA ASP B 29 -16.76 -17.54 38.12
C ASP B 29 -16.30 -16.37 37.22
N LEU B 30 -17.07 -16.01 36.19
CA LEU B 30 -16.79 -14.89 35.29
C LEU B 30 -17.35 -13.59 35.91
N TYR B 31 -18.64 -13.58 36.24
CA TYR B 31 -19.25 -12.42 36.92
C TYR B 31 -20.20 -12.90 37.99
N ASN B 32 -19.93 -12.54 39.24
CA ASN B 32 -20.81 -12.87 40.33
C ASN B 32 -21.26 -11.55 40.95
N PRO B 33 -22.57 -11.25 40.94
CA PRO B 33 -23.03 -10.00 41.57
C PRO B 33 -22.92 -9.93 43.09
N ASN B 34 -22.66 -11.06 43.79
CA ASN B 34 -22.54 -11.03 45.26
C ASN B 34 -21.48 -11.99 45.74
N GLY B 35 -20.30 -11.88 45.13
CA GLY B 35 -19.16 -12.72 45.42
C GLY B 35 -17.97 -12.40 44.54
N THR B 36 -16.83 -13.07 44.76
CA THR B 36 -15.62 -12.84 43.98
C THR B 36 -15.70 -13.55 42.63
N SER B 37 -15.24 -12.88 41.56
CA SER B 37 -15.24 -13.43 40.21
C SER B 37 -14.11 -12.83 39.34
N LEU B 38 -13.94 -13.32 38.11
CA LEU B 38 -12.94 -12.79 37.19
C LEU B 38 -13.07 -11.30 36.95
N LYS B 39 -14.30 -10.76 37.04
CA LYS B 39 -14.57 -9.32 36.90
C LYS B 39 -13.70 -8.52 37.90
N ASP B 40 -13.42 -9.12 39.08
CA ASP B 40 -12.64 -8.47 40.12
C ASP B 40 -11.16 -8.30 39.80
N ALA B 41 -10.67 -8.93 38.72
CA ALA B 41 -9.29 -8.76 38.29
C ALA B 41 -9.17 -7.69 37.15
N VAL B 42 -10.27 -7.02 36.77
CA VAL B 42 -10.28 -6.02 35.69
C VAL B 42 -10.25 -4.61 36.30
N VAL B 43 -9.42 -3.72 35.75
CA VAL B 43 -9.34 -2.33 36.24
C VAL B 43 -9.50 -1.32 35.09
N LEU B 44 -9.95 -0.13 35.45
CA LEU B 44 -9.94 1.02 34.57
C LEU B 44 -8.60 1.66 34.92
N PHE B 45 -7.68 1.62 33.97
CA PHE B 45 -6.31 2.10 34.11
C PHE B 45 -6.21 3.53 33.65
N ASP B 46 -5.81 4.43 34.56
CA ASP B 46 -5.57 5.83 34.27
C ASP B 46 -6.75 6.55 33.57
N GLY B 47 -7.95 6.27 34.05
CA GLY B 47 -9.17 6.91 33.55
C GLY B 47 -9.64 6.72 32.12
N GLY B 48 -9.02 5.82 31.36
CA GLY B 48 -9.44 5.58 29.98
C GLY B 48 -9.16 4.17 29.49
N CYS B 49 -7.97 3.69 29.77
CA CYS B 49 -7.56 2.38 29.37
C CYS B 49 -8.17 1.31 30.31
N THR B 50 -8.02 0.06 29.90
CA THR B 50 -8.34 -1.08 30.71
C THR B 50 -6.99 -1.72 31.10
N GLY B 51 -7.00 -2.42 32.19
CA GLY B 51 -5.87 -3.20 32.66
C GLY B 51 -6.34 -4.45 33.36
N GLU B 52 -5.40 -5.30 33.78
CA GLU B 52 -5.76 -6.52 34.48
C GLU B 52 -4.72 -6.94 35.46
N VAL B 53 -5.18 -7.43 36.62
CA VAL B 53 -4.33 -7.93 37.69
C VAL B 53 -3.95 -9.35 37.31
N VAL B 54 -2.64 -9.62 37.26
CA VAL B 54 -2.08 -10.91 36.84
C VAL B 54 -1.20 -11.59 37.89
N SER B 55 -1.28 -11.18 39.16
CA SER B 55 -0.55 -11.84 40.24
C SER B 55 -1.18 -11.57 41.60
N ASP B 56 -0.84 -12.40 42.62
CA ASP B 56 -1.29 -12.20 44.00
C ASP B 56 -0.55 -11.03 44.69
N ARG B 57 0.38 -10.36 43.99
CA ARG B 57 1.09 -9.19 44.48
C ARG B 57 0.72 -7.95 43.66
N GLY B 58 -0.48 -7.91 43.08
CA GLY B 58 -0.99 -6.74 42.38
C GLY B 58 -0.32 -6.28 41.10
N LEU B 59 0.34 -7.20 40.40
CA LEU B 59 0.97 -6.88 39.13
C LEU B 59 -0.16 -6.61 38.11
N VAL B 60 -0.02 -5.57 37.29
CA VAL B 60 -1.03 -5.18 36.32
C VAL B 60 -0.45 -5.08 34.91
N LEU B 61 -1.15 -5.67 33.94
CA LEU B 61 -0.76 -5.52 32.53
C LEU B 61 -1.75 -4.58 31.87
N THR B 62 -1.23 -3.75 30.97
CA THR B 62 -2.00 -2.84 30.14
C THR B 62 -1.20 -2.64 28.84
N ASN B 63 -1.64 -1.78 27.92
CA ASN B 63 -0.88 -1.50 26.70
C ASN B 63 0.32 -0.60 26.97
N HIS B 64 1.25 -0.59 26.00
CA HIS B 64 2.42 0.27 26.02
C HIS B 64 1.90 1.71 25.82
N HIS B 65 0.96 1.92 24.88
CA HIS B 65 0.41 3.25 24.68
C HIS B 65 -0.33 3.77 25.89
N CYS B 66 -0.83 2.88 26.76
CA CYS B 66 -1.54 3.25 27.99
C CYS B 66 -0.57 3.72 29.07
N GLY B 67 0.62 3.13 29.13
CA GLY B 67 1.63 3.53 30.09
C GLY B 67 2.69 4.46 29.52
N TYR B 68 2.56 4.82 28.24
CA TYR B 68 3.51 5.66 27.51
C TYR B 68 3.89 6.95 28.29
N ASP B 69 2.90 7.71 28.78
CA ASP B 69 3.17 8.93 29.54
C ASP B 69 4.01 8.66 30.79
N MET B 70 3.72 7.57 31.52
CA MET B 70 4.49 7.24 32.72
C MET B 70 5.92 6.85 32.36
N ILE B 71 6.12 6.12 31.25
CA ILE B 71 7.44 5.70 30.81
C ILE B 71 8.27 6.93 30.40
N GLN B 72 7.65 7.86 29.67
CA GLN B 72 8.27 9.11 29.23
C GLN B 72 8.61 10.06 30.40
N ALA B 73 7.74 10.13 31.43
CA ALA B 73 7.97 10.97 32.60
C ALA B 73 9.15 10.47 33.46
N HIS B 74 9.42 9.17 33.43
CA HIS B 74 10.54 8.59 34.15
C HIS B 74 11.82 8.48 33.29
N SER B 75 11.74 8.85 32.00
CA SER B 75 12.88 8.80 31.09
C SER B 75 13.69 10.09 31.14
N THR B 76 15.01 9.96 31.08
CA THR B 76 15.97 11.05 31.03
C THR B 76 16.93 10.79 29.83
N LEU B 77 17.82 11.75 29.49
CA LEU B 77 18.77 11.51 28.40
C LEU B 77 19.77 10.40 28.81
N GLU B 78 20.04 10.24 30.12
CA GLU B 78 20.93 9.20 30.65
C GLU B 78 20.24 7.81 30.65
N HIS B 79 19.02 7.72 31.18
CA HIS B 79 18.28 6.47 31.21
C HIS B 79 16.97 6.63 30.43
N ASN B 80 17.05 6.55 29.11
CA ASN B 80 15.88 6.70 28.25
C ASN B 80 15.08 5.41 28.23
N TYR B 81 14.15 5.27 29.21
CA TYR B 81 13.28 4.11 29.34
C TYR B 81 12.31 3.98 28.18
N LEU B 82 11.90 5.10 27.57
CA LEU B 82 10.98 5.07 26.45
C LEU B 82 11.59 4.32 25.25
N GLU B 83 12.86 4.59 24.94
CA GLU B 83 13.48 3.94 23.81
C GLU B 83 14.14 2.59 24.17
N ASN B 84 14.72 2.47 25.38
CA ASN B 84 15.41 1.24 25.80
C ASN B 84 14.58 0.22 26.56
N GLY B 85 13.40 0.63 27.02
CA GLY B 85 12.59 -0.21 27.88
C GLY B 85 13.02 -0.02 29.32
N PHE B 86 12.25 -0.58 30.27
CA PHE B 86 12.54 -0.44 31.69
C PHE B 86 12.20 -1.75 32.36
N TRP B 87 13.07 -2.26 33.22
CA TRP B 87 12.82 -3.51 33.94
C TRP B 87 13.31 -3.45 35.36
N ALA B 88 12.40 -3.13 36.30
CA ALA B 88 12.73 -3.04 37.72
C ALA B 88 13.10 -4.45 38.21
N MET B 89 14.34 -4.64 38.69
CA MET B 89 14.78 -5.97 39.12
C MET B 89 14.39 -6.34 40.55
N ARG B 90 13.78 -5.42 41.29
CA ARG B 90 13.25 -5.66 42.61
C ARG B 90 12.05 -4.77 42.79
N GLU B 91 11.12 -5.15 43.68
CA GLU B 91 9.94 -4.33 43.95
C GLU B 91 10.27 -2.90 44.36
N ALA B 92 11.35 -2.72 45.15
CA ALA B 92 11.79 -1.39 45.60
C ALA B 92 12.24 -0.48 44.45
N ASP B 93 12.55 -1.06 43.27
CA ASP B 93 12.94 -0.32 42.08
C ASP B 93 11.76 0.11 41.19
N GLU B 94 10.54 -0.30 41.53
CA GLU B 94 9.36 0.08 40.75
C GLU B 94 9.06 1.57 40.98
N LEU B 95 8.92 2.32 39.89
CA LEU B 95 8.77 3.77 39.91
C LEU B 95 7.36 4.30 40.16
N PRO B 96 7.19 5.11 41.22
CA PRO B 96 5.86 5.69 41.50
C PRO B 96 5.43 6.66 40.41
N ASN B 97 4.11 6.82 40.22
CA ASN B 97 3.60 7.73 39.20
C ASN B 97 2.64 8.73 39.80
N LYS B 98 2.93 10.02 39.67
CA LYS B 98 2.04 11.07 40.16
C LYS B 98 0.82 11.14 39.25
N ASP B 99 -0.37 11.33 39.84
CA ASP B 99 -1.67 11.46 39.16
C ASP B 99 -2.13 10.21 38.41
N ILE B 100 -1.76 9.02 38.90
CA ILE B 100 -2.21 7.78 38.29
C ILE B 100 -3.31 7.15 39.14
N SER B 101 -4.15 6.32 38.53
CA SER B 101 -5.17 5.58 39.27
C SER B 101 -5.54 4.27 38.58
N VAL B 102 -6.03 3.33 39.37
CA VAL B 102 -6.60 2.09 38.91
C VAL B 102 -7.98 1.98 39.62
N VAL B 103 -9.03 1.67 38.86
CA VAL B 103 -10.35 1.55 39.44
C VAL B 103 -10.92 0.12 39.32
N PHE B 104 -11.25 -0.48 40.44
CA PHE B 104 -11.91 -1.78 40.47
C PHE B 104 -13.42 -1.56 40.53
N ILE B 105 -14.20 -2.38 39.81
CA ILE B 105 -15.66 -2.26 39.85
C ILE B 105 -16.18 -3.24 40.89
N ASP B 106 -16.18 -2.81 42.15
CA ASP B 106 -16.56 -3.63 43.29
C ASP B 106 -17.97 -4.22 43.19
N LYS B 107 -18.96 -3.39 42.89
CA LYS B 107 -20.35 -3.84 42.79
C LYS B 107 -21.03 -3.07 41.67
N ILE B 108 -22.05 -3.67 41.08
CA ILE B 108 -22.85 -3.04 40.04
C ILE B 108 -24.30 -3.35 40.39
N GLU B 109 -25.16 -2.35 40.39
CA GLU B 109 -26.55 -2.54 40.77
C GLU B 109 -27.52 -1.81 39.85
N ASP B 110 -28.60 -2.48 39.44
CA ASP B 110 -29.66 -1.84 38.67
C ASP B 110 -30.48 -0.93 39.59
N VAL B 111 -30.42 0.38 39.36
CA VAL B 111 -31.17 1.36 40.15
C VAL B 111 -32.22 2.10 39.31
N THR B 112 -32.67 1.49 38.20
CA THR B 112 -33.64 2.10 37.28
C THR B 112 -34.92 2.57 37.96
N ASP B 113 -35.58 1.70 38.75
CA ASP B 113 -36.84 2.09 39.39
C ASP B 113 -36.64 3.24 40.39
N TYR B 114 -35.51 3.24 41.10
CA TYR B 114 -35.15 4.29 42.04
C TYR B 114 -34.99 5.63 41.28
N VAL B 115 -34.14 5.66 40.24
CA VAL B 115 -33.93 6.88 39.45
C VAL B 115 -35.23 7.38 38.83
N LYS B 116 -36.00 6.49 38.19
CA LYS B 116 -37.28 6.86 37.58
C LYS B 116 -38.28 7.46 38.61
N LYS B 117 -38.31 6.92 39.84
CA LYS B 117 -39.16 7.47 40.90
C LYS B 117 -38.69 8.88 41.31
N GLU B 118 -37.38 9.07 41.45
CA GLU B 118 -36.78 10.36 41.80
C GLU B 118 -37.06 11.39 40.69
N LEU B 119 -37.02 10.95 39.42
CA LEU B 119 -37.25 11.79 38.25
C LEU B 119 -38.70 12.31 38.17
N LYS B 120 -39.67 11.59 38.77
CA LYS B 120 -41.05 12.06 38.80
C LYS B 120 -41.18 13.43 39.51
N ALA B 121 -40.22 13.77 40.38
CA ALA B 121 -40.22 15.06 41.08
C ALA B 121 -39.70 16.24 40.23
N ILE B 122 -39.28 16.01 38.97
CA ILE B 122 -38.71 17.06 38.12
C ILE B 122 -39.70 18.21 37.90
N LYS B 123 -40.85 17.93 37.26
CA LYS B 123 -41.89 18.90 36.88
C LYS B 123 -41.78 19.24 35.39
N ASP B 124 -40.66 19.87 34.96
CA ASP B 124 -40.45 20.21 33.55
C ASP B 124 -40.25 18.91 32.76
N PRO B 125 -41.19 18.57 31.87
CA PRO B 125 -41.07 17.32 31.11
C PRO B 125 -39.86 17.23 30.18
N ASN B 126 -39.29 18.37 29.78
CA ASN B 126 -38.16 18.34 28.87
C ASN B 126 -36.82 18.67 29.60
N SER B 127 -36.78 18.51 30.93
CA SER B 127 -35.57 18.66 31.74
C SER B 127 -34.53 17.58 31.33
N MET B 128 -33.26 17.97 31.30
CA MET B 128 -32.17 17.05 30.95
C MET B 128 -31.44 16.49 32.19
N ASP B 129 -32.05 16.62 33.38
CA ASP B 129 -31.48 16.10 34.62
C ASP B 129 -31.32 14.57 34.59
N TYR B 130 -32.16 13.87 33.82
CA TYR B 130 -32.11 12.41 33.66
C TYR B 130 -30.79 11.92 33.05
N LEU B 131 -30.02 12.82 32.42
CA LEU B 131 -28.70 12.52 31.84
C LEU B 131 -27.58 13.32 32.54
N SER B 132 -27.91 14.21 33.47
CA SER B 132 -26.98 15.08 34.15
C SER B 132 -26.09 14.33 35.18
N PRO B 133 -24.77 14.40 35.01
CA PRO B 133 -23.86 13.74 35.96
C PRO B 133 -23.95 14.31 37.38
N LYS B 134 -24.26 15.60 37.50
CA LYS B 134 -24.43 16.27 38.77
C LYS B 134 -25.71 15.75 39.45
N TYR B 135 -26.83 15.67 38.70
CA TYR B 135 -28.08 15.18 39.26
C TYR B 135 -27.96 13.71 39.65
N LEU B 136 -27.40 12.88 38.74
CA LEU B 136 -27.23 11.45 39.00
C LEU B 136 -26.30 11.18 40.19
N GLN B 137 -25.27 12.02 40.41
CA GLN B 137 -24.36 11.90 41.57
C GLN B 137 -25.11 12.22 42.86
N LYS B 138 -26.04 13.19 42.81
CA LYS B 138 -26.87 13.52 43.97
C LYS B 138 -27.73 12.29 44.34
N LEU B 139 -28.25 11.57 43.34
CA LEU B 139 -29.04 10.36 43.60
C LEU B 139 -28.18 9.23 44.13
N ALA B 140 -26.94 9.10 43.61
CA ALA B 140 -25.99 8.05 44.03
C ALA B 140 -25.61 8.22 45.54
N ASP B 141 -25.22 9.46 45.94
CA ASP B 141 -24.89 9.80 47.33
C ASP B 141 -26.08 9.54 48.25
N LYS B 142 -27.30 9.88 47.80
CA LYS B 142 -28.51 9.69 48.59
C LYS B 142 -28.73 8.20 48.86
N LYS B 143 -28.53 7.36 47.85
CA LYS B 143 -28.74 5.93 48.00
C LYS B 143 -27.64 5.26 48.82
N ALA B 144 -26.36 5.61 48.59
CA ALA B 144 -25.26 5.01 49.32
C ALA B 144 -25.24 5.43 50.80
N GLY B 145 -25.66 6.65 51.09
CA GLY B 145 -25.70 7.15 52.46
C GLY B 145 -24.87 8.40 52.67
N LYS B 146 -25.28 9.23 53.67
CA LYS B 146 -24.66 10.51 54.05
C LYS B 146 -23.12 10.48 54.02
N ASN B 147 -22.48 9.63 54.86
CA ASN B 147 -21.00 9.55 54.84
C ASN B 147 -20.47 8.16 54.40
N PHE B 148 -20.90 7.68 53.22
CA PHE B 148 -20.50 6.39 52.68
C PHE B 148 -18.98 6.20 52.53
N SER B 149 -18.28 7.19 51.93
CA SER B 149 -16.84 7.06 51.72
C SER B 149 -16.02 7.03 53.02
N ALA B 150 -16.50 7.68 54.09
CA ALA B 150 -15.81 7.63 55.38
C ALA B 150 -16.03 6.24 56.00
N LYS B 151 -17.25 5.69 55.88
CA LYS B 151 -17.56 4.36 56.44
C LYS B 151 -16.97 3.21 55.61
N ASN B 152 -16.66 3.47 54.33
CA ASN B 152 -16.13 2.48 53.41
C ASN B 152 -14.92 3.08 52.68
N PRO B 153 -13.77 3.26 53.38
CA PRO B 153 -12.61 3.92 52.75
C PRO B 153 -12.11 3.24 51.46
N GLY B 154 -11.82 4.09 50.48
CA GLY B 154 -11.39 3.69 49.14
C GLY B 154 -12.55 3.47 48.17
N LEU B 155 -13.79 3.34 48.70
CA LEU B 155 -15.00 3.11 47.91
C LEU B 155 -15.78 4.39 47.63
N SER B 156 -16.25 4.53 46.39
CA SER B 156 -17.11 5.63 45.92
C SER B 156 -18.24 5.04 45.03
N VAL B 157 -19.33 5.77 44.85
CA VAL B 157 -20.46 5.31 44.05
C VAL B 157 -20.73 6.23 42.88
N GLU B 158 -21.29 5.68 41.80
CA GLU B 158 -21.61 6.48 40.63
C GLU B 158 -22.82 5.90 39.89
N ILE B 159 -23.78 6.75 39.48
CA ILE B 159 -24.93 6.29 38.69
C ILE B 159 -24.76 6.77 37.25
N LYS B 160 -25.00 5.88 36.30
CA LYS B 160 -24.92 6.21 34.90
C LYS B 160 -26.21 5.82 34.18
N ALA B 161 -26.58 6.57 33.14
CA ALA B 161 -27.72 6.29 32.29
C ALA B 161 -27.28 5.35 31.17
N PHE B 162 -28.19 4.48 30.74
CA PHE B 162 -27.95 3.54 29.64
C PHE B 162 -29.21 3.51 28.80
N TYR B 163 -29.08 3.07 27.52
CA TYR B 163 -30.23 2.95 26.62
C TYR B 163 -30.99 4.28 26.48
N GLY B 164 -30.26 5.39 26.38
CA GLY B 164 -30.85 6.72 26.26
C GLY B 164 -31.67 7.20 27.46
N GLY B 165 -31.38 6.68 28.65
CA GLY B 165 -32.12 7.06 29.85
C GLY B 165 -33.22 6.09 30.24
N ASN B 166 -33.19 4.86 29.68
CA ASN B 166 -34.19 3.85 30.02
C ASN B 166 -33.71 2.80 31.04
N LEU B 167 -32.43 2.85 31.42
CA LEU B 167 -31.84 1.94 32.38
C LEU B 167 -30.75 2.71 33.14
N TYR B 168 -30.64 2.51 34.46
CA TYR B 168 -29.62 3.16 35.26
C TYR B 168 -28.91 2.13 36.12
N LEU B 169 -27.59 2.20 36.18
CA LEU B 169 -26.79 1.31 37.03
C LEU B 169 -25.99 2.15 37.98
N MET B 170 -25.83 1.67 39.20
CA MET B 170 -24.98 2.27 40.18
C MET B 170 -23.74 1.40 40.33
N PHE B 171 -22.56 2.00 40.21
CA PHE B 171 -21.32 1.29 40.34
C PHE B 171 -20.68 1.66 41.67
N THR B 172 -20.17 0.66 42.39
CA THR B 172 -19.40 0.92 43.60
C THR B 172 -17.95 0.67 43.17
N LYS B 173 -17.13 1.70 43.19
CA LYS B 173 -15.74 1.66 42.74
C LYS B 173 -14.73 1.69 43.88
N LYS B 174 -13.63 0.98 43.72
CA LYS B 174 -12.54 0.99 44.70
C LYS B 174 -11.35 1.54 43.91
N THR B 175 -10.82 2.73 44.30
CA THR B 175 -9.75 3.38 43.53
C THR B 175 -8.41 3.36 44.25
N TYR B 176 -7.34 2.95 43.56
CA TYR B 176 -5.98 2.93 44.11
C TYR B 176 -5.15 3.99 43.37
N THR B 177 -4.43 4.83 44.12
CA THR B 177 -3.68 5.91 43.48
C THR B 177 -2.16 5.74 43.56
N ASP B 178 -1.68 4.65 44.14
CA ASP B 178 -0.26 4.33 44.17
C ASP B 178 -0.09 3.15 43.20
N VAL B 179 0.27 3.44 41.95
CA VAL B 179 0.42 2.42 40.91
C VAL B 179 1.77 2.68 40.27
N ARG B 180 2.70 1.79 40.48
CA ARG B 180 4.08 1.99 40.06
C ARG B 180 4.49 1.28 38.77
N LEU B 181 5.37 1.89 37.98
CA LEU B 181 5.92 1.33 36.74
C LEU B 181 6.85 0.18 37.10
N VAL B 182 6.59 -0.99 36.53
CA VAL B 182 7.36 -2.20 36.80
C VAL B 182 8.23 -2.59 35.60
N GLY B 183 7.62 -2.55 34.42
CA GLY B 183 8.32 -2.95 33.21
C GLY B 183 7.68 -2.44 31.95
N ALA B 184 8.47 -2.31 30.90
CA ALA B 184 8.01 -1.89 29.61
C ALA B 184 9.02 -2.32 28.58
N PRO B 185 8.55 -2.81 27.42
CA PRO B 185 9.49 -3.14 26.35
C PRO B 185 10.04 -1.83 25.76
N PRO B 186 11.13 -1.88 24.94
CA PRO B 186 11.55 -0.66 24.23
C PRO B 186 10.42 -0.19 23.30
N SER B 187 10.47 1.07 22.89
CA SER B 187 9.46 1.62 21.98
C SER B 187 9.41 0.90 20.64
N SER B 188 10.54 0.32 20.21
CA SER B 188 10.63 -0.44 18.96
C SER B 188 9.70 -1.68 19.02
N ILE B 189 9.44 -2.23 20.22
CA ILE B 189 8.50 -3.35 20.37
C ILE B 189 7.08 -2.85 20.73
N GLY B 190 6.99 -2.00 21.74
CA GLY B 190 5.73 -1.46 22.25
C GLY B 190 4.93 -0.65 21.25
N LYS B 191 5.64 -0.04 20.32
CA LYS B 191 5.02 0.78 19.30
C LYS B 191 5.73 0.49 17.96
N PHE B 192 5.95 -0.80 17.59
CA PHE B 192 6.67 -1.21 16.36
C PHE B 192 6.25 -0.50 15.06
N GLY B 193 4.97 -0.51 14.71
CA GLY B 193 4.56 0.18 13.48
C GLY B 193 4.80 1.69 13.57
N ALA B 194 4.81 2.20 14.82
CA ALA B 194 4.84 3.58 15.32
C ALA B 194 3.39 4.05 14.93
N ASP B 195 3.15 4.97 13.98
CA ASP B 195 1.80 5.29 13.54
C ASP B 195 1.48 4.66 12.17
N THR B 196 2.48 4.09 11.44
CA THR B 196 2.26 3.44 10.14
C THR B 196 1.29 2.23 10.21
N ASP B 197 1.38 1.44 11.29
CA ASP B 197 0.53 0.25 11.45
C ASP B 197 -0.71 0.52 12.31
N ASN B 198 -1.00 1.78 12.69
CA ASN B 198 -2.21 2.11 13.46
C ASN B 198 -3.45 1.75 12.63
N TRP B 199 -4.40 1.04 13.24
CA TRP B 199 -5.63 0.51 12.60
C TRP B 199 -5.32 -0.60 11.62
N ILE B 200 -4.10 -1.19 11.65
CA ILE B 200 -3.73 -2.19 10.64
C ILE B 200 -3.67 -3.60 11.17
N TRP B 201 -4.29 -4.50 10.44
CA TRP B 201 -4.14 -5.93 10.62
C TRP B 201 -3.72 -6.44 9.22
N PRO B 202 -2.68 -7.30 9.07
CA PRO B 202 -1.82 -7.91 10.10
C PRO B 202 -1.03 -6.89 10.93
N ARG B 203 -0.79 -7.20 12.21
CA ARG B 203 -0.09 -6.30 13.12
C ARG B 203 0.97 -7.07 13.88
N HIS B 204 2.11 -6.43 14.12
CA HIS B 204 3.27 -7.09 14.73
C HIS B 204 3.84 -6.34 15.92
N THR B 205 2.96 -5.66 16.63
CA THR B 205 3.31 -4.81 17.75
C THR B 205 3.13 -5.50 19.11
N GLY B 206 4.19 -5.49 19.92
CA GLY B 206 4.13 -5.99 21.29
C GLY B 206 3.65 -4.90 22.24
N ASP B 207 2.41 -4.45 22.03
CA ASP B 207 1.81 -3.35 22.80
C ASP B 207 1.44 -3.69 24.23
N PHE B 208 2.43 -3.68 25.13
CA PHE B 208 2.20 -3.94 26.55
C PHE B 208 3.14 -3.11 27.44
N SER B 209 2.74 -2.91 28.68
CA SER B 209 3.50 -2.27 29.75
C SER B 209 3.00 -2.86 31.06
N ILE B 210 3.84 -2.85 32.10
CA ILE B 210 3.59 -3.50 33.38
C ILE B 210 3.67 -2.52 34.55
N PHE B 211 2.65 -2.57 35.39
CA PHE B 211 2.55 -1.72 36.57
C PHE B 211 2.27 -2.58 37.81
N ARG B 212 2.25 -1.96 39.00
CA ARG B 212 1.91 -2.69 40.21
C ARG B 212 1.09 -1.81 41.13
N ILE B 213 -0.04 -2.33 41.61
CA ILE B 213 -0.88 -1.59 42.53
C ILE B 213 -0.31 -1.72 43.93
N TYR B 214 -0.11 -0.59 44.59
CA TYR B 214 0.33 -0.52 45.98
C TYR B 214 -0.82 0.00 46.84
N ALA B 215 -0.80 -0.35 48.13
CA ALA B 215 -1.85 0.03 49.08
C ALA B 215 -1.27 0.07 50.53
N ASP B 216 -2.07 0.48 51.54
CA ASP B 216 -1.58 0.47 52.92
C ASP B 216 -1.43 -1.00 53.40
N LYS B 217 -0.95 -1.21 54.63
CA LYS B 217 -0.75 -2.56 55.18
C LYS B 217 -1.98 -3.48 55.12
N ASN B 218 -3.20 -2.91 55.09
CA ASN B 218 -4.41 -3.74 55.06
C ASN B 218 -5.04 -3.90 53.66
N GLY B 219 -4.30 -3.54 52.62
CA GLY B 219 -4.83 -3.63 51.25
C GLY B 219 -5.81 -2.53 50.90
N ASN B 220 -5.92 -1.50 51.73
CA ASN B 220 -6.82 -0.38 51.49
C ASN B 220 -6.11 0.69 50.69
N PRO B 221 -6.85 1.37 49.78
CA PRO B 221 -6.25 2.44 48.98
C PRO B 221 -5.53 3.50 49.79
N ALA B 222 -4.39 3.94 49.27
CA ALA B 222 -3.60 4.96 49.93
C ALA B 222 -2.81 5.72 48.88
N PRO B 223 -2.67 7.06 49.01
CA PRO B 223 -1.80 7.79 48.07
C PRO B 223 -0.35 7.32 48.21
N TYR B 224 0.55 7.72 47.28
CA TYR B 224 1.95 7.30 47.37
C TYR B 224 2.57 7.54 48.77
N SER B 225 3.25 6.49 49.28
CA SER B 225 3.96 6.50 50.54
C SER B 225 5.06 5.44 50.47
N GLU B 226 6.24 5.75 51.04
CA GLU B 226 7.35 4.81 51.11
C GLU B 226 6.96 3.54 51.87
N ASP B 227 5.99 3.64 52.82
CA ASP B 227 5.48 2.53 53.62
C ASP B 227 4.45 1.66 52.88
N ASN B 228 4.06 2.04 51.65
CA ASN B 228 3.07 1.25 50.91
C ASN B 228 3.63 -0.08 50.48
N VAL B 229 2.78 -1.09 50.53
CA VAL B 229 3.08 -2.48 50.24
C VAL B 229 2.22 -2.96 49.05
N PRO B 230 2.71 -3.89 48.18
CA PRO B 230 1.89 -4.36 47.05
C PRO B 230 0.52 -4.89 47.48
N LEU B 231 -0.50 -4.67 46.64
CA LEU B 231 -1.84 -5.11 46.95
C LEU B 231 -1.99 -6.59 46.71
N LYS B 232 -2.56 -7.33 47.69
CA LYS B 232 -2.87 -8.74 47.51
C LYS B 232 -4.35 -8.73 47.08
N PRO B 233 -4.61 -8.87 45.78
CA PRO B 233 -6.00 -8.78 45.30
C PRO B 233 -6.79 -10.04 45.61
N LYS B 234 -8.11 -9.90 45.61
CA LYS B 234 -8.98 -11.05 45.81
C LYS B 234 -9.07 -11.95 44.57
N ARG B 235 -8.65 -11.45 43.38
CA ARG B 235 -8.68 -12.21 42.15
C ARG B 235 -7.62 -11.70 41.17
N PHE B 236 -7.01 -12.60 40.45
CA PHE B 236 -6.06 -12.27 39.41
C PHE B 236 -6.18 -13.29 38.28
N PHE B 237 -5.73 -12.93 37.08
CA PHE B 237 -5.81 -13.84 35.95
C PHE B 237 -4.66 -14.85 35.95
N ASN B 238 -4.95 -16.10 35.59
CA ASN B 238 -3.91 -17.09 35.33
C ASN B 238 -3.47 -16.82 33.87
N ILE B 239 -2.18 -16.96 33.57
CA ILE B 239 -1.69 -16.75 32.22
C ILE B 239 -1.69 -18.09 31.49
N SER B 240 -2.35 -18.18 30.33
CA SER B 240 -2.33 -19.42 29.55
C SER B 240 -1.13 -19.47 28.61
N LEU B 241 -0.46 -20.62 28.56
CA LEU B 241 0.57 -20.84 27.54
C LEU B 241 0.07 -21.81 26.43
N GLY B 242 -1.21 -22.18 26.46
CA GLY B 242 -1.83 -23.04 25.46
C GLY B 242 -2.02 -22.38 24.10
N GLY B 243 -1.90 -21.06 24.06
CA GLY B 243 -2.04 -20.30 22.83
C GLY B 243 -3.45 -20.27 22.27
N VAL B 244 -3.54 -19.96 20.97
CA VAL B 244 -4.82 -19.89 20.28
C VAL B 244 -4.75 -20.66 18.96
N GLN B 245 -5.92 -21.11 18.52
CA GLN B 245 -6.16 -21.77 17.25
C GLN B 245 -7.30 -21.05 16.58
N GLU B 246 -7.37 -21.14 15.25
CA GLU B 246 -8.47 -20.57 14.49
C GLU B 246 -9.83 -21.14 15.00
N ASN B 247 -10.82 -20.27 15.22
CA ASN B 247 -12.17 -20.60 15.71
C ASN B 247 -12.26 -20.74 17.21
N ASP B 248 -11.15 -20.60 17.95
CA ASP B 248 -11.22 -20.69 19.43
C ASP B 248 -12.11 -19.60 19.98
N TYR B 249 -12.81 -19.91 21.06
CA TYR B 249 -13.61 -18.95 21.76
C TYR B 249 -12.68 -17.96 22.44
N ALA B 250 -13.03 -16.68 22.37
CA ALA B 250 -12.30 -15.62 23.03
C ALA B 250 -13.31 -14.64 23.63
N MET B 251 -12.97 -14.05 24.78
CA MET B 251 -13.82 -13.04 25.37
C MET B 251 -12.99 -11.93 25.99
N ILE B 252 -13.59 -10.76 26.11
CA ILE B 252 -12.91 -9.59 26.66
C ILE B 252 -13.83 -8.87 27.64
N MET B 253 -13.21 -8.28 28.67
CA MET B 253 -13.88 -7.38 29.60
C MET B 253 -13.10 -6.07 29.53
N GLY B 254 -13.82 -4.96 29.50
CA GLY B 254 -13.17 -3.65 29.41
C GLY B 254 -14.13 -2.50 29.53
N PHE B 255 -13.64 -1.30 29.23
CA PHE B 255 -14.44 -0.08 29.38
C PHE B 255 -14.60 0.65 28.05
N PRO B 256 -15.37 0.09 27.08
CA PRO B 256 -15.55 0.80 25.80
C PRO B 256 -16.16 2.17 26.02
N GLY B 257 -15.62 3.16 25.34
CA GLY B 257 -16.00 4.55 25.51
C GLY B 257 -17.34 4.95 24.93
N THR B 258 -17.46 4.99 23.59
CA THR B 258 -18.72 5.43 22.98
C THR B 258 -19.06 4.62 21.74
N THR B 259 -20.34 4.47 21.45
CA THR B 259 -20.84 3.87 20.22
C THR B 259 -22.10 4.66 19.84
N HIS B 260 -22.62 4.43 18.65
CA HIS B 260 -23.82 5.12 18.18
C HIS B 260 -24.67 4.12 17.44
N ARG B 261 -24.97 3.02 18.12
CA ARG B 261 -25.75 1.91 17.61
C ARG B 261 -27.22 2.27 17.32
N TYR B 262 -27.73 3.35 17.94
CA TYR B 262 -29.13 3.74 17.73
C TYR B 262 -29.29 4.99 16.88
N PHE B 263 -28.28 5.29 16.03
CA PHE B 263 -28.35 6.44 15.11
C PHE B 263 -29.51 6.22 14.15
N THR B 264 -30.18 7.31 13.76
CA THR B 264 -31.17 7.21 12.69
C THR B 264 -30.37 7.20 11.37
N ALA B 265 -31.03 6.87 10.26
CA ALA B 265 -30.42 6.94 8.95
C ALA B 265 -29.95 8.39 8.65
N SER B 266 -30.71 9.41 9.11
CA SER B 266 -30.34 10.83 8.92
C SER B 266 -29.07 11.22 9.70
N GLU B 267 -28.86 10.65 10.88
CA GLU B 267 -27.66 10.88 11.67
C GLU B 267 -26.43 10.18 11.01
N VAL B 268 -26.64 9.02 10.36
CA VAL B 268 -25.56 8.35 9.61
C VAL B 268 -25.18 9.27 8.41
N ASP B 269 -26.16 9.85 7.71
CA ASP B 269 -25.91 10.74 6.56
C ASP B 269 -25.15 11.99 6.99
N GLU B 270 -25.52 12.54 8.14
CA GLU B 270 -24.88 13.73 8.69
C GLU B 270 -23.44 13.42 9.07
N TRP B 271 -23.22 12.27 9.71
CA TRP B 271 -21.88 11.84 10.13
C TRP B 271 -20.95 11.72 8.89
N LYS B 272 -21.45 11.15 7.81
CA LYS B 272 -20.71 11.02 6.57
C LYS B 272 -20.48 12.38 5.90
N SER B 273 -21.55 13.10 5.56
CA SER B 273 -21.51 14.28 4.71
C SER B 273 -21.02 15.54 5.36
N ILE B 274 -21.03 15.62 6.69
CA ILE B 274 -20.54 16.79 7.38
C ILE B 274 -19.27 16.44 8.13
N ASP B 275 -19.39 15.71 9.24
CA ASP B 275 -18.29 15.36 10.14
C ASP B 275 -17.14 14.74 9.42
N ASN B 276 -17.37 13.59 8.76
CA ASN B 276 -16.32 12.84 8.09
C ASN B 276 -15.80 13.51 6.82
N ASP B 277 -16.67 13.97 5.91
CA ASP B 277 -16.18 14.59 4.66
C ASP B 277 -15.36 15.86 4.91
N ILE B 278 -15.76 16.69 5.88
CA ILE B 278 -15.02 17.92 6.18
C ILE B 278 -13.70 17.59 6.82
N ARG B 279 -13.70 16.69 7.85
CA ARG B 279 -12.44 16.27 8.48
C ARG B 279 -11.48 15.65 7.43
N ILE B 280 -11.98 14.80 6.53
CA ILE B 280 -11.15 14.18 5.48
C ILE B 280 -10.57 15.25 4.54
N ARG B 281 -11.43 16.12 4.01
CA ARG B 281 -11.01 17.15 3.07
C ARG B 281 -10.01 18.15 3.69
N MET B 282 -10.32 18.69 4.87
CA MET B 282 -9.46 19.67 5.52
C MET B 282 -8.14 19.09 5.97
N ARG B 283 -8.16 17.86 6.52
CA ARG B 283 -6.92 17.23 6.98
C ARG B 283 -6.06 16.81 5.80
N ASP B 284 -6.65 16.43 4.67
CA ASP B 284 -5.85 16.09 3.49
C ASP B 284 -5.09 17.35 3.00
N ILE B 285 -5.73 18.53 3.04
CA ILE B 285 -5.06 19.77 2.63
C ILE B 285 -3.92 20.08 3.59
N ARG B 286 -4.20 20.07 4.90
CA ARG B 286 -3.24 20.40 5.95
C ARG B 286 -2.01 19.47 5.88
N GLN B 287 -2.27 18.15 5.85
CA GLN B 287 -1.26 17.10 5.79
C GLN B 287 -0.45 17.16 4.50
N GLY B 288 -1.08 17.47 3.37
CA GLY B 288 -0.39 17.61 2.10
C GLY B 288 0.66 18.70 2.13
N VAL B 289 0.31 19.88 2.70
CA VAL B 289 1.26 21.00 2.80
C VAL B 289 2.37 20.65 3.79
N MET B 290 2.00 20.10 4.96
CA MET B 290 2.97 19.69 5.97
C MET B 290 3.97 18.66 5.45
N LEU B 291 3.51 17.64 4.73
CA LEU B 291 4.36 16.61 4.16
C LEU B 291 5.34 17.18 3.15
N ARG B 292 4.88 18.05 2.20
CA ARG B 292 5.78 18.69 1.23
C ARG B 292 6.93 19.42 1.97
N GLU B 293 6.58 20.16 3.06
CA GLU B 293 7.56 20.93 3.80
C GLU B 293 8.50 20.06 4.61
N MET B 294 7.99 18.97 5.19
CA MET B 294 8.80 18.04 5.96
C MET B 294 9.77 17.29 5.05
N LEU B 295 9.32 16.88 3.84
CA LEU B 295 10.19 16.17 2.89
C LEU B 295 11.28 17.05 2.29
N ALA B 296 11.09 18.37 2.28
CA ALA B 296 12.05 19.29 1.68
C ALA B 296 13.09 19.80 2.66
N ASP B 297 12.79 19.81 3.96
CA ASP B 297 13.70 20.31 4.98
C ASP B 297 13.72 19.35 6.17
N PRO B 298 14.86 18.67 6.40
CA PRO B 298 14.95 17.75 7.54
C PRO B 298 14.67 18.36 8.90
N GLN B 299 14.91 19.67 9.06
CA GLN B 299 14.64 20.37 10.30
C GLN B 299 13.11 20.56 10.46
N ILE B 300 12.37 20.80 9.35
CA ILE B 300 10.91 20.90 9.38
C ILE B 300 10.28 19.54 9.70
N LYS B 301 10.89 18.45 9.21
CA LYS B 301 10.44 17.10 9.50
C LYS B 301 10.50 16.83 11.02
N ILE B 302 11.57 17.29 11.68
CA ILE B 302 11.74 17.14 13.12
C ILE B 302 10.68 17.94 13.88
N MET B 303 10.52 19.21 13.52
CA MET B 303 9.54 20.07 14.18
C MET B 303 8.08 19.66 13.98
N TYR B 304 7.71 19.17 12.78
CA TYR B 304 6.32 18.89 12.44
C TYR B 304 5.90 17.42 12.42
N SER B 305 6.79 16.48 12.73
CA SER B 305 6.45 15.06 12.73
C SER B 305 5.34 14.68 13.69
N ALA B 306 5.38 15.21 14.90
CA ALA B 306 4.36 14.92 15.90
C ALA B 306 3.00 15.54 15.51
N LYS B 307 2.99 16.80 15.07
CA LYS B 307 1.76 17.48 14.66
C LYS B 307 1.10 16.78 13.46
N TYR B 308 1.93 16.30 12.54
CA TYR B 308 1.45 15.61 11.36
C TYR B 308 0.82 14.27 11.75
N ALA B 309 1.46 13.54 12.69
CA ALA B 309 0.98 12.24 13.17
C ALA B 309 -0.33 12.38 13.94
N ALA B 310 -0.43 13.41 14.77
CA ALA B 310 -1.64 13.70 15.53
C ALA B 310 -2.84 14.02 14.61
N SER B 311 -2.60 14.67 13.46
CA SER B 311 -3.67 15.02 12.53
C SER B 311 -4.16 13.76 11.79
N GLN B 312 -3.20 12.90 11.38
CA GLN B 312 -3.42 11.66 10.65
C GLN B 312 -4.29 10.62 11.37
N ASN B 313 -4.24 10.56 12.71
CA ASN B 313 -5.01 9.52 13.41
C ASN B 313 -6.51 9.59 13.19
N ALA B 314 -7.15 10.77 13.43
CA ALA B 314 -8.60 10.87 13.23
C ALA B 314 -8.95 10.95 11.73
N TYR B 315 -8.00 11.37 10.88
CA TYR B 315 -8.13 11.37 9.43
C TYR B 315 -8.32 9.93 8.97
N LYS B 316 -7.47 9.02 9.46
CA LYS B 316 -7.57 7.60 9.07
C LYS B 316 -8.87 6.97 9.57
N ARG B 317 -9.30 7.37 10.78
CA ARG B 317 -10.53 6.88 11.39
C ARG B 317 -11.71 7.27 10.54
N ALA B 318 -11.76 8.53 10.10
CA ALA B 318 -12.83 9.07 9.24
C ALA B 318 -12.87 8.38 7.86
N ILE B 319 -11.69 8.03 7.29
CA ILE B 319 -11.61 7.30 6.02
C ILE B 319 -12.22 5.91 6.24
N GLY B 320 -11.81 5.24 7.31
CA GLY B 320 -12.35 3.92 7.63
C GLY B 320 -13.85 3.93 7.87
N ALA B 321 -14.35 4.95 8.57
CA ALA B 321 -15.79 5.11 8.85
C ALA B 321 -16.58 5.34 7.56
N ASN B 322 -16.08 6.22 6.67
CA ASN B 322 -16.75 6.50 5.40
C ASN B 322 -16.76 5.28 4.46
N TRP B 323 -15.72 4.43 4.56
CA TRP B 323 -15.69 3.19 3.77
C TRP B 323 -16.86 2.28 4.21
N ALA B 324 -17.13 2.18 5.52
CA ALA B 324 -18.25 1.33 6.00
C ALA B 324 -19.60 1.90 5.56
N ILE B 325 -19.77 3.23 5.63
CA ILE B 325 -21.01 3.87 5.21
C ILE B 325 -21.27 3.62 3.72
N LYS B 326 -20.21 3.67 2.90
CA LYS B 326 -20.34 3.45 1.47
C LYS B 326 -20.52 1.97 1.08
N THR B 327 -19.86 1.05 1.80
CA THR B 327 -19.84 -0.34 1.38
C THR B 327 -20.65 -1.32 2.23
N ARG B 328 -20.91 -1.01 3.50
CA ARG B 328 -21.57 -1.99 4.37
C ARG B 328 -23.06 -1.72 4.64
N GLY B 329 -23.65 -0.77 3.92
CA GLY B 329 -25.05 -0.42 4.04
C GLY B 329 -25.47 0.05 5.41
N LEU B 330 -24.63 0.87 6.07
CA LEU B 330 -24.95 1.32 7.42
C LEU B 330 -26.21 2.18 7.48
N ARG B 331 -26.37 3.09 6.51
CA ARG B 331 -27.52 3.97 6.48
C ARG B 331 -28.80 3.17 6.27
N GLN B 332 -28.75 2.22 5.35
CA GLN B 332 -29.86 1.35 4.98
C GLN B 332 -30.30 0.49 6.15
N ASN B 333 -29.34 -0.01 6.94
CA ASN B 333 -29.68 -0.84 8.10
C ASN B 333 -30.31 -0.03 9.22
N LYS B 334 -29.96 1.26 9.37
CA LYS B 334 -30.61 2.11 10.38
C LYS B 334 -32.01 2.48 9.89
N GLN B 335 -32.17 2.69 8.57
CA GLN B 335 -33.44 3.00 7.94
C GLN B 335 -34.40 1.82 8.14
N ALA B 336 -33.94 0.57 7.93
CA ALA B 336 -34.76 -0.62 8.13
C ALA B 336 -35.18 -0.81 9.60
N MET B 337 -34.28 -0.50 10.54
CA MET B 337 -34.53 -0.62 11.97
C MET B 337 -35.62 0.39 12.39
N GLN B 338 -35.51 1.64 11.94
CA GLN B 338 -36.49 2.65 12.33
C GLN B 338 -37.85 2.40 11.65
N ASP B 339 -37.85 1.90 10.39
CA ASP B 339 -39.10 1.60 9.70
C ASP B 339 -39.84 0.42 10.33
N ARG B 340 -39.09 -0.56 10.84
CA ARG B 340 -39.65 -1.72 11.51
C ARG B 340 -40.32 -1.27 12.84
N LEU B 341 -39.69 -0.33 13.57
CA LEU B 341 -40.28 0.19 14.78
C LEU B 341 -41.55 1.03 14.48
N ILE B 342 -41.51 1.85 13.42
CA ILE B 342 -42.62 2.69 13.00
C ILE B 342 -43.84 1.84 12.58
N ALA B 343 -43.62 0.72 11.87
CA ALA B 343 -44.68 -0.21 11.46
C ALA B 343 -45.29 -0.91 12.68
N TRP B 344 -44.44 -1.25 13.66
CA TRP B 344 -44.88 -1.89 14.91
C TRP B 344 -45.69 -0.93 15.79
N GLY B 345 -45.30 0.34 15.80
CA GLY B 345 -46.00 1.37 16.56
C GLY B 345 -47.35 1.70 15.95
N ALA B 346 -47.46 1.60 14.62
CA ALA B 346 -48.71 1.86 13.91
C ALA B 346 -49.72 0.74 14.24
N LYS B 347 -49.24 -0.52 14.26
CA LYS B 347 -50.03 -1.70 14.57
C LYS B 347 -50.52 -1.70 16.02
N GLN B 348 -49.71 -1.20 16.94
CA GLN B 348 -50.07 -1.16 18.36
C GLN B 348 -50.91 0.07 18.76
N GLY B 349 -51.06 1.05 17.87
CA GLY B 349 -51.80 2.27 18.14
C GLY B 349 -51.02 3.33 18.90
N THR B 350 -49.69 3.20 18.95
CA THR B 350 -48.83 4.16 19.66
C THR B 350 -47.95 4.94 18.68
N PRO B 351 -48.31 6.19 18.33
CA PRO B 351 -47.51 6.94 17.36
C PRO B 351 -46.27 7.65 17.90
N ARG B 352 -46.00 7.57 19.21
CA ARG B 352 -44.86 8.28 19.80
C ARG B 352 -43.46 7.86 19.26
N TYR B 353 -43.30 6.65 18.74
CA TYR B 353 -42.01 6.18 18.22
C TYR B 353 -41.70 6.81 16.86
N GLU B 354 -42.72 6.86 15.98
CA GLU B 354 -42.59 7.50 14.70
C GLU B 354 -42.38 9.02 14.90
N GLU B 355 -43.04 9.62 15.91
CA GLU B 355 -42.90 11.04 16.22
C GLU B 355 -41.46 11.33 16.70
N ALA B 356 -40.88 10.41 17.51
CA ALA B 356 -39.52 10.55 18.00
C ALA B 356 -38.50 10.47 16.84
N VAL B 357 -38.67 9.53 15.88
CA VAL B 357 -37.78 9.43 14.72
C VAL B 357 -37.90 10.70 13.86
N HIS B 358 -39.14 11.21 13.64
CA HIS B 358 -39.38 12.42 12.86
C HIS B 358 -38.67 13.63 13.51
N GLU B 359 -38.73 13.77 14.84
CA GLU B 359 -38.07 14.84 15.59
C GLU B 359 -36.57 14.82 15.39
N ILE B 360 -35.94 13.64 15.45
CA ILE B 360 -34.51 13.48 15.21
C ILE B 360 -34.18 13.94 13.77
N ASP B 361 -34.89 13.41 12.77
CA ASP B 361 -34.68 13.81 11.37
C ASP B 361 -34.83 15.32 11.16
N ALA B 362 -35.87 15.93 11.77
CA ALA B 362 -36.11 17.36 11.61
C ALA B 362 -35.02 18.18 12.30
N THR B 363 -34.53 17.73 13.47
CA THR B 363 -33.46 18.45 14.16
C THR B 363 -32.17 18.34 13.36
N VAL B 364 -31.86 17.17 12.83
CA VAL B 364 -30.68 16.97 12.00
C VAL B 364 -30.73 17.88 10.75
N ALA B 365 -31.89 17.88 10.06
CA ALA B 365 -32.08 18.70 8.85
C ALA B 365 -31.98 20.19 9.19
N LYS B 366 -32.55 20.60 10.32
CA LYS B 366 -32.52 21.99 10.74
C LYS B 366 -31.12 22.52 11.04
N ARG B 367 -30.29 21.73 11.75
CA ARG B 367 -28.94 22.17 12.12
C ARG B 367 -27.84 21.93 11.05
N ALA B 368 -28.19 21.41 9.84
CA ALA B 368 -27.19 21.08 8.82
C ALA B 368 -26.20 22.19 8.47
N ASP B 369 -26.69 23.40 8.13
CA ASP B 369 -25.83 24.51 7.74
C ASP B 369 -24.92 24.95 8.89
N LEU B 370 -25.48 25.08 10.10
CA LEU B 370 -24.68 25.45 11.28
C LEU B 370 -23.59 24.41 11.58
N ARG B 371 -23.94 23.11 11.53
CA ARG B 371 -23.00 22.03 11.81
C ARG B 371 -21.88 22.00 10.76
N ARG B 372 -22.22 22.26 9.50
CA ARG B 372 -21.25 22.35 8.43
C ARG B 372 -20.30 23.52 8.68
N ARG B 373 -20.84 24.68 9.06
CA ARG B 373 -20.02 25.86 9.39
C ARG B 373 -19.10 25.59 10.60
N TYR B 374 -19.60 24.86 11.60
CA TYR B 374 -18.82 24.52 12.79
C TYR B 374 -17.63 23.58 12.45
N TRP B 375 -17.90 22.51 11.70
CA TRP B 375 -16.85 21.59 11.29
C TRP B 375 -15.84 22.26 10.37
N MET B 376 -16.31 23.14 9.48
CA MET B 376 -15.41 23.87 8.58
C MET B 376 -14.42 24.75 9.35
N ILE B 377 -14.90 25.47 10.36
CA ILE B 377 -14.02 26.36 11.12
C ILE B 377 -13.13 25.55 12.08
N GLU B 378 -13.65 24.49 12.66
CA GLU B 378 -12.88 23.68 13.58
C GLU B 378 -11.76 22.95 12.85
N GLU B 379 -12.08 22.24 11.77
CA GLU B 379 -11.07 21.52 11.02
C GLU B 379 -10.17 22.43 10.20
N GLY B 380 -10.78 23.46 9.62
CA GLY B 380 -10.07 24.37 8.73
C GLY B 380 -9.17 25.37 9.41
N ILE B 381 -9.60 25.90 10.56
CA ILE B 381 -8.86 26.99 11.21
C ILE B 381 -8.43 26.67 12.65
N ILE B 382 -9.40 26.33 13.54
CA ILE B 382 -9.11 26.05 14.97
C ILE B 382 -8.00 24.99 15.12
N ARG B 383 -8.12 23.86 14.40
CA ARG B 383 -7.03 22.88 14.42
C ARG B 383 -6.14 22.98 13.17
N GLY B 384 -6.63 23.56 12.07
CA GLY B 384 -5.85 23.64 10.84
C GLY B 384 -4.74 24.67 10.76
N ILE B 385 -4.88 25.82 11.43
CA ILE B 385 -3.91 26.91 11.33
C ILE B 385 -3.31 27.22 12.71
N GLU B 386 -2.00 27.11 12.85
CA GLU B 386 -1.35 27.33 14.15
C GLU B 386 -1.52 28.74 14.70
N PHE B 387 -1.42 29.79 13.84
CA PHE B 387 -1.58 31.17 14.33
C PHE B 387 -3.02 31.49 14.76
N ALA B 388 -3.97 30.55 14.61
CA ALA B 388 -5.31 30.74 15.18
C ALA B 388 -5.18 30.64 16.73
N ARG B 389 -4.20 29.87 17.24
CA ARG B 389 -3.96 29.74 18.67
C ARG B 389 -2.79 30.63 19.14
N SER B 390 -2.60 31.78 18.46
CA SER B 390 -1.60 32.74 18.85
C SER B 390 -2.17 33.58 20.03
N PRO B 391 -1.34 34.35 20.76
CA PRO B 391 -1.85 35.04 21.96
C PRO B 391 -2.91 36.12 21.77
N ILE B 392 -3.91 36.09 22.64
CA ILE B 392 -4.94 37.13 22.65
C ILE B 392 -4.85 37.81 24.03
N PRO B 393 -4.57 39.11 24.04
CA PRO B 393 -4.47 39.82 25.32
C PRO B 393 -5.80 39.81 26.07
N THR B 394 -5.76 39.41 27.35
CA THR B 394 -6.94 39.37 28.22
C THR B 394 -7.43 40.80 28.59
N GLU B 395 -8.55 40.92 29.32
CA GLU B 395 -9.05 42.22 29.78
C GLU B 395 -8.09 42.74 30.88
N ASP B 396 -7.63 41.84 31.78
CA ASP B 396 -6.69 42.14 32.86
C ASP B 396 -5.33 42.58 32.32
N GLU B 397 -4.89 41.99 31.19
CA GLU B 397 -3.62 42.36 30.57
C GLU B 397 -3.71 43.69 29.86
N THR B 398 -4.86 43.98 29.24
CA THR B 398 -5.06 45.26 28.57
C THR B 398 -5.16 46.37 29.64
N LYS B 399 -5.84 46.09 30.76
CA LYS B 399 -5.95 47.04 31.87
C LYS B 399 -4.72 46.81 32.76
N ALA B 400 -3.56 47.15 32.21
CA ALA B 400 -2.20 47.07 32.75
C ALA B 400 -1.28 47.84 31.80
N LEU B 401 -1.47 47.66 30.48
CA LEU B 401 -0.72 48.40 29.46
C LEU B 401 -1.28 49.83 29.24
N GLN B 402 -2.53 50.10 29.72
CA GLN B 402 -3.22 51.39 29.64
C GLN B 402 -4.61 51.31 30.28
N ALA B 406 -0.18 52.24 39.35
CA ALA B 406 0.32 50.88 39.06
C ALA B 406 1.17 50.82 37.80
N SER B 407 2.19 49.96 37.82
CA SER B 407 3.05 49.75 36.66
C SER B 407 3.40 48.29 36.48
N ALA B 408 2.41 47.40 36.73
CA ALA B 408 2.60 45.97 36.50
C ALA B 408 2.52 45.66 34.98
N ARG B 409 2.81 46.68 34.13
CA ARG B 409 2.95 46.64 32.69
C ARG B 409 3.99 45.56 32.34
N LYS B 410 5.06 45.42 33.15
CA LYS B 410 6.11 44.44 32.95
C LYS B 410 5.64 43.00 33.25
N GLU B 411 4.74 42.85 34.23
CA GLU B 411 4.14 41.56 34.59
C GLU B 411 3.12 41.14 33.49
N ALA B 412 2.39 42.12 32.91
CA ALA B 412 1.45 41.86 31.83
C ALA B 412 2.23 41.45 30.58
N ILE B 413 3.35 42.14 30.29
CA ILE B 413 4.23 41.82 29.16
C ILE B 413 4.84 40.42 29.34
N ASP B 414 5.16 40.04 30.58
CA ASP B 414 5.73 38.72 30.84
C ASP B 414 4.74 37.59 30.64
N LYS B 415 3.45 37.85 30.88
CA LYS B 415 2.41 36.83 30.67
C LYS B 415 2.22 36.65 29.16
N ILE B 416 2.13 37.76 28.41
CA ILE B 416 1.99 37.74 26.97
C ILE B 416 3.23 37.13 26.30
N ARG B 417 4.43 37.40 26.84
CA ARG B 417 5.68 36.84 26.33
C ARG B 417 5.71 35.32 26.53
N THR B 418 5.26 34.84 27.70
CA THR B 418 5.22 33.41 28.01
C THR B 418 4.29 32.67 27.03
N ARG B 419 3.14 33.29 26.69
CA ARG B 419 2.19 32.71 25.73
C ARG B 419 2.74 32.79 24.31
N TYR B 420 3.46 33.86 23.96
CA TYR B 420 4.06 34.00 22.65
C TYR B 420 5.17 32.94 22.48
N SER B 421 5.96 32.72 23.52
CA SER B 421 7.05 31.73 23.51
C SER B 421 6.53 30.29 23.42
N LYS B 422 5.30 30.04 23.90
CA LYS B 422 4.71 28.71 23.82
C LYS B 422 4.14 28.51 22.40
N PHE B 423 3.51 29.56 21.82
CA PHE B 423 2.98 29.53 20.45
C PHE B 423 4.14 29.38 19.45
N ALA B 424 5.08 30.33 19.45
CA ALA B 424 6.21 30.29 18.57
C ALA B 424 7.35 29.55 19.27
N ASN B 425 7.17 28.26 19.48
CA ASN B 425 8.16 27.45 20.18
C ASN B 425 9.24 26.83 19.24
N LYS B 426 10.07 25.90 19.76
CA LYS B 426 11.12 25.22 19.00
C LYS B 426 10.59 24.42 17.80
N ASP B 427 9.31 24.00 17.84
CA ASP B 427 8.68 23.24 16.77
C ASP B 427 7.79 24.08 15.82
N TYR B 428 7.73 25.40 16.02
CA TYR B 428 6.89 26.26 15.21
C TYR B 428 7.68 26.92 14.09
N SER B 429 7.21 26.76 12.85
CA SER B 429 7.78 27.46 11.71
C SER B 429 6.71 28.40 11.16
N ALA B 430 6.96 29.72 11.20
CA ALA B 430 6.04 30.74 10.67
C ALA B 430 5.82 30.56 9.17
N GLU B 431 6.87 30.14 8.45
CA GLU B 431 6.83 29.91 7.00
C GLU B 431 5.96 28.71 6.68
N VAL B 432 6.12 27.62 7.45
CA VAL B 432 5.29 26.43 7.26
C VAL B 432 3.84 26.77 7.61
N ASP B 433 3.62 27.53 8.70
CA ASP B 433 2.27 27.96 9.08
C ASP B 433 1.60 28.88 8.06
N LYS B 434 2.35 29.80 7.43
CA LYS B 434 1.80 30.66 6.39
C LYS B 434 1.33 29.83 5.19
N LYS B 435 2.12 28.84 4.77
CA LYS B 435 1.77 28.00 3.65
C LYS B 435 0.57 27.13 3.97
N VAL B 436 0.51 26.59 5.21
CA VAL B 436 -0.65 25.79 5.61
C VAL B 436 -1.90 26.68 5.63
N ALA B 437 -1.81 27.87 6.24
CA ALA B 437 -2.90 28.84 6.31
C ALA B 437 -3.39 29.26 4.94
N VAL B 438 -2.48 29.50 3.97
CA VAL B 438 -2.92 29.92 2.64
C VAL B 438 -3.80 28.82 1.99
N ALA B 439 -3.37 27.56 2.06
CA ALA B 439 -4.16 26.46 1.48
C ALA B 439 -5.48 26.21 2.26
N MET B 440 -5.41 26.25 3.61
CA MET B 440 -6.61 26.02 4.43
C MET B 440 -7.63 27.16 4.25
N LEU B 441 -7.19 28.42 4.28
CA LEU B 441 -8.09 29.54 4.11
C LEU B 441 -8.69 29.60 2.70
N THR B 442 -7.95 29.22 1.66
CA THR B 442 -8.48 29.18 0.28
C THR B 442 -9.67 28.22 0.21
N GLU B 443 -9.54 27.04 0.83
CA GLU B 443 -10.64 26.08 0.89
C GLU B 443 -11.79 26.58 1.74
N TYR B 444 -11.48 27.15 2.92
CA TYR B 444 -12.50 27.66 3.83
C TYR B 444 -13.30 28.79 3.19
N LEU B 445 -12.63 29.72 2.49
CA LEU B 445 -13.25 30.86 1.82
C LEU B 445 -14.13 30.46 0.60
N LYS B 446 -13.83 29.33 -0.01
CA LYS B 446 -14.61 28.71 -1.10
C LYS B 446 -15.90 28.07 -0.50
N GLU B 447 -15.84 27.56 0.75
CA GLU B 447 -16.97 26.86 1.36
C GLU B 447 -17.87 27.70 2.22
N ILE B 448 -17.35 28.77 2.78
CA ILE B 448 -18.13 29.61 3.69
C ILE B 448 -18.40 30.96 3.03
N PRO B 449 -19.68 31.26 2.75
CA PRO B 449 -19.98 32.56 2.11
C PRO B 449 -19.59 33.75 2.97
N TYR B 450 -19.32 34.89 2.33
CA TYR B 450 -18.92 36.16 2.95
C TYR B 450 -19.73 36.50 4.23
N GLU B 451 -21.06 36.37 4.18
CA GLU B 451 -21.97 36.68 5.30
C GLU B 451 -21.79 35.74 6.49
N ASN B 452 -21.23 34.55 6.28
CA ASN B 452 -21.00 33.59 7.37
C ASN B 452 -19.51 33.52 7.83
N LEU B 453 -18.66 34.39 7.31
CA LEU B 453 -17.24 34.41 7.65
C LEU B 453 -17.00 35.04 8.98
N PRO B 454 -15.92 34.62 9.70
CA PRO B 454 -15.47 35.41 10.85
C PRO B 454 -15.05 36.79 10.31
N LEU B 455 -15.49 37.84 10.99
CA LEU B 455 -15.32 39.25 10.59
C LEU B 455 -13.95 39.59 9.96
N HIS B 456 -12.84 39.17 10.56
CA HIS B 456 -11.51 39.46 10.01
C HIS B 456 -11.26 38.87 8.63
N LEU B 457 -11.80 37.66 8.36
CA LEU B 457 -11.67 37.01 7.04
C LEU B 457 -12.40 37.74 5.91
N ARG B 458 -13.30 38.69 6.25
CA ARG B 458 -13.96 39.54 5.26
C ARG B 458 -12.94 40.45 4.54
N LEU B 459 -11.79 40.74 5.19
CA LEU B 459 -10.71 41.54 4.62
C LEU B 459 -10.06 40.88 3.41
N VAL B 460 -10.20 39.54 3.22
CA VAL B 460 -9.62 38.89 2.03
C VAL B 460 -10.27 39.48 0.77
N LYS B 461 -11.59 39.59 0.77
CA LYS B 461 -12.31 40.18 -0.34
C LYS B 461 -12.21 41.73 -0.35
N ASP B 462 -12.51 42.36 0.78
CA ASP B 462 -12.59 43.82 0.92
C ASP B 462 -11.27 44.61 0.85
N ARG B 463 -10.22 44.10 1.50
CA ARG B 463 -8.94 44.81 1.58
C ARG B 463 -7.87 44.22 0.65
N PHE B 464 -7.88 42.89 0.44
CA PHE B 464 -6.82 42.25 -0.33
C PHE B 464 -7.23 41.75 -1.70
N ALA B 465 -8.38 42.20 -2.23
CA ALA B 465 -8.86 41.81 -3.56
C ALA B 465 -8.85 40.29 -3.84
N GLY B 466 -9.15 39.50 -2.81
CA GLY B 466 -9.21 38.05 -2.90
C GLY B 466 -7.88 37.33 -2.79
N ASP B 467 -6.79 38.05 -2.58
CA ASP B 467 -5.45 37.46 -2.49
C ASP B 467 -5.23 36.95 -1.05
N VAL B 468 -5.37 35.63 -0.86
CA VAL B 468 -5.20 34.97 0.44
C VAL B 468 -3.75 35.06 0.89
N GLN B 469 -2.79 34.89 -0.06
CA GLN B 469 -1.37 34.97 0.23
C GLN B 469 -1.01 36.34 0.80
N ALA B 470 -1.52 37.43 0.17
CA ALA B 470 -1.31 38.80 0.64
C ALA B 470 -1.87 39.05 2.01
N TYR B 471 -3.05 38.50 2.30
CA TYR B 471 -3.72 38.67 3.60
C TYR B 471 -2.92 37.95 4.70
N VAL B 472 -2.40 36.75 4.42
CA VAL B 472 -1.62 35.99 5.40
C VAL B 472 -0.24 36.65 5.59
N ASP B 473 0.40 37.10 4.49
CA ASP B 473 1.70 37.79 4.55
C ASP B 473 1.59 39.05 5.41
N ASP B 474 0.49 39.80 5.28
CA ASP B 474 0.26 41.02 6.02
C ASP B 474 0.06 40.77 7.52
N ILE B 475 -0.59 39.63 7.88
CA ILE B 475 -0.79 39.24 9.28
C ILE B 475 0.57 39.10 9.97
N PHE B 476 1.52 38.41 9.34
CA PHE B 476 2.84 38.21 9.91
C PHE B 476 3.73 39.46 9.82
N ALA B 477 3.68 40.20 8.71
CA ALA B 477 4.52 41.38 8.52
C ALA B 477 4.21 42.50 9.49
N ARG B 478 2.93 42.64 9.89
CA ARG B 478 2.51 43.71 10.79
C ARG B 478 2.20 43.29 12.21
N SER B 479 2.09 41.99 12.50
CA SER B 479 1.75 41.56 13.86
C SER B 479 2.90 41.56 14.83
N VAL B 480 2.61 41.91 16.10
CA VAL B 480 3.58 41.84 17.19
C VAL B 480 3.96 40.37 17.47
N PHE B 481 3.16 39.36 17.02
CA PHE B 481 3.51 37.95 17.15
C PHE B 481 4.03 37.35 15.82
N GLY B 482 4.37 38.20 14.85
CA GLY B 482 4.85 37.75 13.54
C GLY B 482 6.30 37.26 13.55
N SER B 483 7.08 37.68 14.54
CA SER B 483 8.47 37.29 14.71
C SER B 483 8.98 37.75 16.09
N GLU B 484 10.14 37.23 16.51
CA GLU B 484 10.70 37.60 17.80
C GLU B 484 11.04 39.08 17.87
N ALA B 485 11.64 39.63 16.80
CA ALA B 485 12.01 41.04 16.76
C ALA B 485 10.79 41.96 16.84
N GLN B 486 9.66 41.51 16.24
CA GLN B 486 8.43 42.29 16.25
C GLN B 486 7.81 42.30 17.65
N PHE B 487 7.89 41.17 18.36
CA PHE B 487 7.38 41.09 19.73
C PHE B 487 8.21 41.96 20.65
N ASP B 488 9.54 41.90 20.54
CA ASP B 488 10.44 42.69 21.40
C ASP B 488 10.27 44.18 21.23
N ALA B 489 10.04 44.64 19.98
CA ALA B 489 9.80 46.06 19.72
C ALA B 489 8.49 46.50 20.42
N PHE B 490 7.47 45.64 20.38
CA PHE B 490 6.21 45.88 21.05
C PHE B 490 6.43 45.90 22.58
N ALA B 491 7.14 44.90 23.12
CA ALA B 491 7.40 44.76 24.54
C ALA B 491 8.14 45.95 25.14
N ALA B 492 8.99 46.61 24.34
CA ALA B 492 9.73 47.81 24.78
C ALA B 492 8.79 49.01 24.90
N VAL B 493 7.87 49.20 23.93
CA VAL B 493 6.89 50.30 23.93
C VAL B 493 5.48 49.73 23.71
N PRO B 494 4.88 49.08 24.73
CA PRO B 494 3.57 48.47 24.54
C PRO B 494 2.38 49.41 24.62
N SER B 495 1.58 49.49 23.55
CA SER B 495 0.38 50.33 23.57
C SER B 495 -0.86 49.50 23.23
N VAL B 496 -1.96 49.75 23.95
CA VAL B 496 -3.25 49.08 23.75
C VAL B 496 -3.75 49.28 22.32
N GLU B 497 -3.56 50.47 21.75
CA GLU B 497 -3.94 50.85 20.40
C GLU B 497 -3.31 49.90 19.38
N LYS B 498 -2.06 49.48 19.61
CA LYS B 498 -1.33 48.57 18.72
C LYS B 498 -1.92 47.17 18.80
N LEU B 499 -2.22 46.67 20.02
CA LEU B 499 -2.78 45.34 20.23
C LEU B 499 -4.20 45.22 19.68
N ALA B 500 -5.05 46.19 19.96
CA ALA B 500 -6.43 46.21 19.51
C ALA B 500 -6.57 46.21 17.98
N GLU B 501 -5.52 46.62 17.25
CA GLU B 501 -5.52 46.64 15.80
C GLU B 501 -4.55 45.62 15.16
N ASP B 502 -3.94 44.74 15.98
CA ASP B 502 -3.01 43.74 15.51
C ASP B 502 -3.71 42.72 14.60
N PRO B 503 -3.23 42.55 13.36
CA PRO B 503 -3.90 41.63 12.42
C PRO B 503 -3.97 40.17 12.90
N MET B 504 -2.94 39.68 13.62
CA MET B 504 -2.99 38.33 14.15
C MET B 504 -3.96 38.19 15.29
N VAL B 505 -3.99 39.20 16.19
CA VAL B 505 -4.90 39.18 17.33
C VAL B 505 -6.36 39.26 16.85
N LEU B 506 -6.62 40.12 15.86
CA LEU B 506 -7.95 40.27 15.27
C LEU B 506 -8.37 38.99 14.57
N PHE B 507 -7.44 38.30 13.85
CA PHE B 507 -7.75 37.03 13.20
C PHE B 507 -8.11 36.00 14.26
N ALA B 508 -7.23 35.82 15.29
CA ALA B 508 -7.42 34.81 16.32
C ALA B 508 -8.69 35.02 17.11
N SER B 509 -8.98 36.27 17.47
CA SER B 509 -10.18 36.63 18.22
C SER B 509 -11.42 36.40 17.36
N SER B 510 -11.37 36.84 16.11
CA SER B 510 -12.47 36.70 15.18
C SER B 510 -12.84 35.21 14.93
N VAL B 511 -11.84 34.35 14.71
CA VAL B 511 -12.12 32.95 14.42
C VAL B 511 -12.64 32.25 15.68
N PHE B 512 -12.11 32.60 16.87
CA PHE B 512 -12.61 32.00 18.11
C PHE B 512 -14.01 32.51 18.43
N ASP B 513 -14.31 33.78 18.12
CA ASP B 513 -15.65 34.34 18.30
C ASP B 513 -16.69 33.53 17.49
N GLU B 514 -16.42 33.30 16.18
CA GLU B 514 -17.30 32.55 15.29
C GLU B 514 -17.46 31.12 15.77
N TYR B 515 -16.36 30.51 16.20
CA TYR B 515 -16.31 29.14 16.68
C TYR B 515 -17.22 28.98 17.92
N ARG B 516 -17.15 29.94 18.86
CA ARG B 516 -17.98 29.94 20.08
C ARG B 516 -19.44 30.23 19.75
N LYS B 517 -19.69 31.17 18.85
CA LYS B 517 -21.04 31.52 18.43
C LYS B 517 -21.75 30.30 17.81
N LEU B 518 -21.04 29.55 16.94
CA LEU B 518 -21.60 28.37 16.28
C LEU B 518 -21.87 27.27 17.29
N TYR B 519 -20.95 27.08 18.24
CA TYR B 519 -21.11 26.09 19.30
C TYR B 519 -22.38 26.41 20.12
N ASN B 520 -22.57 27.70 20.48
CA ASN B 520 -23.71 28.15 21.27
C ASN B 520 -25.02 27.98 20.52
N GLU B 521 -24.99 28.24 19.21
CA GLU B 521 -26.19 28.09 18.40
C GLU B 521 -26.53 26.62 18.14
N LEU B 522 -25.54 25.73 18.14
CA LEU B 522 -25.76 24.31 17.89
C LEU B 522 -26.14 23.48 19.11
N ARG B 523 -25.62 23.86 20.29
CA ARG B 523 -25.86 23.15 21.56
C ARG B 523 -27.36 22.87 21.85
N PRO B 524 -28.29 23.84 21.69
CA PRO B 524 -29.71 23.54 21.92
C PRO B 524 -30.29 22.40 21.08
N TYR B 525 -29.72 22.08 19.91
CA TYR B 525 -30.24 21.00 19.07
C TYR B 525 -29.96 19.61 19.64
N ASP B 526 -28.96 19.45 20.52
CA ASP B 526 -28.65 18.14 21.11
C ASP B 526 -29.79 17.58 21.97
N ASP B 527 -30.47 18.46 22.73
CA ASP B 527 -31.54 18.07 23.65
C ASP B 527 -32.77 17.44 23.00
N PRO B 528 -33.44 18.01 21.97
CA PRO B 528 -34.59 17.29 21.37
C PRO B 528 -34.19 15.93 20.81
N ILE B 529 -32.95 15.79 20.30
CA ILE B 529 -32.48 14.51 19.80
C ILE B 529 -32.32 13.52 20.97
N LEU B 530 -31.70 13.96 22.07
CA LEU B 530 -31.54 13.08 23.24
C LEU B 530 -32.90 12.65 23.81
N ARG B 531 -33.85 13.58 23.96
CA ARG B 531 -35.18 13.24 24.47
C ARG B 531 -35.90 12.29 23.53
N ALA B 532 -35.77 12.51 22.20
CA ALA B 532 -36.42 11.64 21.23
C ALA B 532 -35.76 10.25 21.23
N GLN B 533 -34.43 10.18 21.48
CA GLN B 533 -33.73 8.89 21.58
C GLN B 533 -34.19 8.08 22.76
N ARG B 534 -34.61 8.72 23.86
CA ARG B 534 -35.11 8.00 25.03
C ARG B 534 -36.37 7.23 24.63
N THR B 535 -37.28 7.88 23.86
CA THR B 535 -38.50 7.25 23.35
C THR B 535 -38.18 6.23 22.28
N TYR B 536 -37.29 6.55 21.34
CA TYR B 536 -36.91 5.67 20.25
C TYR B 536 -36.30 4.34 20.77
N ILE B 537 -35.32 4.43 21.69
CA ILE B 537 -34.68 3.24 22.24
C ILE B 537 -35.65 2.45 23.11
N ALA B 538 -36.56 3.13 23.85
CA ALA B 538 -37.59 2.42 24.64
C ALA B 538 -38.48 1.57 23.72
N GLY B 539 -38.81 2.10 22.53
CA GLY B 539 -39.61 1.39 21.55
C GLY B 539 -38.89 0.17 21.02
N LEU B 540 -37.62 0.33 20.64
CA LEU B 540 -36.79 -0.76 20.13
C LEU B 540 -36.67 -1.88 21.16
N LEU B 541 -36.47 -1.52 22.44
CA LEU B 541 -36.37 -2.49 23.53
C LEU B 541 -37.72 -3.18 23.78
N GLU B 542 -38.84 -2.44 23.77
CA GLU B 542 -40.16 -3.02 23.97
C GLU B 542 -40.54 -3.95 22.81
N MET B 543 -40.13 -3.61 21.59
CA MET B 543 -40.40 -4.40 20.39
C MET B 543 -39.56 -5.67 20.27
N ASP B 544 -38.22 -5.57 20.33
CA ASP B 544 -37.36 -6.74 20.13
C ASP B 544 -36.60 -7.23 21.40
N GLY B 545 -36.81 -6.58 22.53
CA GLY B 545 -36.17 -6.95 23.78
C GLY B 545 -34.69 -6.61 23.93
N ASP B 546 -34.22 -6.61 25.20
CA ASP B 546 -32.82 -6.34 25.58
C ASP B 546 -32.08 -7.67 25.64
N GLN B 547 -32.05 -8.36 24.50
CA GLN B 547 -31.38 -9.64 24.39
C GLN B 547 -30.34 -9.57 23.29
N ASP B 548 -30.73 -9.10 22.08
CA ASP B 548 -29.77 -8.98 20.98
C ASP B 548 -29.45 -7.51 20.62
N GLN B 549 -29.73 -6.55 21.53
CA GLN B 549 -29.42 -5.13 21.35
C GLN B 549 -28.87 -4.56 22.66
N PHE B 550 -27.56 -4.34 22.70
CA PHE B 550 -26.79 -3.87 23.84
C PHE B 550 -26.89 -2.34 23.96
N PRO B 551 -26.71 -1.79 25.17
CA PRO B 551 -26.74 -0.33 25.29
C PRO B 551 -25.45 0.25 24.72
N ASP B 552 -25.52 1.47 24.19
CA ASP B 552 -24.32 2.15 23.69
C ASP B 552 -23.22 2.19 24.76
N ALA B 553 -21.95 2.10 24.34
CA ALA B 553 -20.82 2.21 25.26
C ALA B 553 -20.85 3.60 25.92
N ASN B 554 -20.46 3.68 27.19
CA ASN B 554 -20.50 4.94 27.94
C ASN B 554 -19.43 4.94 29.05
N LEU B 555 -18.28 4.37 28.75
CA LEU B 555 -17.10 4.22 29.62
C LEU B 555 -17.36 3.33 30.85
N THR B 556 -18.29 2.39 30.74
CA THR B 556 -18.56 1.45 31.83
C THR B 556 -18.16 0.04 31.42
N LEU B 557 -17.98 -0.84 32.45
CA LEU B 557 -17.57 -2.22 32.30
C LEU B 557 -18.52 -3.04 31.44
N ARG B 558 -17.99 -3.64 30.39
CA ARG B 558 -18.75 -4.48 29.45
C ARG B 558 -17.95 -5.74 29.12
N PHE B 559 -18.68 -6.77 28.69
CA PHE B 559 -18.04 -7.95 28.18
C PHE B 559 -18.44 -8.12 26.73
N THR B 560 -17.57 -8.77 25.99
CA THR B 560 -17.83 -9.11 24.60
C THR B 560 -17.18 -10.48 24.37
N TYR B 561 -17.72 -11.23 23.45
CA TYR B 561 -17.21 -12.56 23.14
C TYR B 561 -17.25 -12.80 21.65
N GLY B 562 -16.39 -13.68 21.20
CA GLY B 562 -16.32 -14.05 19.79
C GLY B 562 -15.35 -15.18 19.58
N GLN B 563 -14.71 -15.20 18.42
CA GLN B 563 -13.75 -16.23 18.09
C GLN B 563 -12.48 -15.62 17.52
N VAL B 564 -11.36 -16.36 17.61
CA VAL B 564 -10.08 -16.02 17.04
C VAL B 564 -10.25 -16.36 15.56
N LYS B 565 -10.32 -15.35 14.70
CA LYS B 565 -10.65 -15.56 13.29
C LYS B 565 -10.14 -14.42 12.46
N GLY B 566 -9.53 -14.73 11.33
CA GLY B 566 -9.13 -13.71 10.38
C GLY B 566 -10.30 -13.31 9.48
N TYR B 567 -10.00 -12.70 8.32
CA TYR B 567 -11.04 -12.24 7.41
C TYR B 567 -10.46 -11.91 6.04
N SER B 568 -11.33 -11.75 5.04
CA SER B 568 -10.92 -11.34 3.70
C SER B 568 -11.19 -9.84 3.53
N PRO B 569 -10.13 -8.99 3.48
CA PRO B 569 -10.35 -7.54 3.35
C PRO B 569 -10.84 -7.09 1.98
N ARG B 570 -10.49 -7.85 0.93
CA ARG B 570 -10.82 -7.56 -0.45
C ARG B 570 -10.70 -8.85 -1.27
N ASP B 571 -11.19 -8.81 -2.52
CA ASP B 571 -11.23 -9.94 -3.44
C ASP B 571 -9.89 -10.67 -3.51
N ASN B 572 -9.90 -11.99 -3.21
CA ASN B 572 -8.73 -12.88 -3.33
C ASN B 572 -7.60 -12.63 -2.31
N VAL B 573 -7.88 -11.92 -1.24
CA VAL B 573 -6.90 -11.66 -0.21
C VAL B 573 -7.47 -12.16 1.14
N TYR B 574 -6.72 -12.97 1.87
CA TYR B 574 -7.13 -13.40 3.20
C TYR B 574 -6.08 -13.03 4.24
N TYR B 575 -6.52 -12.45 5.36
CA TYR B 575 -5.64 -12.16 6.45
C TYR B 575 -5.99 -13.22 7.50
N GLY B 576 -5.02 -14.01 7.91
CA GLY B 576 -5.24 -15.03 8.93
C GLY B 576 -5.47 -14.45 10.32
N HIS B 577 -5.63 -15.34 11.29
CA HIS B 577 -5.93 -14.97 12.65
C HIS B 577 -4.70 -14.69 13.51
N GLN B 578 -3.48 -15.06 13.07
CA GLN B 578 -2.30 -14.91 13.93
C GLN B 578 -1.05 -14.38 13.18
N THR B 579 -0.32 -13.44 13.79
CA THR B 579 0.96 -13.00 13.22
C THR B 579 2.09 -13.62 14.02
N THR B 580 3.27 -13.71 13.41
CA THR B 580 4.46 -14.30 14.03
C THR B 580 5.66 -13.34 14.04
N LEU B 581 6.72 -13.71 14.80
CA LEU B 581 7.96 -12.93 14.92
C LEU B 581 8.69 -12.80 13.56
N ASP B 582 8.43 -13.73 12.64
CA ASP B 582 8.90 -13.70 11.27
C ASP B 582 8.38 -12.44 10.54
N GLY B 583 7.16 -12.00 10.86
CA GLY B 583 6.56 -10.81 10.29
C GLY B 583 7.18 -9.51 10.75
N VAL B 584 7.71 -9.49 12.00
CA VAL B 584 8.45 -8.36 12.55
C VAL B 584 9.76 -8.23 11.73
N MET B 585 10.45 -9.36 11.51
CA MET B 585 11.70 -9.37 10.77
C MET B 585 11.53 -8.97 9.31
N GLU B 586 10.40 -9.33 8.69
CA GLU B 586 10.08 -8.94 7.32
C GLU B 586 9.91 -7.42 7.19
N LYS B 587 9.39 -6.77 8.23
CA LYS B 587 9.13 -5.33 8.27
C LYS B 587 10.33 -4.49 8.71
N GLU B 588 11.40 -5.12 9.20
CA GLU B 588 12.58 -4.39 9.67
C GLU B 588 13.18 -3.47 8.60
N ASP B 589 13.40 -2.21 8.99
CA ASP B 589 14.02 -1.20 8.13
C ASP B 589 14.97 -0.42 9.03
N PRO B 590 16.28 -0.74 8.97
CA PRO B 590 17.24 -0.07 9.87
C PRO B 590 17.28 1.44 9.77
N ASP B 591 17.11 2.00 8.56
CA ASP B 591 17.13 3.46 8.36
C ASP B 591 15.76 4.10 8.42
N ASN B 592 14.81 3.47 9.11
CA ASN B 592 13.47 4.00 9.34
C ASN B 592 13.17 3.75 10.82
N TRP B 593 13.24 4.82 11.62
CA TRP B 593 13.03 4.80 13.07
C TRP B 593 11.73 4.10 13.50
N GLU B 594 10.71 4.11 12.64
CA GLU B 594 9.43 3.47 12.95
C GLU B 594 9.55 1.95 12.93
N PHE B 595 10.37 1.40 12.00
CA PHE B 595 10.48 -0.05 11.86
C PHE B 595 11.85 -0.62 12.25
N VAL B 596 12.50 -0.03 13.26
CA VAL B 596 13.74 -0.61 13.77
C VAL B 596 13.38 -1.81 14.67
N VAL B 597 14.24 -2.82 14.67
CA VAL B 597 14.03 -4.02 15.44
C VAL B 597 15.13 -4.09 16.51
N ASP B 598 14.70 -4.22 17.77
CA ASP B 598 15.57 -4.34 18.93
C ASP B 598 16.56 -5.48 18.74
N PRO B 599 17.87 -5.20 18.86
CA PRO B 599 18.87 -6.25 18.62
C PRO B 599 18.69 -7.48 19.49
N LYS B 600 18.20 -7.32 20.74
CA LYS B 600 17.99 -8.48 21.60
C LYS B 600 16.87 -9.36 21.06
N LEU B 601 15.80 -8.76 20.53
CA LEU B 601 14.69 -9.49 19.92
C LEU B 601 15.13 -10.15 18.61
N LYS B 602 15.94 -9.46 17.80
CA LYS B 602 16.44 -10.01 16.54
C LYS B 602 17.30 -11.28 16.80
N ALA B 603 18.14 -11.23 17.84
CA ALA B 603 18.99 -12.34 18.27
C ALA B 603 18.15 -13.54 18.74
N VAL B 604 17.07 -13.28 19.48
CA VAL B 604 16.16 -14.32 19.97
C VAL B 604 15.53 -15.08 18.78
N TYR B 605 15.10 -14.34 17.76
CA TYR B 605 14.51 -14.88 16.56
C TYR B 605 15.53 -15.73 15.78
N GLU B 606 16.75 -15.21 15.56
CA GLU B 606 17.80 -15.92 14.80
C GLU B 606 18.18 -17.22 15.48
N ARG B 607 18.29 -17.19 16.80
CA ARG B 607 18.66 -18.37 17.56
C ARG B 607 17.46 -19.23 17.98
N LYS B 608 16.22 -18.84 17.63
CA LYS B 608 14.98 -19.56 17.95
C LYS B 608 14.87 -19.82 19.44
N ASP B 609 15.33 -18.85 20.27
CA ASP B 609 15.31 -18.97 21.72
C ASP B 609 13.93 -18.58 22.22
N PHE B 610 12.92 -19.38 21.85
CA PHE B 610 11.53 -19.10 22.18
C PHE B 610 11.02 -19.81 23.44
N GLY B 611 11.78 -20.76 23.96
CA GLY B 611 11.40 -21.52 25.17
C GLY B 611 10.03 -22.16 25.07
N ARG B 612 9.23 -21.99 26.12
CA ARG B 612 7.88 -22.53 26.18
C ARG B 612 6.83 -21.57 25.57
N TYR B 613 7.25 -20.51 24.87
CA TYR B 613 6.34 -19.50 24.31
C TYR B 613 5.99 -19.71 22.85
N ALA B 614 6.79 -20.52 22.12
CA ALA B 614 6.52 -20.78 20.71
C ALA B 614 5.34 -21.74 20.52
N ASP B 615 4.65 -21.68 19.36
CA ASP B 615 3.54 -22.60 19.11
C ASP B 615 4.08 -24.00 18.70
N ARG B 616 3.16 -24.99 18.55
CA ARG B 616 3.48 -26.38 18.19
C ARG B 616 4.43 -26.52 17.00
N SER B 617 4.33 -25.64 16.00
CA SER B 617 5.21 -25.72 14.83
C SER B 617 6.62 -25.09 15.01
N GLY B 618 6.90 -24.54 16.19
CA GLY B 618 8.18 -23.88 16.45
C GLY B 618 8.21 -22.41 16.06
N ARG B 619 7.10 -21.87 15.55
CA ARG B 619 7.03 -20.46 15.18
C ARG B 619 6.60 -19.61 16.37
N MET B 620 7.17 -18.41 16.50
CA MET B 620 6.89 -17.54 17.62
C MET B 620 5.71 -16.61 17.37
N PRO B 621 4.58 -16.78 18.07
CA PRO B 621 3.41 -15.91 17.83
C PRO B 621 3.64 -14.48 18.35
N VAL B 622 3.01 -13.49 17.72
CA VAL B 622 3.14 -12.09 18.15
C VAL B 622 1.76 -11.54 18.54
N ALA B 623 0.81 -11.60 17.62
CA ALA B 623 -0.51 -11.03 17.85
C ALA B 623 -1.56 -11.92 17.21
N PHE B 624 -2.82 -11.77 17.64
CA PHE B 624 -3.92 -12.46 16.99
C PHE B 624 -5.12 -11.52 16.86
N CYS B 625 -6.13 -11.89 16.09
CA CYS B 625 -7.33 -11.06 15.97
C CYS B 625 -8.59 -11.87 16.27
N ALA B 626 -9.64 -11.18 16.70
CA ALA B 626 -10.88 -11.84 17.12
C ALA B 626 -12.14 -11.06 16.71
N THR B 627 -13.27 -11.77 16.62
CA THR B 627 -14.57 -11.19 16.26
C THR B 627 -15.28 -10.53 17.45
N THR B 628 -14.57 -10.25 18.53
CA THR B 628 -15.09 -9.52 19.67
C THR B 628 -15.41 -8.08 19.23
N HIS B 629 -16.36 -7.46 19.92
CA HIS B 629 -16.77 -6.12 19.61
C HIS B 629 -16.13 -5.11 20.55
N THR B 630 -15.08 -4.43 20.07
CA THR B 630 -14.35 -3.49 20.90
C THR B 630 -14.26 -2.10 20.24
N THR B 631 -13.90 -1.09 21.03
CA THR B 631 -13.71 0.28 20.58
C THR B 631 -12.72 0.99 21.52
N GLY B 632 -12.42 2.29 21.29
CA GLY B 632 -11.61 3.08 22.20
C GLY B 632 -12.12 2.99 23.63
N GLY B 633 -11.22 2.78 24.56
CA GLY B 633 -11.59 2.48 25.94
C GLY B 633 -11.22 1.03 26.25
N ASN B 634 -11.18 0.15 25.22
CA ASN B 634 -10.80 -1.25 25.34
C ASN B 634 -9.30 -1.48 25.23
N SER B 635 -8.48 -0.42 25.11
CA SER B 635 -7.03 -0.53 25.12
C SER B 635 -6.59 -1.20 26.44
N GLY B 636 -5.87 -2.30 26.33
CA GLY B 636 -5.31 -3.05 27.46
C GLY B 636 -6.24 -4.10 28.06
N SER B 637 -7.40 -4.32 27.45
CA SER B 637 -8.40 -5.25 27.96
C SER B 637 -7.88 -6.66 27.96
N PRO B 638 -8.21 -7.42 29.02
CA PRO B 638 -7.78 -8.83 29.05
C PRO B 638 -8.58 -9.64 28.03
N VAL B 639 -7.89 -10.52 27.31
CA VAL B 639 -8.52 -11.43 26.37
C VAL B 639 -8.43 -12.81 27.00
N MET B 640 -9.57 -13.45 27.19
CA MET B 640 -9.67 -14.74 27.85
C MET B 640 -10.03 -15.85 26.92
N ASN B 641 -9.53 -17.04 27.28
CA ASN B 641 -9.80 -18.40 26.84
C ASN B 641 -11.25 -18.78 27.18
N ALA B 642 -11.68 -19.98 26.71
CA ALA B 642 -12.93 -20.62 27.12
C ALA B 642 -12.92 -20.87 28.64
N ASN B 643 -11.74 -21.03 29.26
CA ASN B 643 -11.56 -21.26 30.69
C ASN B 643 -11.27 -19.99 31.51
N GLY B 644 -11.32 -18.82 30.88
CA GLY B 644 -11.06 -17.56 31.57
C GLY B 644 -9.60 -17.24 31.81
N GLU B 645 -8.69 -17.99 31.19
CA GLU B 645 -7.26 -17.73 31.34
C GLU B 645 -6.84 -16.65 30.36
N LEU B 646 -5.87 -15.84 30.74
CA LEU B 646 -5.38 -14.77 29.89
C LEU B 646 -4.60 -15.30 28.68
N ILE B 647 -5.07 -14.96 27.47
CA ILE B 647 -4.39 -15.33 26.21
C ILE B 647 -3.81 -14.12 25.46
N GLY B 648 -4.19 -12.91 25.85
CA GLY B 648 -3.69 -11.72 25.20
C GLY B 648 -4.22 -10.44 25.79
N LEU B 649 -3.80 -9.33 25.21
CA LEU B 649 -4.27 -8.00 25.61
C LEU B 649 -4.75 -7.33 24.36
N ASN B 650 -5.97 -6.80 24.39
CA ASN B 650 -6.48 -6.04 23.26
C ASN B 650 -5.71 -4.71 23.16
N PHE B 651 -5.34 -4.25 21.95
CA PHE B 651 -4.65 -2.96 21.79
C PHE B 651 -5.13 -2.14 20.65
N ASP B 652 -5.87 -2.73 19.70
CA ASP B 652 -6.37 -1.97 18.56
C ASP B 652 -7.58 -2.66 17.92
N ARG B 653 -8.06 -2.11 16.84
CA ARG B 653 -9.13 -2.60 16.01
C ARG B 653 -8.72 -2.21 14.55
N ASN B 654 -9.05 -3.02 13.54
CA ASN B 654 -8.67 -2.70 12.15
C ASN B 654 -9.51 -1.53 11.61
N TRP B 655 -9.01 -0.78 10.63
CA TRP B 655 -9.73 0.37 10.05
C TRP B 655 -11.04 -0.07 9.43
N GLU B 656 -11.10 -1.30 8.90
CA GLU B 656 -12.34 -1.83 8.34
C GLU B 656 -13.44 -1.96 9.38
N GLY B 657 -13.08 -2.03 10.66
CA GLY B 657 -14.05 -2.11 11.73
C GLY B 657 -14.35 -0.82 12.45
N VAL B 658 -13.85 0.39 11.98
CA VAL B 658 -14.20 1.63 12.72
C VAL B 658 -15.73 1.88 12.63
N GLY B 659 -16.37 1.49 11.53
CA GLY B 659 -17.81 1.59 11.36
C GLY B 659 -18.60 0.78 12.39
N GLY B 660 -17.92 -0.14 13.06
CA GLY B 660 -18.46 -0.97 14.11
C GLY B 660 -19.05 -0.20 15.27
N ASP B 661 -18.64 1.06 15.46
CA ASP B 661 -19.25 1.89 16.52
C ASP B 661 -20.73 2.22 16.17
N ILE B 662 -21.13 2.11 14.90
CA ILE B 662 -22.51 2.34 14.48
C ILE B 662 -23.18 0.97 14.19
N GLN B 663 -22.47 0.09 13.51
CA GLN B 663 -23.01 -1.24 13.16
C GLN B 663 -21.86 -2.24 13.14
N TYR B 664 -21.90 -3.25 14.01
CA TYR B 664 -20.87 -4.29 14.09
C TYR B 664 -20.72 -4.98 12.74
N LEU B 665 -19.48 -5.18 12.28
CA LEU B 665 -19.25 -5.75 10.95
C LEU B 665 -18.66 -7.13 11.07
N ALA B 666 -19.50 -8.18 11.11
CA ALA B 666 -19.05 -9.55 11.32
C ALA B 666 -17.94 -10.02 10.37
N ASP B 667 -18.02 -9.64 9.11
CA ASP B 667 -17.05 -10.12 8.12
C ASP B 667 -15.79 -9.30 8.00
N TYR B 668 -15.68 -8.17 8.73
CA TYR B 668 -14.51 -7.30 8.61
C TYR B 668 -13.93 -6.85 9.92
N GLN B 669 -14.77 -6.52 10.89
CA GLN B 669 -14.31 -5.97 12.17
C GLN B 669 -13.58 -6.95 13.05
N ARG B 670 -12.37 -6.59 13.49
CA ARG B 670 -11.59 -7.46 14.37
C ARG B 670 -10.86 -6.68 15.46
N SER B 671 -10.83 -7.25 16.67
CA SER B 671 -10.04 -6.77 17.78
C SER B 671 -8.60 -7.24 17.51
N ILE B 672 -7.61 -6.36 17.67
CA ILE B 672 -6.20 -6.66 17.41
C ILE B 672 -5.58 -6.83 18.75
N ILE B 673 -5.06 -8.05 19.03
CA ILE B 673 -4.62 -8.46 20.36
C ILE B 673 -3.18 -8.92 20.42
N VAL B 674 -2.38 -8.48 21.39
CA VAL B 674 -0.99 -8.95 21.51
C VAL B 674 -1.07 -10.31 22.19
N ASP B 675 -0.42 -11.33 21.63
CA ASP B 675 -0.42 -12.67 22.20
C ASP B 675 0.31 -12.64 23.54
N ILE B 676 -0.25 -13.28 24.59
CA ILE B 676 0.37 -13.28 25.90
C ILE B 676 1.69 -14.04 25.89
N ARG B 677 1.86 -15.01 24.96
CA ARG B 677 3.10 -15.75 24.83
C ARG B 677 4.24 -14.81 24.39
N TYR B 678 3.93 -13.84 23.51
CA TYR B 678 4.86 -12.83 23.03
C TYR B 678 5.18 -11.83 24.16
N VAL B 679 4.18 -11.49 25.01
CA VAL B 679 4.38 -10.64 26.18
C VAL B 679 5.40 -11.33 27.10
N LEU B 680 5.22 -12.63 27.37
CA LEU B 680 6.12 -13.36 28.27
C LEU B 680 7.49 -13.53 27.67
N LEU B 681 7.56 -13.74 26.34
CA LEU B 681 8.84 -13.84 25.64
C LEU B 681 9.64 -12.54 25.83
N VAL B 682 9.01 -11.36 25.66
CA VAL B 682 9.70 -10.08 25.80
C VAL B 682 10.16 -9.83 27.23
N ILE B 683 9.30 -10.10 28.23
CA ILE B 683 9.69 -9.96 29.65
C ILE B 683 10.93 -10.82 29.96
N ASP B 684 10.90 -12.08 29.50
CA ASP B 684 11.94 -13.08 29.73
C ASP B 684 13.24 -12.85 28.91
N LYS B 685 13.16 -12.92 27.58
CA LYS B 685 14.34 -12.83 26.72
C LYS B 685 14.81 -11.43 26.40
N VAL B 686 13.95 -10.41 26.57
CA VAL B 686 14.38 -9.05 26.29
C VAL B 686 14.67 -8.31 27.60
N GLY B 687 13.72 -8.33 28.51
CA GLY B 687 13.88 -7.65 29.79
C GLY B 687 14.69 -8.39 30.82
N GLY B 688 14.73 -9.71 30.71
CA GLY B 688 15.42 -10.57 31.67
C GLY B 688 14.84 -10.44 33.07
N CYS B 689 13.54 -10.09 33.16
CA CYS B 689 12.87 -9.86 34.44
C CYS B 689 12.09 -11.08 34.92
N GLN B 690 12.85 -12.16 35.22
CA GLN B 690 12.34 -13.47 35.66
C GLN B 690 11.40 -13.40 36.87
N ARG B 691 11.64 -12.47 37.80
CA ARG B 691 10.80 -12.35 39.00
C ARG B 691 9.33 -12.07 38.64
N LEU B 692 9.08 -11.38 37.49
CA LEU B 692 7.72 -11.10 37.05
C LEU B 692 7.02 -12.37 36.56
N LEU B 693 7.76 -13.22 35.86
CA LEU B 693 7.28 -14.51 35.38
C LEU B 693 6.95 -15.40 36.57
N ASP B 694 7.86 -15.46 37.58
CA ASP B 694 7.74 -16.26 38.79
C ASP B 694 6.52 -15.90 39.65
N GLU B 695 6.13 -14.61 39.68
CA GLU B 695 4.98 -14.21 40.50
C GLU B 695 3.63 -14.46 39.81
N MET B 696 3.63 -14.71 38.49
CA MET B 696 2.42 -15.01 37.75
C MET B 696 2.08 -16.51 37.92
N ASN B 697 0.78 -16.86 37.78
CA ASN B 697 0.37 -18.24 37.81
C ASN B 697 0.21 -18.65 36.35
N ILE B 698 1.23 -19.32 35.81
CA ILE B 698 1.28 -19.74 34.41
C ILE B 698 0.79 -21.18 34.23
N VAL B 699 -0.25 -21.38 33.41
CA VAL B 699 -0.80 -22.71 33.15
C VAL B 699 -0.26 -23.24 31.81
N PRO B 700 0.28 -24.48 31.83
CA PRO B 700 0.86 -25.08 30.61
C PRO B 700 -0.13 -25.30 29.47
N1 LDV C . 4.04 -4.37 -20.08
C4 LDV C . 4.33 -5.71 -19.57
C5 LDV C . 3.45 -3.54 -19.04
C6 LDV C . 2.12 -4.12 -18.61
C7 LDV C . 5.22 -3.74 -20.69
C8 LDV C . 4.72 -3.33 -22.03
C10 LDV C . 4.02 -3.49 -24.21
C13 LDV C . 4.92 -6.03 -24.70
C15 LDV C . 3.82 -4.03 -25.47
C1 LDV C . 0.84 -6.18 -17.90
C11 LDV C . 4.67 -4.20 -23.18
C12 LDV C . 5.12 -5.49 -23.43
C14 LDV C . 4.26 -5.31 -25.69
C2 LDV C . 2.22 -5.57 -18.15
C3 LDV C . 3.04 -6.40 -19.13
C9 LDV C . 4.07 -2.19 -22.39
N2 LDV C . 3.67 -2.26 -23.70
CL CL D . 39.70 -30.15 -19.25
CL CL E . 10.35 -19.76 -3.38
N1 LDV F . -4.16 4.78 20.18
C4 LDV F . -3.47 4.85 18.90
C5 LDV F . -5.21 3.74 20.18
C6 LDV F . -4.76 2.44 19.52
C7 LDV F . -4.70 6.08 20.57
C8 LDV F . -3.95 6.43 21.82
C10 LDV F . -3.31 6.51 24.01
C13 LDV F . -5.52 5.27 25.07
C15 LDV F . -3.36 6.32 25.40
C1 LDV F . -2.81 1.04 18.72
C11 LDV F . -4.34 6.08 23.15
C12 LDV F . -5.46 5.45 23.71
C14 LDV F . -4.48 5.70 25.90
C2 LDV F . -3.25 2.35 19.36
C3 LDV F . -2.71 3.56 18.59
C9 LDV F . -2.71 7.01 21.91
N2 LDV F . -2.33 7.08 23.22
CL CL G . -9.11 -6.25 45.11
#